data_9FG2
#
_entry.id   9FG2
#
_cell.length_a   1.00
_cell.length_b   1.00
_cell.length_c   1.00
_cell.angle_alpha   90.00
_cell.angle_beta   90.00
_cell.angle_gamma   90.00
#
_symmetry.space_group_name_H-M   'P 1'
#
loop_
_entity.id
_entity.type
_entity.pdbx_description
1 polymer 'Gamma-aminobutyric acid receptor subunit alpha-1'
2 polymer 'Gamma-aminobutyric acid receptor subunit beta-3'
3 polymer 'Isoform 1 of Gamma-aminobutyric acid receptor subunit gamma-2'
4 polymer Nanobody38
5 branched alpha-D-mannopyranose-(1-2)-alpha-D-mannopyranose-(1-2)-alpha-D-mannopyranose-(1-3)-[alpha-D-mannopyranose-(1-2)-alpha-D-mannopyranose-(1-6)-[alpha-D-mannopyranose-(1-3)]alpha-D-mannopyranose-(1-6)]beta-D-mannopyranose-(1-4)-2-acetamido-2-deoxy-beta-D-glucopyranose-(1-4)-2-acetamido-2-deoxy-beta-D-glucopyranose
6 branched beta-D-mannopyranose-(1-4)-2-acetamido-2-deoxy-beta-D-glucopyranose-(1-4)-2-acetamido-2-deoxy-beta-D-glucopyranose
7 branched alpha-D-mannopyranose-(1-3)-alpha-D-mannopyranose-(1-6)-[alpha-D-mannopyranose-(1-3)]beta-D-mannopyranose-(1-4)-2-acetamido-2-deoxy-beta-D-glucopyranose-(1-4)-2-acetamido-2-deoxy-beta-D-glucopyranose
8 branched 2-acetamido-2-deoxy-beta-D-glucopyranose-(1-4)-2-acetamido-2-deoxy-beta-D-glucopyranose
9 branched alpha-D-mannopyranose-(1-3)-[alpha-D-mannopyranose-(1-6)]beta-D-mannopyranose-(1-4)-2-acetamido-2-deoxy-beta-D-glucopyranose-(1-4)-2-acetamido-2-deoxy-beta-D-glucopyranose
10 non-polymer '(19S,22R,25R)-22,25,26-trihydroxy-16,22-dioxo-17,21,23-trioxa-22lambda~5~-phosphahexacosan-19-yl (9E)-octadec-9-enoate'
11 non-polymer 'CHLORIDE ION'
12 non-polymer 'GAMMA-AMINO-BUTANOIC ACID'
13 non-polymer DECANE
#
loop_
_entity_poly.entity_id
_entity_poly.type
_entity_poly.pdbx_seq_one_letter_code
_entity_poly.pdbx_strand_id
1 'polypeptide(L)'
;MDEKTTGWRGGHVVEGLAGELEQLRARLEHHPQGQREPDYDIPTTENLYFQGTGQPSQDELKDNTTVFTRILDRLLDGYD
NRLRPGLGERVTEVKTDIFVTSFGPVSDHDMEYTIDVFFRQSWKDERLKFKGPMTVLRLNNLMASKIWTPDTFFHNGKKS
VAHNMTMPNKLLRITEDGTLLYTMRLTVRAECPMHLEDFPMDAHACPLKFGSYAYTRAEVVYEWTREPARSVVVAEDGSR
LNQYDLLGQTVDSGIVQSSTGEYVVMTTHFHLKRKIGYFVIQTYLPCIMTVILSQVSFWLNRESVPARTVFGVTTVLTMT
TLSISARNSLPKVAYATAMDWFIAVCYAFVFSALIEFATVNYFTKSQPARAAKIDRLSRIAFPLLFGIFNLVYWATYLNR
EPQLKAPTPHQ
;
A,D
2 'polypeptide(L)'
;MDEKTTGWRGGHVVEGLAGELEQLRARLEHHPQGQREPDYDIPTTENLYFQGTGQSVNDPGNMSFVKETVDKLLKGYDIR
LRPDFGGPPVCVGMNIDIASIDMVSEVNMDYTLTMYFQQYWRDKRLAYSGIPLNLTLDNRVADQLWVPDTYFLNDKKSFV
HGVTVKNRMIRLHPDGTVLYGLRITTTAACMMDLRRYPLDEQNCTLEIESYGYTTDDIEFYWRGGDKAVTGVERIELPQF
SIVEHRLVSRNVVFATGAYPRLSLSFRLKRNIGYFILQTYMPSILITILSWVSFWINYDASAARVALGITTVLTMTTINT
HLRETLPKIPYVKAIDMYLMGCFVFVFLALLEYAFVNYIFFSQPARAAAIDRWSRIVFPFTFSLFNLVYWLYYVN
;
B,E
3 'polypeptide(L)'
;TGQKSDDDYEDYTSNKTWVLTPKVPEGDVTVILNNLLEGYDNKLRPDIGVKPTLIHTDMYVNSIGPVNAINMEYTIDIFF
AQTWYDRRLKFNSTIKVLRLNSNMVGKIWIPDTFFRNSKKADAHWITTPNRMLRIWNDGRVLYTLRLTIDAECQLQLHNF
PMDEHSCPLEFSSYGYPREEIVYQWKRSSVEVGDTRSWRLYQFSFVGLRNTTEVVKTTSGDYVVMSVYFDLSRRMGYFTI
QTYIPCTLIVVLSWVSFWINKDAVPARTSLGITTVLTMTTLSTIARKSLPKVSYVTAMDLFVSVCFIFVFSALVEYGTLH
YFVSSQPARAAKMDSYARIFFPTAFCLFNLVYWVSYLYLGTGGTTETSQVAPA
;
C
4 'polypeptide(L)'
;QVQLQESGGGLVQAGGSLRVSCAASGRTFTTYIMAWFRQAPGKEREFLAAMDQGRIQYYGDSVRGRFTISRDYAKNSVDL
QLDGLRPEDTAVYYCAAGAGFWGLRTASSYHYWGQGTQVTVSSHHHHHHEPEA
;
F
#
# COMPACT_ATOMS: atom_id res chain seq x y z
N ASP A 63 -28.94 45.92 0.26
CA ASP A 63 -29.86 46.37 -0.78
C ASP A 63 -29.21 46.29 -2.15
N ASN A 64 -27.91 46.58 -2.21
CA ASN A 64 -27.18 46.56 -3.46
C ASN A 64 -27.12 45.17 -4.09
N THR A 65 -26.95 44.12 -3.29
CA THR A 65 -26.90 42.77 -3.81
C THR A 65 -28.26 42.18 -4.13
N THR A 66 -29.36 42.84 -3.71
CA THR A 66 -30.68 42.33 -4.04
C THR A 66 -30.93 42.36 -5.54
N VAL A 67 -30.20 43.21 -6.27
CA VAL A 67 -30.30 43.20 -7.73
C VAL A 67 -29.81 41.87 -8.28
N PHE A 68 -28.69 41.38 -7.78
CA PHE A 68 -28.17 40.09 -8.21
C PHE A 68 -28.93 38.92 -7.61
N THR A 69 -29.58 39.11 -6.46
CA THR A 69 -30.47 38.08 -5.95
C THR A 69 -31.65 37.85 -6.88
N ARG A 70 -32.25 38.93 -7.41
CA ARG A 70 -33.35 38.77 -8.35
C ARG A 70 -32.89 38.11 -9.64
N ILE A 71 -31.69 38.48 -10.13
CA ILE A 71 -31.20 37.90 -11.38
C ILE A 71 -30.99 36.40 -11.22
N LEU A 72 -30.34 35.99 -10.14
CA LEU A 72 -30.08 34.56 -9.93
C LEU A 72 -31.37 33.79 -9.72
N ASP A 73 -32.30 34.34 -8.95
CA ASP A 73 -33.59 33.68 -8.76
C ASP A 73 -34.37 33.61 -10.06
N ARG A 74 -34.29 34.66 -10.88
CA ARG A 74 -34.99 34.67 -12.15
C ARG A 74 -34.43 33.62 -13.10
N LEU A 75 -33.10 33.46 -13.14
CA LEU A 75 -32.49 32.50 -14.06
C LEU A 75 -32.92 31.08 -13.73
N LEU A 76 -32.94 30.71 -12.46
CA LEU A 76 -33.24 29.35 -12.05
C LEU A 76 -34.73 29.07 -11.96
N ASP A 77 -35.58 30.05 -12.23
CA ASP A 77 -37.03 29.86 -12.16
C ASP A 77 -37.47 29.02 -13.36
N GLY A 78 -37.93 27.81 -13.11
CA GLY A 78 -38.31 26.93 -14.19
C GLY A 78 -37.14 26.31 -14.93
N TYR A 79 -35.93 26.44 -14.41
CA TYR A 79 -34.76 25.87 -15.05
C TYR A 79 -34.64 24.40 -14.67
N ASP A 80 -34.53 23.53 -15.67
CA ASP A 80 -34.43 22.10 -15.46
C ASP A 80 -32.98 21.67 -15.70
N ASN A 81 -32.33 21.20 -14.65
CA ASN A 81 -30.93 20.79 -14.73
C ASN A 81 -30.76 19.35 -15.22
N ARG A 82 -31.85 18.64 -15.47
CA ARG A 82 -31.79 17.29 -16.00
C ARG A 82 -31.67 17.25 -17.51
N LEU A 83 -31.88 18.37 -18.18
CA LEU A 83 -31.87 18.45 -19.63
C LEU A 83 -30.65 19.22 -20.09
N ARG A 84 -29.92 18.66 -21.05
CA ARG A 84 -28.76 19.36 -21.58
C ARG A 84 -29.21 20.55 -22.42
N PRO A 85 -28.37 21.58 -22.55
CA PRO A 85 -28.73 22.74 -23.37
C PRO A 85 -28.97 22.33 -24.81
N GLY A 86 -30.00 22.92 -25.42
CA GLY A 86 -30.34 22.59 -26.79
C GLY A 86 -30.79 21.15 -26.98
N LEU A 87 -31.49 20.60 -26.00
CA LEU A 87 -31.97 19.23 -26.10
C LEU A 87 -33.01 19.12 -27.18
N GLY A 88 -32.84 18.15 -28.07
CA GLY A 88 -33.77 17.96 -29.17
C GLY A 88 -33.61 18.93 -30.32
N GLU A 89 -32.62 19.81 -30.27
CA GLU A 89 -32.47 20.78 -31.34
C GLU A 89 -31.06 20.83 -31.92
N ARG A 90 -30.03 20.68 -31.10
CA ARG A 90 -28.67 20.80 -31.59
C ARG A 90 -27.73 20.04 -30.66
N VAL A 91 -26.47 19.95 -31.09
CA VAL A 91 -25.43 19.26 -30.34
C VAL A 91 -24.75 20.25 -29.41
N THR A 92 -24.65 19.90 -28.14
CA THR A 92 -24.01 20.75 -27.15
C THR A 92 -22.49 20.68 -27.31
N GLU A 93 -21.88 21.80 -27.69
CA GLU A 93 -20.43 21.85 -27.89
C GLU A 93 -19.74 22.31 -26.62
N VAL A 94 -18.76 21.53 -26.17
CA VAL A 94 -18.03 21.81 -24.93
C VAL A 94 -16.57 22.01 -25.27
N LYS A 95 -16.06 23.21 -25.02
CA LYS A 95 -14.64 23.50 -25.19
C LYS A 95 -13.87 23.07 -23.95
N THR A 96 -12.64 22.61 -24.16
CA THR A 96 -11.87 22.06 -23.05
C THR A 96 -10.40 22.42 -23.20
N ASP A 97 -9.74 22.68 -22.07
CA ASP A 97 -8.29 22.76 -22.00
C ASP A 97 -7.85 22.35 -20.61
N ILE A 98 -6.60 21.94 -20.50
CA ILE A 98 -6.04 21.42 -19.26
C ILE A 98 -4.77 22.19 -18.93
N PHE A 99 -4.62 22.58 -17.66
CA PHE A 99 -3.38 23.17 -17.16
C PHE A 99 -2.80 22.21 -16.13
N VAL A 100 -1.66 21.61 -16.44
CA VAL A 100 -1.06 20.60 -15.59
C VAL A 100 -0.20 21.30 -14.54
N THR A 101 -0.66 21.28 -13.29
CA THR A 101 0.10 21.91 -12.22
C THR A 101 1.29 21.07 -11.78
N SER A 102 1.20 19.75 -11.89
CA SER A 102 2.30 18.89 -11.50
C SER A 102 2.10 17.52 -12.13
N PHE A 103 3.10 17.06 -12.88
CA PHE A 103 3.10 15.73 -13.47
C PHE A 103 3.73 14.77 -12.48
N GLY A 104 2.92 13.94 -11.84
CA GLY A 104 3.33 13.22 -10.66
C GLY A 104 4.23 12.06 -10.99
N PRO A 105 4.60 11.31 -9.94
CA PRO A 105 5.47 10.15 -10.13
C PRO A 105 4.82 9.07 -10.98
N VAL A 106 5.65 8.35 -11.71
CA VAL A 106 5.22 7.22 -12.52
C VAL A 106 5.58 5.94 -11.78
N SER A 107 4.64 4.99 -11.74
CA SER A 107 4.80 3.73 -11.02
C SER A 107 4.95 2.61 -12.03
N ASP A 108 6.15 2.04 -12.12
CA ASP A 108 6.37 0.93 -13.04
C ASP A 108 5.69 -0.35 -12.55
N HIS A 109 5.61 -0.55 -11.23
CA HIS A 109 4.99 -1.75 -10.70
C HIS A 109 3.50 -1.79 -11.02
N ASP A 110 2.81 -0.66 -10.88
CA ASP A 110 1.38 -0.60 -11.13
C ASP A 110 1.03 -0.21 -12.56
N MET A 111 2.01 0.16 -13.38
CA MET A 111 1.79 0.63 -14.74
C MET A 111 0.75 1.76 -14.75
N GLU A 112 1.10 2.85 -14.08
CA GLU A 112 0.20 3.99 -13.94
C GLU A 112 1.04 5.24 -13.70
N TYR A 113 0.35 6.38 -13.56
CA TYR A 113 1.00 7.64 -13.27
C TYR A 113 -0.04 8.59 -12.70
N THR A 114 0.43 9.60 -11.98
CA THR A 114 -0.43 10.59 -11.35
C THR A 114 -0.22 11.95 -12.01
N ILE A 115 -1.27 12.74 -12.07
CA ILE A 115 -1.21 14.07 -12.68
C ILE A 115 -2.24 14.96 -12.00
N ASP A 116 -1.85 16.20 -11.71
CA ASP A 116 -2.72 17.19 -11.09
C ASP A 116 -3.03 18.27 -12.11
N VAL A 117 -4.31 18.53 -12.35
CA VAL A 117 -4.72 19.39 -13.44
C VAL A 117 -5.79 20.38 -12.98
N PHE A 118 -5.76 21.55 -13.59
CA PHE A 118 -6.91 22.46 -13.61
C PHE A 118 -7.70 22.11 -14.86
N PHE A 119 -8.81 21.41 -14.69
CA PHE A 119 -9.59 20.88 -15.81
C PHE A 119 -10.71 21.86 -16.14
N ARG A 120 -10.55 22.59 -17.24
CA ARG A 120 -11.48 23.67 -17.61
C ARG A 120 -12.42 23.22 -18.71
N GLN A 121 -13.69 23.63 -18.58
CA GLN A 121 -14.71 23.32 -19.57
C GLN A 121 -15.55 24.56 -19.82
N SER A 122 -16.13 24.63 -21.02
CA SER A 122 -16.91 25.79 -21.41
C SER A 122 -17.95 25.38 -22.45
N TRP A 123 -19.17 25.90 -22.30
CA TRP A 123 -20.25 25.62 -23.23
C TRP A 123 -21.23 26.78 -23.18
N LYS A 124 -22.24 26.73 -24.05
CA LYS A 124 -23.23 27.79 -24.18
C LYS A 124 -24.59 27.26 -23.72
N ASP A 125 -25.22 27.97 -22.79
CA ASP A 125 -26.54 27.63 -22.29
C ASP A 125 -27.41 28.88 -22.39
N GLU A 126 -28.33 28.89 -23.34
CA GLU A 126 -29.14 30.08 -23.59
C GLU A 126 -30.16 30.34 -22.49
N ARG A 127 -30.44 29.37 -21.64
CA ARG A 127 -31.37 29.58 -20.53
C ARG A 127 -30.77 30.46 -19.43
N LEU A 128 -29.49 30.78 -19.52
CA LEU A 128 -28.78 31.54 -18.50
C LEU A 128 -28.28 32.86 -19.05
N LYS A 129 -29.09 33.54 -19.86
CA LYS A 129 -28.78 34.87 -20.34
C LYS A 129 -29.40 35.90 -19.41
N PHE A 130 -28.66 36.98 -19.14
CA PHE A 130 -29.13 38.01 -18.23
C PHE A 130 -28.57 39.35 -18.65
N LYS A 131 -29.17 40.42 -18.12
CA LYS A 131 -28.66 41.77 -18.28
C LYS A 131 -28.70 42.48 -16.95
N GLY A 132 -27.60 43.15 -16.59
CA GLY A 132 -27.51 43.84 -15.33
C GLY A 132 -26.25 44.66 -15.21
N PRO A 133 -25.90 45.04 -13.97
CA PRO A 133 -24.70 45.85 -13.75
C PRO A 133 -23.42 45.21 -14.23
N MET A 134 -23.30 43.89 -14.12
CA MET A 134 -22.06 43.19 -14.47
C MET A 134 -22.28 42.31 -15.69
N THR A 135 -21.27 42.26 -16.55
CA THR A 135 -21.31 41.36 -17.69
C THR A 135 -21.00 39.92 -17.31
N VAL A 136 -20.23 39.70 -16.24
CA VAL A 136 -19.84 38.36 -15.80
C VAL A 136 -20.21 38.20 -14.33
N LEU A 137 -20.80 37.06 -13.99
CA LEU A 137 -21.11 36.71 -12.59
C LEU A 137 -20.10 35.67 -12.13
N ARG A 138 -19.17 36.09 -11.26
CA ARG A 138 -18.26 35.15 -10.59
C ARG A 138 -18.97 34.66 -9.33
N LEU A 139 -19.55 33.47 -9.42
CA LEU A 139 -20.46 32.96 -8.40
C LEU A 139 -19.77 31.87 -7.58
N ASN A 140 -20.48 31.41 -6.55
CA ASN A 140 -20.01 30.32 -5.72
C ASN A 140 -20.10 29.00 -6.48
N ASN A 141 -19.27 28.04 -6.09
CA ASN A 141 -19.26 26.76 -6.78
C ASN A 141 -20.50 25.93 -6.49
N LEU A 142 -21.31 26.30 -5.50
CA LEU A 142 -22.54 25.57 -5.26
C LEU A 142 -23.62 25.88 -6.28
N MET A 143 -23.43 26.91 -7.10
CA MET A 143 -24.31 27.14 -8.24
C MET A 143 -24.13 26.08 -9.31
N ALA A 144 -22.97 25.42 -9.34
CA ALA A 144 -22.73 24.37 -10.32
C ALA A 144 -23.70 23.21 -10.14
N SER A 145 -24.01 22.86 -8.89
CA SER A 145 -24.95 21.79 -8.63
C SER A 145 -26.39 22.18 -8.96
N LYS A 146 -26.64 23.45 -9.26
CA LYS A 146 -27.99 23.90 -9.58
C LYS A 146 -28.29 23.90 -11.08
N ILE A 147 -27.26 23.87 -11.92
CA ILE A 147 -27.44 23.93 -13.37
C ILE A 147 -26.89 22.66 -14.01
N TRP A 148 -27.00 22.58 -15.33
CA TRP A 148 -26.50 21.43 -16.07
C TRP A 148 -25.02 21.58 -16.33
N THR A 149 -24.26 20.52 -16.06
CA THR A 149 -22.85 20.45 -16.34
C THR A 149 -22.54 19.15 -17.06
N PRO A 150 -21.50 19.13 -17.89
CA PRO A 150 -21.15 17.89 -18.59
C PRO A 150 -20.70 16.80 -17.61
N ASP A 151 -20.97 15.56 -18.00
CA ASP A 151 -20.56 14.39 -17.21
C ASP A 151 -19.28 13.80 -17.81
N THR A 152 -18.20 14.55 -17.67
CA THR A 152 -16.91 14.15 -18.22
C THR A 152 -16.23 13.15 -17.30
N PHE A 153 -15.72 12.07 -17.87
CA PHE A 153 -14.97 11.08 -17.11
C PHE A 153 -13.72 10.71 -17.88
N PHE A 154 -12.76 10.11 -17.20
CA PHE A 154 -11.49 9.74 -17.78
C PHE A 154 -11.49 8.26 -18.10
N HIS A 155 -11.33 7.92 -19.39
CA HIS A 155 -11.52 6.55 -19.85
C HIS A 155 -10.52 5.60 -19.22
N ASN A 156 -9.27 6.02 -19.06
CA ASN A 156 -8.25 5.17 -18.44
C ASN A 156 -7.95 5.55 -17.00
N GLY A 157 -8.78 6.40 -16.38
CA GLY A 157 -8.56 6.74 -14.99
C GLY A 157 -8.80 5.56 -14.06
N LYS A 158 -8.09 5.57 -12.93
CA LYS A 158 -8.14 4.46 -11.98
C LYS A 158 -8.83 4.85 -10.68
N LYS A 159 -8.33 5.87 -9.98
CA LYS A 159 -9.03 6.39 -8.82
C LYS A 159 -8.57 7.84 -8.64
N SER A 160 -9.41 8.76 -9.10
CA SER A 160 -9.07 10.18 -9.10
C SER A 160 -9.76 10.89 -7.95
N VAL A 161 -9.27 12.08 -7.64
CA VAL A 161 -9.75 12.88 -6.52
C VAL A 161 -10.19 14.24 -7.05
N ALA A 162 -11.40 14.63 -6.69
CA ALA A 162 -11.86 16.00 -6.90
C ALA A 162 -11.73 16.72 -5.56
N HIS A 163 -10.68 17.51 -5.41
CA HIS A 163 -10.33 18.08 -4.12
C HIS A 163 -11.40 19.03 -3.63
N ASN A 164 -11.69 18.97 -2.33
CA ASN A 164 -12.67 19.87 -1.73
C ASN A 164 -12.17 20.34 -0.37
N MET A 165 -10.90 20.73 -0.29
CA MET A 165 -10.34 21.37 0.89
C MET A 165 -9.82 22.74 0.49
N THR A 166 -10.24 23.78 1.21
CA THR A 166 -11.14 23.67 2.35
C THR A 166 -12.59 23.66 1.91
N MET A 167 -12.80 24.01 0.65
CA MET A 167 -14.10 24.04 -0.01
C MET A 167 -13.94 23.39 -1.36
N PRO A 168 -15.05 22.94 -1.99
CA PRO A 168 -14.95 22.38 -3.34
C PRO A 168 -14.19 23.26 -4.30
N ASN A 169 -13.05 22.77 -4.81
CA ASN A 169 -12.15 23.56 -5.63
C ASN A 169 -12.72 23.68 -7.04
N LYS A 170 -13.76 24.50 -7.16
CA LYS A 170 -14.43 24.73 -8.43
C LYS A 170 -14.73 26.21 -8.58
N LEU A 171 -14.84 26.66 -9.82
CA LEU A 171 -15.29 28.00 -10.12
C LEU A 171 -16.33 27.95 -11.22
N LEU A 172 -17.28 28.89 -11.16
CA LEU A 172 -18.34 28.97 -12.15
C LEU A 172 -18.54 30.43 -12.51
N ARG A 173 -18.40 30.75 -13.79
CA ARG A 173 -18.57 32.12 -14.28
C ARG A 173 -19.57 32.13 -15.42
N ILE A 174 -20.59 32.95 -15.28
CA ILE A 174 -21.65 33.07 -16.27
C ILE A 174 -21.52 34.45 -16.91
N THR A 175 -21.42 34.49 -18.23
CA THR A 175 -21.47 35.76 -18.93
C THR A 175 -22.90 36.07 -19.33
N GLU A 176 -23.13 37.30 -19.78
CA GLU A 176 -24.48 37.75 -20.04
C GLU A 176 -25.11 37.06 -21.25
N ASP A 177 -24.31 36.43 -22.11
CA ASP A 177 -24.85 35.76 -23.28
C ASP A 177 -25.15 34.28 -23.04
N GLY A 178 -24.88 33.77 -21.83
CA GLY A 178 -25.13 32.39 -21.52
C GLY A 178 -23.90 31.51 -21.50
N THR A 179 -22.75 32.02 -21.91
CA THR A 179 -21.53 31.21 -21.90
C THR A 179 -21.12 30.90 -20.47
N LEU A 180 -20.75 29.65 -20.21
CA LEU A 180 -20.33 29.21 -18.90
C LEU A 180 -18.87 28.78 -18.94
N LEU A 181 -18.11 29.17 -17.93
CA LEU A 181 -16.78 28.66 -17.68
C LEU A 181 -16.81 27.88 -16.38
N TYR A 182 -16.29 26.65 -16.41
CA TYR A 182 -16.43 25.74 -15.27
C TYR A 182 -15.15 24.92 -15.15
N THR A 183 -14.29 25.31 -14.21
CA THR A 183 -13.04 24.62 -13.98
C THR A 183 -13.05 23.95 -12.61
N MET A 184 -12.21 22.93 -12.47
CA MET A 184 -12.11 22.19 -11.21
C MET A 184 -10.71 21.61 -11.12
N ARG A 185 -10.30 21.30 -9.89
CA ARG A 185 -8.97 20.78 -9.61
C ARG A 185 -9.08 19.30 -9.32
N LEU A 186 -8.34 18.49 -10.06
CA LEU A 186 -8.43 17.04 -10.00
C LEU A 186 -7.03 16.44 -9.87
N THR A 187 -6.95 15.31 -9.19
CA THR A 187 -5.76 14.47 -9.19
C THR A 187 -6.12 13.16 -9.86
N VAL A 188 -5.66 12.97 -11.09
CA VAL A 188 -6.03 11.82 -11.91
C VAL A 188 -4.92 10.78 -11.80
N ARG A 189 -5.31 9.53 -11.60
CA ARG A 189 -4.39 8.39 -11.65
C ARG A 189 -4.81 7.52 -12.82
N ALA A 190 -4.01 7.52 -13.88
CA ALA A 190 -4.40 6.90 -15.14
C ALA A 190 -3.51 5.72 -15.48
N GLU A 191 -4.09 4.73 -16.14
CA GLU A 191 -3.35 3.57 -16.59
C GLU A 191 -2.38 3.95 -17.70
N CYS A 192 -1.17 3.37 -17.67
CA CYS A 192 -0.16 3.58 -18.69
C CYS A 192 0.58 2.28 -18.94
N PRO A 193 0.14 1.48 -19.91
CA PRO A 193 0.84 0.23 -20.21
C PRO A 193 2.25 0.48 -20.72
N MET A 194 3.16 -0.42 -20.35
CA MET A 194 4.58 -0.25 -20.63
C MET A 194 5.13 -1.49 -21.30
N HIS A 195 6.02 -1.28 -22.27
CA HIS A 195 6.77 -2.36 -22.91
C HIS A 195 8.18 -2.30 -22.35
N LEU A 196 8.51 -3.23 -21.46
CA LEU A 196 9.75 -3.18 -20.69
C LEU A 196 10.82 -4.09 -21.27
N GLU A 197 10.88 -4.25 -22.60
CA GLU A 197 11.92 -5.07 -23.19
C GLU A 197 13.27 -4.36 -23.19
N ASP A 198 13.27 -3.03 -23.25
CA ASP A 198 14.51 -2.26 -23.25
C ASP A 198 14.79 -1.61 -21.90
N PHE A 199 14.20 -2.12 -20.83
CA PHE A 199 14.46 -1.61 -19.51
C PHE A 199 15.95 -1.78 -19.16
N PRO A 200 16.61 -0.77 -18.61
CA PRO A 200 16.12 0.54 -18.19
C PRO A 200 16.31 1.65 -19.21
N MET A 201 16.50 1.31 -20.49
CA MET A 201 16.71 2.29 -21.55
C MET A 201 15.47 2.45 -22.42
N ASP A 202 14.29 2.43 -21.81
CA ASP A 202 13.02 2.45 -22.51
C ASP A 202 12.33 3.80 -22.36
N ALA A 203 11.39 4.05 -23.26
CA ALA A 203 10.57 5.25 -23.26
C ALA A 203 9.11 4.86 -23.42
N HIS A 204 8.21 5.72 -22.94
CA HIS A 204 6.80 5.39 -22.90
C HIS A 204 5.96 6.60 -23.30
N ALA A 205 4.77 6.32 -23.81
CA ALA A 205 3.79 7.33 -24.18
C ALA A 205 2.56 7.09 -23.31
N CYS A 206 2.47 7.81 -22.21
CA CYS A 206 1.36 7.63 -21.27
C CYS A 206 0.16 8.45 -21.72
N PRO A 207 -1.02 7.84 -21.85
CA PRO A 207 -2.18 8.55 -22.38
C PRO A 207 -3.07 9.15 -21.29
N LEU A 208 -3.99 10.01 -21.74
CA LEU A 208 -5.00 10.59 -20.87
C LEU A 208 -6.22 10.87 -21.75
N LYS A 209 -7.25 10.04 -21.62
CA LYS A 209 -8.41 10.10 -22.48
C LYS A 209 -9.65 10.46 -21.66
N PHE A 210 -10.50 11.32 -22.21
CA PHE A 210 -11.68 11.74 -21.47
C PHE A 210 -12.79 12.12 -22.45
N GLY A 211 -14.02 11.94 -22.00
CA GLY A 211 -15.20 12.33 -22.77
C GLY A 211 -16.43 12.12 -21.92
N SER A 212 -17.59 12.35 -22.52
CA SER A 212 -18.85 12.20 -21.82
C SER A 212 -19.12 10.74 -21.48
N TYR A 213 -19.80 10.52 -20.36
CA TYR A 213 -20.14 9.16 -19.97
C TYR A 213 -21.48 8.70 -20.54
N ALA A 214 -22.45 9.60 -20.68
CA ALA A 214 -23.80 9.21 -21.07
C ALA A 214 -24.25 9.74 -22.42
N TYR A 215 -23.65 10.80 -22.93
CA TYR A 215 -24.13 11.45 -24.16
C TYR A 215 -23.27 11.03 -25.33
N THR A 216 -23.90 10.47 -26.35
CA THR A 216 -23.20 10.09 -27.56
C THR A 216 -22.88 11.33 -28.39
N ARG A 217 -22.11 11.14 -29.45
CA ARG A 217 -21.62 12.29 -30.21
C ARG A 217 -22.72 12.99 -31.00
N ALA A 218 -23.93 12.41 -31.06
CA ALA A 218 -25.08 13.13 -31.60
C ALA A 218 -25.66 14.13 -30.61
N GLU A 219 -25.22 14.10 -29.35
CA GLU A 219 -25.75 14.99 -28.32
C GLU A 219 -24.70 15.95 -27.79
N VAL A 220 -23.55 15.44 -27.35
CA VAL A 220 -22.50 16.26 -26.76
C VAL A 220 -21.19 15.95 -27.47
N VAL A 221 -20.50 17.00 -27.94
CA VAL A 221 -19.18 16.85 -28.54
C VAL A 221 -18.21 17.75 -27.80
N TYR A 222 -16.94 17.40 -27.83
CA TYR A 222 -15.88 18.13 -27.15
C TYR A 222 -14.90 18.67 -28.17
N GLU A 223 -14.38 19.86 -27.91
CA GLU A 223 -13.35 20.47 -28.75
C GLU A 223 -12.33 21.16 -27.86
N TRP A 224 -11.17 21.43 -28.42
CA TRP A 224 -10.12 22.15 -27.71
C TRP A 224 -10.35 23.65 -27.81
N THR A 225 -10.09 24.36 -26.71
CA THR A 225 -10.34 25.80 -26.66
C THR A 225 -9.50 26.54 -27.67
N ARG A 226 -8.24 26.14 -27.83
CA ARG A 226 -7.30 26.76 -28.73
C ARG A 226 -6.77 25.70 -29.69
N GLU A 227 -5.72 26.04 -30.40
CA GLU A 227 -5.04 25.05 -31.23
C GLU A 227 -4.60 23.89 -30.34
N PRO A 228 -4.83 22.63 -30.75
CA PRO A 228 -4.69 21.51 -29.81
C PRO A 228 -3.33 21.44 -29.13
N ALA A 229 -2.26 21.82 -29.82
CA ALA A 229 -0.94 21.76 -29.20
C ALA A 229 -0.83 22.74 -28.03
N ARG A 230 -1.59 23.82 -28.05
CA ARG A 230 -1.55 24.83 -27.00
C ARG A 230 -2.74 24.73 -26.03
N SER A 231 -3.55 23.68 -26.14
CA SER A 231 -4.68 23.48 -25.26
C SER A 231 -4.36 22.58 -24.08
N VAL A 232 -3.13 22.09 -23.97
CA VAL A 232 -2.65 21.43 -22.76
C VAL A 232 -1.32 22.07 -22.41
N VAL A 233 -1.23 22.64 -21.21
CA VAL A 233 -0.07 23.41 -20.78
C VAL A 233 0.47 22.79 -19.51
N VAL A 234 1.78 22.59 -19.45
CA VAL A 234 2.45 22.01 -18.29
C VAL A 234 3.25 23.10 -17.60
N ALA A 235 3.02 23.28 -16.30
CA ALA A 235 3.76 24.27 -15.53
C ALA A 235 5.24 23.88 -15.45
N GLU A 236 6.09 24.91 -15.46
CA GLU A 236 7.53 24.68 -15.50
C GLU A 236 8.03 23.99 -14.25
N ASP A 237 7.53 24.38 -13.09
CA ASP A 237 8.06 23.90 -11.81
C ASP A 237 7.33 22.67 -11.29
N GLY A 238 6.38 22.13 -12.03
CA GLY A 238 5.52 21.08 -11.51
C GLY A 238 6.04 19.66 -11.56
N SER A 239 7.18 19.42 -12.19
CA SER A 239 7.65 18.06 -12.38
C SER A 239 7.90 17.38 -11.03
N ARG A 240 7.12 16.34 -10.74
CA ARG A 240 7.33 15.48 -9.58
C ARG A 240 7.92 14.14 -10.00
N LEU A 241 8.64 14.13 -11.12
CA LEU A 241 9.24 12.92 -11.66
C LEU A 241 10.62 12.68 -11.05
N ASN A 242 10.89 11.42 -10.71
CA ASN A 242 12.17 11.03 -10.13
C ASN A 242 13.09 10.35 -11.13
N GLN A 243 12.60 9.29 -11.79
CA GLN A 243 13.41 8.50 -12.70
C GLN A 243 12.98 8.64 -14.15
N TYR A 244 12.14 9.62 -14.47
CA TYR A 244 11.68 9.83 -15.84
C TYR A 244 11.90 11.28 -16.23
N ASP A 245 11.89 11.51 -17.53
CA ASP A 245 12.05 12.83 -18.13
C ASP A 245 10.89 13.08 -19.07
N LEU A 246 10.18 14.18 -18.87
CA LEU A 246 9.02 14.52 -19.69
C LEU A 246 9.50 15.28 -20.92
N LEU A 247 9.67 14.56 -22.03
CA LEU A 247 10.13 15.19 -23.27
C LEU A 247 9.09 16.15 -23.82
N GLY A 248 7.82 15.76 -23.78
CA GLY A 248 6.77 16.59 -24.34
C GLY A 248 5.47 15.81 -24.39
N GLN A 249 4.44 16.47 -24.90
CA GLN A 249 3.12 15.86 -24.99
C GLN A 249 2.50 16.15 -26.34
N THR A 250 1.65 15.23 -26.79
CA THR A 250 0.92 15.32 -28.04
C THR A 250 -0.57 15.27 -27.76
N VAL A 251 -1.33 16.13 -28.44
CA VAL A 251 -2.74 16.34 -28.15
C VAL A 251 -3.54 15.94 -29.39
N ASP A 252 -4.50 15.04 -29.21
CA ASP A 252 -5.26 14.48 -30.33
C ASP A 252 -6.72 14.36 -29.92
N SER A 253 -7.51 13.76 -30.80
CA SER A 253 -8.95 13.59 -30.57
C SER A 253 -9.41 12.36 -31.33
N GLY A 254 -10.28 11.56 -30.70
CA GLY A 254 -10.68 10.31 -31.30
C GLY A 254 -12.17 10.03 -31.28
N ILE A 255 -12.54 8.77 -31.52
CA ILE A 255 -13.91 8.29 -31.51
C ILE A 255 -13.91 6.87 -30.96
N VAL A 256 -14.83 6.59 -30.05
CA VAL A 256 -14.99 5.23 -29.53
C VAL A 256 -16.43 4.80 -29.77
N GLN A 257 -16.60 3.52 -30.09
CA GLN A 257 -17.91 2.94 -30.33
C GLN A 257 -18.13 1.82 -29.32
N SER A 258 -19.08 2.01 -28.41
CA SER A 258 -19.35 1.08 -27.33
C SER A 258 -20.66 0.35 -27.60
N SER A 259 -21.08 -0.44 -26.61
CA SER A 259 -22.37 -1.12 -26.70
C SER A 259 -23.55 -0.17 -26.58
N THR A 260 -23.31 1.09 -26.23
CA THR A 260 -24.37 2.07 -26.08
C THR A 260 -24.37 3.17 -27.15
N GLY A 261 -23.29 3.34 -27.89
CA GLY A 261 -23.25 4.32 -28.95
C GLY A 261 -21.83 4.82 -29.19
N GLU A 262 -21.73 5.83 -30.05
CA GLU A 262 -20.46 6.44 -30.40
C GLU A 262 -20.22 7.68 -29.55
N TYR A 263 -19.04 7.76 -28.96
CA TYR A 263 -18.69 8.87 -28.07
C TYR A 263 -17.39 9.51 -28.54
N VAL A 264 -17.30 10.82 -28.37
CA VAL A 264 -16.08 11.56 -28.69
C VAL A 264 -15.09 11.40 -27.53
N VAL A 265 -13.83 11.16 -27.87
CA VAL A 265 -12.77 10.99 -26.88
C VAL A 265 -11.68 12.02 -27.16
N MET A 266 -11.28 12.75 -26.14
CA MET A 266 -10.18 13.70 -26.23
C MET A 266 -8.96 13.10 -25.57
N THR A 267 -7.85 13.04 -26.30
CA THR A 267 -6.68 12.29 -25.87
C THR A 267 -5.47 13.21 -25.75
N THR A 268 -4.62 12.90 -24.77
CA THR A 268 -3.30 13.51 -24.63
C THR A 268 -2.31 12.40 -24.33
N HIS A 269 -1.15 12.47 -24.97
CA HIS A 269 -0.09 11.49 -24.77
C HIS A 269 1.15 12.19 -24.25
N PHE A 270 1.62 11.78 -23.09
CA PHE A 270 2.83 12.34 -22.50
C PHE A 270 3.99 11.38 -22.74
N HIS A 271 5.06 11.90 -23.32
CA HIS A 271 6.18 11.07 -23.78
C HIS A 271 7.29 11.14 -22.74
N LEU A 272 7.50 10.02 -22.04
CA LEU A 272 8.43 9.94 -20.92
C LEU A 272 9.58 9.03 -21.31
N LYS A 273 10.80 9.45 -21.00
CA LYS A 273 11.99 8.65 -21.22
C LYS A 273 12.68 8.43 -19.89
N ARG A 274 12.96 7.18 -19.56
CA ARG A 274 13.56 6.85 -18.27
C ARG A 274 15.03 7.26 -18.23
N LYS A 275 15.47 7.66 -17.06
CA LYS A 275 16.86 8.04 -16.83
C LYS A 275 17.60 6.85 -16.23
N ILE A 276 18.69 6.43 -16.90
CA ILE A 276 19.41 5.21 -16.56
C ILE A 276 20.35 5.39 -15.38
N GLY A 277 20.47 6.60 -14.84
CA GLY A 277 21.51 6.86 -13.86
C GLY A 277 21.40 6.00 -12.61
N TYR A 278 20.18 5.80 -12.11
CA TYR A 278 20.02 5.01 -10.90
C TYR A 278 20.46 3.57 -11.09
N PHE A 279 20.16 2.99 -12.25
CA PHE A 279 20.45 1.59 -12.49
C PHE A 279 21.92 1.33 -12.82
N VAL A 280 22.63 2.35 -13.32
CA VAL A 280 24.07 2.22 -13.50
C VAL A 280 24.76 2.06 -12.15
N ILE A 281 24.35 2.84 -11.16
CA ILE A 281 24.93 2.74 -9.83
C ILE A 281 24.49 1.45 -9.15
N GLN A 282 23.20 1.15 -9.22
CA GLN A 282 22.62 0.09 -8.40
C GLN A 282 22.97 -1.29 -8.92
N THR A 283 22.95 -1.50 -10.24
CA THR A 283 23.13 -2.82 -10.81
C THR A 283 24.34 -2.95 -11.71
N TYR A 284 24.50 -2.06 -12.68
CA TYR A 284 25.55 -2.24 -13.68
C TYR A 284 26.93 -2.16 -13.08
N LEU A 285 27.18 -1.18 -12.20
CA LEU A 285 28.50 -1.08 -11.57
C LEU A 285 28.81 -2.28 -10.68
N PRO A 286 27.91 -2.73 -9.80
CA PRO A 286 28.21 -3.97 -9.05
C PRO A 286 28.47 -5.19 -9.93
N CYS A 287 27.74 -5.33 -11.05
CA CYS A 287 27.96 -6.47 -11.92
C CYS A 287 29.33 -6.40 -12.60
N ILE A 288 29.74 -5.21 -13.03
CA ILE A 288 31.03 -5.07 -13.70
C ILE A 288 32.17 -5.34 -12.72
N MET A 289 32.08 -4.82 -11.49
CA MET A 289 33.15 -5.05 -10.53
C MET A 289 33.23 -6.51 -10.10
N THR A 290 32.09 -7.21 -10.06
CA THR A 290 32.12 -8.63 -9.74
C THR A 290 32.83 -9.43 -10.82
N VAL A 291 32.59 -9.09 -12.09
CA VAL A 291 33.26 -9.79 -13.18
C VAL A 291 34.76 -9.52 -13.15
N ILE A 292 35.15 -8.28 -12.91
CA ILE A 292 36.58 -7.96 -12.81
C ILE A 292 37.19 -8.65 -11.60
N LEU A 293 36.46 -8.71 -10.50
CA LEU A 293 36.99 -9.32 -9.29
C LEU A 293 37.28 -10.80 -9.50
N SER A 294 36.45 -11.49 -10.29
CA SER A 294 36.67 -12.92 -10.51
C SER A 294 37.88 -13.17 -11.39
N GLN A 295 38.21 -12.24 -12.29
CA GLN A 295 39.36 -12.42 -13.18
C GLN A 295 40.67 -12.04 -12.51
N VAL A 296 40.62 -11.45 -11.32
CA VAL A 296 41.84 -11.27 -10.53
C VAL A 296 42.42 -12.62 -10.14
N SER A 297 41.57 -13.64 -10.04
CA SER A 297 42.02 -14.98 -9.68
C SER A 297 42.98 -15.58 -10.70
N PHE A 298 42.99 -15.07 -11.92
CA PHE A 298 43.89 -15.62 -12.94
C PHE A 298 45.35 -15.30 -12.66
N TRP A 299 45.63 -14.33 -11.79
CA TRP A 299 47.00 -13.92 -11.52
C TRP A 299 47.61 -14.60 -10.31
N LEU A 300 46.80 -15.18 -9.43
CA LEU A 300 47.33 -15.93 -8.31
C LEU A 300 48.04 -17.19 -8.79
N ASN A 301 49.11 -17.56 -8.09
CA ASN A 301 49.88 -18.73 -8.46
C ASN A 301 49.03 -19.99 -8.28
N ARG A 302 49.35 -21.01 -9.07
CA ARG A 302 48.54 -22.23 -9.14
C ARG A 302 48.53 -23.02 -7.85
N GLU A 303 49.45 -22.75 -6.92
CA GLU A 303 49.49 -23.45 -5.65
C GLU A 303 48.50 -22.91 -4.63
N SER A 304 47.79 -21.83 -4.95
CA SER A 304 46.82 -21.23 -4.02
C SER A 304 45.42 -21.77 -4.30
N VAL A 305 45.28 -23.10 -4.21
CA VAL A 305 44.00 -23.73 -4.52
C VAL A 305 42.89 -23.26 -3.60
N PRO A 306 43.07 -23.20 -2.27
CA PRO A 306 42.01 -22.60 -1.44
C PRO A 306 41.76 -21.13 -1.77
N ALA A 307 42.79 -20.38 -2.13
CA ALA A 307 42.61 -18.96 -2.40
C ALA A 307 41.83 -18.74 -3.70
N ARG A 308 42.13 -19.52 -4.74
CA ARG A 308 41.44 -19.34 -6.01
C ARG A 308 40.02 -19.89 -5.97
N THR A 309 39.76 -20.92 -5.16
CA THR A 309 38.40 -21.41 -5.01
C THR A 309 37.50 -20.36 -4.36
N VAL A 310 38.00 -19.68 -3.32
CA VAL A 310 37.20 -18.67 -2.64
C VAL A 310 36.88 -17.51 -3.59
N PHE A 311 37.83 -17.16 -4.46
CA PHE A 311 37.52 -16.19 -5.51
C PHE A 311 36.39 -16.67 -6.39
N GLY A 312 36.44 -17.93 -6.81
CA GLY A 312 35.44 -18.44 -7.73
C GLY A 312 34.05 -18.53 -7.12
N VAL A 313 33.96 -19.03 -5.89
CA VAL A 313 32.65 -19.29 -5.30
C VAL A 313 31.99 -17.99 -4.85
N THR A 314 32.76 -17.06 -4.27
CA THR A 314 32.17 -15.84 -3.73
C THR A 314 31.66 -14.92 -4.84
N THR A 315 32.31 -14.92 -6.01
CA THR A 315 31.80 -14.12 -7.12
C THR A 315 30.54 -14.73 -7.71
N VAL A 316 30.48 -16.06 -7.82
CA VAL A 316 29.28 -16.71 -8.33
C VAL A 316 28.10 -16.47 -7.39
N LEU A 317 28.33 -16.59 -6.09
CA LEU A 317 27.28 -16.31 -5.11
C LEU A 317 26.79 -14.88 -5.22
N THR A 318 27.71 -13.93 -5.45
CA THR A 318 27.32 -12.53 -5.57
C THR A 318 26.44 -12.29 -6.78
N MET A 319 26.78 -12.90 -7.92
CA MET A 319 25.99 -12.69 -9.14
C MET A 319 24.56 -13.17 -8.96
N THR A 320 24.36 -14.27 -8.23
CA THR A 320 23.01 -14.76 -7.97
C THR A 320 22.22 -13.73 -7.16
N THR A 321 22.84 -13.14 -6.13
CA THR A 321 22.16 -12.13 -5.34
C THR A 321 21.79 -10.91 -6.17
N LEU A 322 22.72 -10.45 -7.02
CA LEU A 322 22.42 -9.30 -7.88
C LEU A 322 21.33 -9.63 -8.89
N SER A 323 21.34 -10.84 -9.43
CA SER A 323 20.33 -11.23 -10.41
C SER A 323 18.94 -11.24 -9.80
N ILE A 324 18.82 -11.73 -8.56
CA ILE A 324 17.53 -11.76 -7.90
C ILE A 324 17.08 -10.36 -7.53
N SER A 325 18.00 -9.52 -7.09
CA SER A 325 17.67 -8.20 -6.57
C SER A 325 17.37 -7.17 -7.65
N ALA A 326 17.53 -7.51 -8.93
CA ALA A 326 17.39 -6.53 -10.01
C ALA A 326 15.97 -6.44 -10.56
N ARG A 327 15.06 -7.33 -10.15
CA ARG A 327 13.68 -7.29 -10.62
C ARG A 327 12.71 -6.87 -9.53
N ASN A 328 13.22 -6.28 -8.44
CA ASN A 328 12.34 -5.93 -7.32
C ASN A 328 11.33 -4.86 -7.71
N SER A 329 11.79 -3.83 -8.44
CA SER A 329 10.89 -2.73 -8.79
C SER A 329 9.94 -3.11 -9.92
N LEU A 330 10.42 -3.89 -10.88
CA LEU A 330 9.64 -4.16 -12.08
C LEU A 330 8.40 -4.98 -11.76
N PRO A 331 7.35 -4.83 -12.56
CA PRO A 331 6.26 -5.80 -12.52
C PRO A 331 6.74 -7.14 -13.03
N LYS A 332 6.09 -8.20 -12.54
CA LYS A 332 6.45 -9.55 -12.96
C LYS A 332 6.05 -9.74 -14.41
N VAL A 333 7.04 -9.75 -15.31
CA VAL A 333 6.81 -9.92 -16.73
C VAL A 333 7.48 -11.19 -17.21
N ALA A 334 6.98 -11.73 -18.31
CA ALA A 334 7.41 -13.04 -18.79
C ALA A 334 8.54 -12.98 -19.81
N TYR A 335 9.07 -11.81 -20.11
CA TYR A 335 10.14 -11.68 -21.08
C TYR A 335 11.40 -11.13 -20.43
N ALA A 336 12.49 -11.15 -21.18
CA ALA A 336 13.77 -10.67 -20.68
C ALA A 336 13.95 -9.21 -21.07
N THR A 337 14.25 -8.38 -20.08
CA THR A 337 14.55 -6.98 -20.32
C THR A 337 15.99 -6.84 -20.80
N ALA A 338 16.40 -5.59 -21.07
CA ALA A 338 17.79 -5.36 -21.45
C ALA A 338 18.74 -5.52 -20.27
N MET A 339 18.23 -5.42 -19.04
CA MET A 339 19.06 -5.65 -17.87
C MET A 339 19.27 -7.12 -17.60
N ASP A 340 18.30 -7.97 -17.93
CA ASP A 340 18.44 -9.40 -17.72
C ASP A 340 19.48 -10.01 -18.65
N TRP A 341 19.67 -9.42 -19.83
CA TRP A 341 20.72 -9.91 -20.72
C TRP A 341 22.10 -9.52 -20.23
N PHE A 342 22.25 -8.35 -19.60
CA PHE A 342 23.54 -7.96 -19.05
C PHE A 342 23.93 -8.85 -17.88
N ILE A 343 22.98 -9.12 -16.98
CA ILE A 343 23.28 -9.94 -15.81
C ILE A 343 23.58 -11.37 -16.23
N ALA A 344 22.82 -11.90 -17.19
CA ALA A 344 23.06 -13.27 -17.64
C ALA A 344 24.43 -13.43 -18.26
N VAL A 345 24.86 -12.47 -19.08
CA VAL A 345 26.18 -12.57 -19.68
C VAL A 345 27.27 -12.39 -18.63
N CYS A 346 27.09 -11.43 -17.72
CA CYS A 346 28.05 -11.27 -16.64
C CYS A 346 28.12 -12.52 -15.77
N TYR A 347 27.01 -13.24 -15.64
CA TYR A 347 27.03 -14.53 -14.94
C TYR A 347 27.87 -15.54 -15.70
N ALA A 348 27.79 -15.54 -17.03
CA ALA A 348 28.57 -16.47 -17.83
C ALA A 348 30.07 -16.23 -17.70
N PHE A 349 30.48 -14.96 -17.61
CA PHE A 349 31.89 -14.66 -17.43
C PHE A 349 32.39 -15.10 -16.06
N VAL A 350 31.57 -14.89 -15.02
CA VAL A 350 31.98 -15.26 -13.67
C VAL A 350 32.02 -16.78 -13.53
N PHE A 351 31.04 -17.47 -14.12
CA PHE A 351 31.05 -18.93 -14.07
C PHE A 351 32.20 -19.51 -14.89
N SER A 352 32.50 -18.91 -16.03
CA SER A 352 33.57 -19.42 -16.88
C SER A 352 34.95 -19.18 -16.29
N ALA A 353 35.10 -18.20 -15.40
CA ALA A 353 36.38 -18.00 -14.72
C ALA A 353 36.65 -19.10 -13.71
N LEU A 354 35.59 -19.63 -13.08
CA LEU A 354 35.76 -20.76 -12.17
C LEU A 354 35.99 -22.06 -12.92
N ILE A 355 35.33 -22.22 -14.08
CA ILE A 355 35.57 -23.40 -14.91
C ILE A 355 37.02 -23.43 -15.38
N GLU A 356 37.58 -22.26 -15.69
CA GLU A 356 38.98 -22.19 -16.09
C GLU A 356 39.91 -22.67 -14.99
N PHE A 357 39.62 -22.29 -13.74
CA PHE A 357 40.47 -22.71 -12.64
C PHE A 357 40.43 -24.22 -12.46
N ALA A 358 39.24 -24.82 -12.57
CA ALA A 358 39.15 -26.27 -12.46
C ALA A 358 39.92 -26.95 -13.58
N THR A 359 40.02 -26.30 -14.75
CA THR A 359 40.85 -26.85 -15.82
C THR A 359 42.33 -26.74 -15.49
N VAL A 360 42.76 -25.58 -15.01
CA VAL A 360 44.16 -25.41 -14.63
C VAL A 360 44.50 -26.33 -13.48
N ASN A 361 43.62 -26.43 -12.49
CA ASN A 361 43.87 -27.29 -11.34
C ASN A 361 43.87 -28.77 -11.73
N TYR A 362 43.14 -29.12 -12.79
CA TYR A 362 43.11 -30.51 -13.23
C TYR A 362 44.42 -30.92 -13.88
N PHE A 363 45.05 -30.01 -14.63
CA PHE A 363 46.26 -30.34 -15.37
C PHE A 363 47.54 -30.10 -14.58
N THR A 364 47.45 -29.51 -13.40
CA THR A 364 48.65 -29.35 -12.58
C THR A 364 49.12 -30.71 -12.07
N LYS A 365 50.43 -30.83 -11.88
CA LYS A 365 51.09 -32.04 -11.37
C LYS A 365 51.05 -33.17 -12.39
N SER A 366 50.37 -32.97 -13.52
CA SER A 366 50.40 -33.94 -14.61
C SER A 366 50.93 -33.33 -15.89
N GLN A 367 50.43 -32.16 -16.29
CA GLN A 367 50.90 -31.45 -17.47
C GLN A 367 51.14 -29.99 -17.10
N PRO A 368 52.23 -29.71 -16.36
CA PRO A 368 52.48 -28.34 -15.91
C PRO A 368 52.60 -27.33 -17.05
N ALA A 369 53.15 -27.75 -18.19
CA ALA A 369 53.34 -26.82 -19.30
C ALA A 369 51.99 -26.34 -19.85
N ARG A 370 51.01 -27.24 -19.95
CA ARG A 370 49.71 -26.85 -20.47
C ARG A 370 48.96 -25.97 -19.47
N ALA A 371 49.09 -26.25 -18.17
CA ALA A 371 48.38 -25.47 -17.17
C ALA A 371 48.82 -24.01 -17.20
N ALA A 372 50.12 -23.76 -17.38
CA ALA A 372 50.59 -22.38 -17.50
C ALA A 372 50.07 -21.73 -18.77
N LYS A 373 49.95 -22.51 -19.85
CA LYS A 373 49.47 -21.96 -21.11
C LYS A 373 48.03 -21.47 -20.98
N ILE A 374 47.19 -22.23 -20.26
CA ILE A 374 45.80 -21.82 -20.08
C ILE A 374 45.71 -20.54 -19.27
N ASP A 375 46.50 -20.43 -18.20
CA ASP A 375 46.44 -19.25 -17.35
C ASP A 375 46.90 -18.00 -18.10
N ARG A 376 47.94 -18.13 -18.93
CA ARG A 376 48.45 -16.96 -19.64
C ARG A 376 47.42 -16.40 -20.61
N LEU A 377 46.70 -17.27 -21.31
CA LEU A 377 45.73 -16.80 -22.30
C LEU A 377 44.50 -16.22 -21.64
N SER A 378 44.08 -16.80 -20.51
CA SER A 378 42.90 -16.29 -19.82
C SER A 378 43.12 -14.89 -19.29
N ARG A 379 44.36 -14.52 -18.98
CA ARG A 379 44.63 -13.15 -18.53
C ARG A 379 44.36 -12.13 -19.61
N ILE A 380 44.28 -12.53 -20.86
CA ILE A 380 43.98 -11.64 -21.97
C ILE A 380 42.56 -11.85 -22.50
N ALA A 381 42.17 -13.11 -22.71
CA ALA A 381 40.90 -13.40 -23.36
C ALA A 381 39.72 -12.90 -22.55
N PHE A 382 39.74 -13.14 -21.23
CA PHE A 382 38.61 -12.71 -20.40
C PHE A 382 38.48 -11.20 -20.34
N PRO A 383 39.52 -10.41 -20.06
CA PRO A 383 39.36 -8.95 -20.09
C PRO A 383 38.98 -8.42 -21.47
N LEU A 384 39.49 -9.02 -22.54
CA LEU A 384 39.20 -8.51 -23.88
C LEU A 384 37.76 -8.80 -24.28
N LEU A 385 37.29 -10.03 -24.02
CA LEU A 385 35.93 -10.38 -24.41
C LEU A 385 34.90 -9.57 -23.64
N PHE A 386 35.12 -9.35 -22.35
CA PHE A 386 34.18 -8.55 -21.58
C PHE A 386 34.17 -7.11 -22.04
N GLY A 387 35.33 -6.57 -22.41
CA GLY A 387 35.37 -5.23 -22.95
C GLY A 387 34.63 -5.11 -24.27
N ILE A 388 34.80 -6.09 -25.15
CA ILE A 388 34.12 -6.06 -26.44
C ILE A 388 32.62 -6.22 -26.27
N PHE A 389 32.20 -7.06 -25.31
CA PHE A 389 30.77 -7.22 -25.07
C PHE A 389 30.12 -5.93 -24.61
N ASN A 390 30.80 -5.17 -23.75
CA ASN A 390 30.24 -3.89 -23.32
C ASN A 390 30.17 -2.89 -24.46
N LEU A 391 31.12 -2.93 -25.39
CA LEU A 391 31.03 -2.07 -26.57
C LEU A 391 29.80 -2.39 -27.38
N VAL A 392 29.51 -3.67 -27.58
CA VAL A 392 28.35 -4.06 -28.37
C VAL A 392 27.06 -3.78 -27.60
N TYR A 393 27.03 -4.09 -26.30
CA TYR A 393 25.80 -3.93 -25.52
C TYR A 393 25.36 -2.48 -25.47
N TRP A 394 26.26 -1.59 -25.08
CA TRP A 394 25.87 -0.19 -24.92
C TRP A 394 25.55 0.45 -26.26
N ALA A 395 26.30 0.13 -27.30
CA ALA A 395 26.01 0.71 -28.62
C ALA A 395 24.68 0.20 -29.18
N THR A 396 24.32 -1.04 -28.89
CA THR A 396 23.05 -1.57 -29.37
C THR A 396 21.87 -0.83 -28.76
N TYR A 397 21.92 -0.55 -27.47
CA TYR A 397 20.77 -0.01 -26.76
C TYR A 397 20.76 1.51 -26.63
N LEU A 398 21.93 2.15 -26.57
CA LEU A 398 21.94 3.61 -26.46
C LEU A 398 21.66 4.30 -27.80
N ASN A 399 21.75 3.58 -28.91
CA ASN A 399 21.37 4.16 -30.20
C ASN A 399 19.88 4.48 -30.25
N ARG A 400 19.05 3.58 -29.73
CA ARG A 400 17.60 3.75 -29.75
C ARG A 400 17.18 4.93 -28.90
N ASN B 62 -34.04 36.83 27.60
CA ASN B 62 -32.70 37.21 27.20
C ASN B 62 -32.16 36.24 26.16
N MET B 63 -32.81 35.08 26.06
CA MET B 63 -32.42 34.08 25.06
C MET B 63 -33.32 34.11 23.84
N SER B 64 -34.60 34.41 24.01
CA SER B 64 -35.48 34.56 22.84
C SER B 64 -35.05 35.74 21.99
N PHE B 65 -34.41 36.74 22.58
CA PHE B 65 -33.89 37.86 21.82
C PHE B 65 -32.74 37.41 20.92
N VAL B 66 -31.88 36.52 21.42
CA VAL B 66 -30.76 36.05 20.62
C VAL B 66 -31.26 35.23 19.43
N LYS B 67 -32.24 34.36 19.65
CA LYS B 67 -32.79 33.58 18.55
C LYS B 67 -33.44 34.46 17.52
N GLU B 68 -34.13 35.51 17.96
CA GLU B 68 -34.74 36.46 17.03
C GLU B 68 -33.69 37.15 16.19
N THR B 69 -32.57 37.55 16.81
CA THR B 69 -31.51 38.22 16.08
C THR B 69 -30.85 37.29 15.07
N VAL B 70 -30.49 36.08 15.49
CA VAL B 70 -29.79 35.15 14.61
C VAL B 70 -30.67 34.76 13.44
N ASP B 71 -31.96 34.51 13.70
CA ASP B 71 -32.88 34.18 12.62
C ASP B 71 -33.03 35.35 11.65
N LYS B 72 -32.99 36.58 12.16
CA LYS B 72 -33.08 37.75 11.30
C LYS B 72 -31.85 37.87 10.40
N LEU B 73 -30.67 37.52 10.92
CA LEU B 73 -29.46 37.61 10.11
C LEU B 73 -29.48 36.64 8.93
N LEU B 74 -30.03 35.44 9.13
CA LEU B 74 -30.06 34.43 8.09
C LEU B 74 -31.29 34.52 7.20
N LYS B 75 -32.20 35.45 7.47
CA LYS B 75 -33.42 35.59 6.68
C LYS B 75 -33.12 36.42 5.44
N GLY B 76 -33.17 35.78 4.27
CA GLY B 76 -32.81 36.43 3.03
C GLY B 76 -31.34 36.44 2.71
N TYR B 77 -30.51 35.81 3.53
CA TYR B 77 -29.08 35.76 3.27
C TYR B 77 -28.81 34.92 2.04
N ASP B 78 -27.93 35.42 1.17
CA ASP B 78 -27.63 34.79 -0.11
C ASP B 78 -26.24 34.17 -0.02
N ILE B 79 -26.18 32.84 0.11
CA ILE B 79 -24.90 32.14 0.20
C ILE B 79 -24.16 32.12 -1.13
N ARG B 80 -24.85 32.44 -2.23
CA ARG B 80 -24.20 32.46 -3.54
C ARG B 80 -23.35 33.71 -3.75
N LEU B 81 -23.72 34.82 -3.13
CA LEU B 81 -23.05 36.10 -3.34
C LEU B 81 -22.02 36.33 -2.25
N ARG B 82 -20.81 36.71 -2.64
CA ARG B 82 -19.78 37.06 -1.69
C ARG B 82 -20.09 38.42 -1.07
N PRO B 83 -19.49 38.73 0.07
CA PRO B 83 -19.64 40.08 0.63
C PRO B 83 -19.17 41.13 -0.36
N ASP B 84 -19.92 42.23 -0.42
CA ASP B 84 -19.70 43.31 -1.38
C ASP B 84 -19.69 42.83 -2.82
N PHE B 85 -20.62 41.97 -3.19
CA PHE B 85 -20.67 41.47 -4.57
C PHE B 85 -20.91 42.62 -5.54
N GLY B 86 -20.10 42.66 -6.59
CA GLY B 86 -20.13 43.75 -7.53
C GLY B 86 -19.37 44.99 -7.09
N GLY B 87 -18.70 44.94 -5.94
CA GLY B 87 -17.96 46.07 -5.44
C GLY B 87 -16.53 45.73 -5.08
N PRO B 88 -16.00 46.40 -4.06
CA PRO B 88 -14.59 46.24 -3.70
C PRO B 88 -14.28 44.83 -3.24
N PRO B 89 -13.05 44.37 -3.39
CA PRO B 89 -12.69 43.03 -2.91
C PRO B 89 -12.81 42.93 -1.40
N VAL B 90 -13.20 41.75 -0.93
CA VAL B 90 -13.27 41.49 0.50
C VAL B 90 -11.90 41.08 1.00
N CYS B 91 -11.44 41.72 2.06
CA CYS B 91 -10.14 41.41 2.65
C CYS B 91 -10.28 40.26 3.63
N VAL B 92 -9.41 39.26 3.49
CA VAL B 92 -9.44 38.06 4.31
C VAL B 92 -8.09 37.91 4.98
N GLY B 93 -8.09 37.83 6.30
CA GLY B 93 -6.86 37.68 7.08
C GLY B 93 -6.76 36.27 7.62
N MET B 94 -5.57 35.69 7.53
CA MET B 94 -5.37 34.29 7.88
C MET B 94 -4.30 34.15 8.95
N ASN B 95 -4.59 33.34 9.96
CA ASN B 95 -3.63 32.87 10.94
C ASN B 95 -3.50 31.36 10.82
N ILE B 96 -2.34 30.84 11.20
CA ILE B 96 -2.12 29.41 11.27
C ILE B 96 -1.44 29.10 12.60
N ASP B 97 -1.96 28.11 13.31
CA ASP B 97 -1.35 27.60 14.54
C ASP B 97 -0.98 26.15 14.30
N ILE B 98 0.32 25.86 14.23
CA ILE B 98 0.80 24.55 13.83
C ILE B 98 0.83 23.63 15.04
N ALA B 99 0.15 22.49 14.94
CA ALA B 99 0.10 21.53 16.03
C ALA B 99 1.24 20.52 15.96
N SER B 100 1.57 20.03 14.77
CA SER B 100 2.63 19.05 14.63
C SER B 100 3.02 18.94 13.16
N ILE B 101 4.25 18.47 12.94
CA ILE B 101 4.74 18.09 11.63
C ILE B 101 5.30 16.68 11.75
N ASP B 102 4.88 15.79 10.86
CA ASP B 102 5.36 14.42 10.89
C ASP B 102 5.44 13.88 9.47
N MET B 103 5.97 12.67 9.36
CA MET B 103 6.01 11.92 8.10
C MET B 103 6.69 12.73 6.99
N VAL B 104 7.80 13.38 7.34
CA VAL B 104 8.61 14.02 6.30
C VAL B 104 9.32 12.92 5.55
N SER B 105 8.82 12.57 4.37
CA SER B 105 9.27 11.40 3.63
C SER B 105 10.04 11.83 2.40
N GLU B 106 11.10 11.08 2.08
CA GLU B 106 11.79 11.24 0.81
C GLU B 106 11.30 10.27 -0.24
N VAL B 107 10.81 9.10 0.17
CA VAL B 107 10.30 8.13 -0.78
C VAL B 107 9.08 8.69 -1.50
N ASN B 108 8.19 9.35 -0.77
CA ASN B 108 7.00 9.96 -1.34
C ASN B 108 7.18 11.43 -1.67
N MET B 109 8.24 12.06 -1.17
CA MET B 109 8.50 13.49 -1.40
C MET B 109 7.32 14.34 -0.93
N ASP B 110 7.00 14.22 0.35
CA ASP B 110 5.93 15.01 0.94
C ASP B 110 6.09 15.02 2.46
N TYR B 111 5.34 15.90 3.11
CA TYR B 111 5.30 15.99 4.56
C TYR B 111 3.85 16.14 4.98
N THR B 112 3.56 15.82 6.25
CA THR B 112 2.22 15.91 6.79
C THR B 112 2.17 17.00 7.85
N LEU B 113 1.19 17.90 7.72
CA LEU B 113 1.09 19.08 8.57
C LEU B 113 -0.29 19.12 9.21
N THR B 114 -0.32 19.32 10.53
CA THR B 114 -1.56 19.54 11.28
C THR B 114 -1.56 20.95 11.82
N MET B 115 -2.68 21.66 11.63
CA MET B 115 -2.73 23.06 11.99
C MET B 115 -4.14 23.44 12.42
N TYR B 116 -4.23 24.58 13.09
CA TYR B 116 -5.50 25.24 13.39
C TYR B 116 -5.61 26.42 12.42
N PHE B 117 -6.16 26.15 11.24
CA PHE B 117 -6.27 27.15 10.20
C PHE B 117 -7.41 28.12 10.52
N GLN B 118 -7.14 29.42 10.43
CA GLN B 118 -8.13 30.42 10.79
C GLN B 118 -8.20 31.52 9.74
N GLN B 119 -9.41 31.95 9.44
CA GLN B 119 -9.66 33.01 8.47
C GLN B 119 -10.57 34.05 9.09
N TYR B 120 -10.39 35.29 8.68
CA TYR B 120 -10.96 36.44 9.36
C TYR B 120 -11.35 37.48 8.33
N TRP B 121 -12.64 37.82 8.27
CA TRP B 121 -13.15 38.75 7.28
C TRP B 121 -14.40 39.40 7.84
N ARG B 122 -14.97 40.34 7.09
CA ARG B 122 -16.13 41.09 7.54
C ARG B 122 -17.25 40.97 6.52
N ASP B 123 -18.45 40.65 7.00
CA ASP B 123 -19.66 40.61 6.19
C ASP B 123 -20.65 41.59 6.80
N LYS B 124 -20.97 42.65 6.07
CA LYS B 124 -21.89 43.67 6.57
C LYS B 124 -23.31 43.14 6.77
N ARG B 125 -23.66 42.03 6.12
CA ARG B 125 -24.98 41.43 6.28
C ARG B 125 -25.15 40.72 7.60
N LEU B 126 -24.04 40.39 8.28
CA LEU B 126 -24.07 39.68 9.56
C LEU B 126 -23.83 40.61 10.73
N ALA B 127 -24.07 41.90 10.53
CA ALA B 127 -23.95 42.87 11.60
C ALA B 127 -25.23 42.91 12.42
N TYR B 128 -25.06 42.92 13.74
CA TYR B 128 -26.20 42.93 14.65
C TYR B 128 -25.95 43.91 15.78
N SER B 129 -27.02 44.45 16.34
CA SER B 129 -26.96 45.39 17.45
C SER B 129 -27.93 44.97 18.54
N GLY B 130 -27.68 45.48 19.74
CA GLY B 130 -28.48 45.17 20.90
C GLY B 130 -27.92 44.05 21.78
N ILE B 131 -26.97 43.29 21.26
CA ILE B 131 -26.31 42.24 22.05
C ILE B 131 -24.83 42.56 22.14
N PRO B 132 -24.32 42.93 23.31
CA PRO B 132 -22.88 43.20 23.46
C PRO B 132 -22.08 41.93 23.72
N LEU B 133 -22.11 41.02 22.75
CA LEU B 133 -21.42 39.73 22.88
C LEU B 133 -20.87 39.30 21.53
N ASN B 134 -19.79 38.52 21.59
CA ASN B 134 -19.27 37.85 20.42
C ASN B 134 -19.92 36.47 20.38
N LEU B 135 -20.92 36.31 19.53
CA LEU B 135 -21.71 35.08 19.53
C LEU B 135 -20.93 33.96 18.85
N THR B 136 -20.70 32.88 19.59
CA THR B 136 -20.18 31.65 19.02
C THR B 136 -21.37 30.74 18.74
N LEU B 137 -21.53 30.37 17.48
CA LEU B 137 -22.66 29.57 17.04
C LEU B 137 -22.19 28.14 16.76
N ASP B 138 -23.15 27.22 16.73
CA ASP B 138 -22.85 25.84 16.39
C ASP B 138 -22.28 25.78 14.98
N ASN B 139 -21.23 24.97 14.80
CA ASN B 139 -20.48 25.01 13.56
C ASN B 139 -21.31 24.58 12.35
N ARG B 140 -22.46 23.95 12.58
CA ARG B 140 -23.34 23.60 11.47
C ARG B 140 -23.90 24.82 10.76
N VAL B 141 -23.81 26.01 11.37
CA VAL B 141 -24.28 27.23 10.71
C VAL B 141 -23.34 27.70 9.62
N ALA B 142 -22.10 27.18 9.59
CA ALA B 142 -21.18 27.55 8.52
C ALA B 142 -21.70 27.12 7.16
N ASP B 143 -22.51 26.06 7.12
CA ASP B 143 -23.11 25.62 5.87
C ASP B 143 -24.14 26.60 5.34
N GLN B 144 -24.53 27.60 6.12
CA GLN B 144 -25.52 28.59 5.70
C GLN B 144 -24.93 29.94 5.40
N LEU B 145 -23.63 30.14 5.63
CA LEU B 145 -22.96 31.41 5.41
C LEU B 145 -21.97 31.29 4.26
N TRP B 146 -21.50 32.45 3.80
CA TRP B 146 -20.43 32.47 2.80
C TRP B 146 -19.09 32.38 3.50
N VAL B 147 -18.24 31.45 3.05
CA VAL B 147 -16.88 31.34 3.56
C VAL B 147 -15.93 31.39 2.37
N PRO B 148 -14.71 31.87 2.53
CA PRO B 148 -13.78 31.91 1.40
C PRO B 148 -13.46 30.51 0.89
N ASP B 149 -13.24 30.43 -0.42
CA ASP B 149 -12.90 29.17 -1.08
C ASP B 149 -11.40 28.92 -1.10
N THR B 150 -10.78 29.01 0.06
CA THR B 150 -9.33 28.82 0.16
C THR B 150 -8.95 27.37 -0.09
N TYR B 151 -7.87 27.17 -0.83
CA TYR B 151 -7.33 25.84 -1.09
C TYR B 151 -5.82 25.90 -1.03
N PHE B 152 -5.19 24.73 -0.94
CA PHE B 152 -3.75 24.61 -0.93
C PHE B 152 -3.30 23.96 -2.22
N LEU B 153 -2.39 24.61 -2.94
CA LEU B 153 -2.05 24.15 -4.29
C LEU B 153 -1.25 22.86 -4.26
N ASN B 154 -0.32 22.73 -3.32
CA ASN B 154 0.52 21.54 -3.24
C ASN B 154 -0.09 20.46 -2.36
N ASP B 155 -1.31 20.66 -1.88
CA ASP B 155 -2.00 19.68 -1.06
C ASP B 155 -2.28 18.42 -1.87
N LYS B 156 -1.97 17.25 -1.31
CA LYS B 156 -2.18 15.97 -1.96
C LYS B 156 -3.31 15.16 -1.35
N LYS B 157 -3.45 15.20 -0.03
CA LYS B 157 -4.50 14.45 0.65
C LYS B 157 -4.72 15.11 2.00
N SER B 158 -5.84 15.79 2.16
CA SER B 158 -6.14 16.50 3.39
C SER B 158 -7.55 16.19 3.86
N PHE B 159 -7.80 16.43 5.15
CA PHE B 159 -9.12 16.26 5.72
C PHE B 159 -9.28 17.21 6.90
N VAL B 160 -10.52 17.48 7.24
CA VAL B 160 -10.87 18.19 8.47
C VAL B 160 -11.29 17.14 9.49
N HIS B 161 -10.76 17.25 10.70
CA HIS B 161 -11.05 16.27 11.74
C HIS B 161 -12.54 16.32 12.11
N GLY B 162 -13.05 15.18 12.56
CA GLY B 162 -14.48 15.06 12.79
C GLY B 162 -14.94 14.33 14.04
N VAL B 163 -14.16 14.39 15.11
CA VAL B 163 -14.53 13.81 16.39
C VAL B 163 -14.34 14.87 17.47
N THR B 164 -15.36 15.05 18.32
CA THR B 164 -16.61 14.29 18.29
C THR B 164 -17.63 14.91 17.32
N VAL B 165 -17.36 16.15 16.92
CA VAL B 165 -18.10 16.82 15.87
C VAL B 165 -17.08 17.33 14.86
N LYS B 166 -17.56 18.06 13.85
CA LYS B 166 -16.67 18.68 12.89
C LYS B 166 -15.83 19.73 13.59
N ASN B 167 -14.51 19.61 13.48
CA ASN B 167 -13.60 20.53 14.17
C ASN B 167 -13.63 21.87 13.45
N ARG B 168 -14.65 22.66 13.74
CA ARG B 168 -14.92 23.89 13.03
C ARG B 168 -15.49 24.91 14.00
N MET B 169 -15.16 26.17 13.77
CA MET B 169 -15.61 27.27 14.63
C MET B 169 -16.19 28.38 13.78
N ILE B 170 -17.29 28.96 14.24
CA ILE B 170 -17.88 30.16 13.67
C ILE B 170 -18.17 31.12 14.82
N ARG B 171 -17.56 32.31 14.77
CA ARG B 171 -17.77 33.32 15.79
C ARG B 171 -18.09 34.64 15.11
N LEU B 172 -19.24 35.21 15.42
CA LEU B 172 -19.67 36.48 14.84
C LEU B 172 -19.44 37.61 15.84
N HIS B 173 -19.19 38.79 15.31
CA HIS B 173 -18.94 40.00 16.07
C HIS B 173 -19.99 41.04 15.73
N PRO B 174 -20.24 42.02 16.61
CA PRO B 174 -21.34 42.98 16.35
C PRO B 174 -21.22 43.74 15.05
N ASP B 175 -20.02 44.05 14.58
CA ASP B 175 -19.86 44.83 13.37
C ASP B 175 -19.97 43.98 12.10
N GLY B 176 -20.18 42.67 12.24
CA GLY B 176 -20.26 41.80 11.09
C GLY B 176 -19.01 40.99 10.83
N THR B 177 -17.95 41.20 11.60
CA THR B 177 -16.72 40.46 11.40
C THR B 177 -16.92 39.00 11.74
N VAL B 178 -16.42 38.11 10.88
CA VAL B 178 -16.60 36.67 11.02
C VAL B 178 -15.24 36.05 11.29
N LEU B 179 -15.18 35.18 12.28
CA LEU B 179 -14.01 34.36 12.55
C LEU B 179 -14.35 32.91 12.26
N TYR B 180 -13.56 32.27 11.41
CA TYR B 180 -13.86 30.94 10.91
C TYR B 180 -12.60 30.10 11.00
N GLY B 181 -12.64 29.06 11.83
CA GLY B 181 -11.49 28.22 12.07
C GLY B 181 -11.74 26.79 11.65
N LEU B 182 -10.67 26.11 11.27
CA LEU B 182 -10.72 24.70 10.90
C LEU B 182 -9.52 23.98 11.50
N ARG B 183 -9.65 22.68 11.65
CA ARG B 183 -8.55 21.84 12.11
C ARG B 183 -8.23 20.87 10.98
N ILE B 184 -7.12 21.10 10.30
CA ILE B 184 -6.80 20.45 9.03
C ILE B 184 -5.52 19.65 9.19
N THR B 185 -5.50 18.45 8.60
CA THR B 185 -4.29 17.66 8.44
C THR B 185 -4.09 17.43 6.95
N THR B 186 -2.99 17.94 6.41
CA THR B 186 -2.72 17.85 4.98
C THR B 186 -1.38 17.19 4.74
N THR B 187 -1.30 16.37 3.70
CA THR B 187 -0.05 15.81 3.21
C THR B 187 0.37 16.65 2.01
N ALA B 188 1.20 17.66 2.26
CA ALA B 188 1.62 18.57 1.21
C ALA B 188 2.87 18.05 0.53
N ALA B 189 3.05 18.41 -0.74
CA ALA B 189 4.18 17.96 -1.53
C ALA B 189 5.34 18.94 -1.46
N CYS B 190 6.56 18.42 -1.35
CA CYS B 190 7.76 19.20 -1.60
C CYS B 190 8.80 18.29 -2.22
N MET B 191 9.30 18.67 -3.39
CA MET B 191 10.31 17.89 -4.08
C MET B 191 11.69 18.26 -3.54
N MET B 192 12.46 17.25 -3.15
CA MET B 192 13.71 17.46 -2.45
C MET B 192 14.90 17.28 -3.38
N ASP B 193 15.99 17.97 -3.04
CA ASP B 193 17.28 17.83 -3.71
C ASP B 193 18.18 17.05 -2.77
N LEU B 194 18.54 15.83 -3.16
CA LEU B 194 19.29 14.93 -2.30
C LEU B 194 20.75 14.76 -2.74
N ARG B 195 21.28 15.72 -3.48
CA ARG B 195 22.67 15.63 -3.91
C ARG B 195 23.64 15.68 -2.75
N ARG B 196 23.27 16.37 -1.66
CA ARG B 196 24.10 16.43 -0.47
C ARG B 196 23.54 15.60 0.68
N TYR B 197 22.59 14.72 0.40
CA TYR B 197 22.09 13.80 1.42
C TYR B 197 23.24 12.96 1.96
N PRO B 198 23.33 12.75 3.28
CA PRO B 198 22.44 13.18 4.36
C PRO B 198 22.81 14.52 4.99
N LEU B 199 23.73 15.27 4.41
CA LEU B 199 24.05 16.61 4.89
C LEU B 199 23.18 17.68 4.24
N ASP B 200 21.99 17.31 3.77
CA ASP B 200 21.18 18.20 2.96
C ASP B 200 20.41 19.18 3.84
N GLU B 201 19.83 20.18 3.18
CA GLU B 201 19.02 21.20 3.83
C GLU B 201 17.83 21.48 2.92
N GLN B 202 16.65 21.06 3.34
CA GLN B 202 15.48 21.14 2.48
C GLN B 202 14.61 22.35 2.85
N ASN B 203 13.68 22.65 1.95
CA ASN B 203 12.78 23.79 2.09
C ASN B 203 11.42 23.36 1.56
N CYS B 204 10.49 23.09 2.46
CA CYS B 204 9.16 22.61 2.11
C CYS B 204 8.15 23.70 2.44
N THR B 205 7.28 24.00 1.47
CA THR B 205 6.34 25.12 1.55
C THR B 205 4.91 24.62 1.67
N LEU B 206 3.99 25.57 1.81
CA LEU B 206 2.55 25.29 1.79
C LEU B 206 1.87 26.48 1.13
N GLU B 207 1.40 26.29 -0.09
CA GLU B 207 0.77 27.37 -0.84
C GLU B 207 -0.69 27.53 -0.44
N ILE B 208 -1.14 28.78 -0.36
CA ILE B 208 -2.50 29.12 0.04
C ILE B 208 -3.06 30.06 -1.01
N GLU B 209 -4.23 29.73 -1.56
CA GLU B 209 -4.76 30.50 -2.67
C GLU B 209 -6.27 30.38 -2.71
N SER B 210 -6.90 31.31 -3.43
CA SER B 210 -8.33 31.29 -3.67
C SER B 210 -8.61 30.70 -5.04
N TYR B 211 -9.48 29.67 -5.09
CA TYR B 211 -9.69 28.99 -6.36
C TYR B 211 -10.54 29.80 -7.33
N GLY B 212 -11.60 30.43 -6.85
CA GLY B 212 -12.55 31.03 -7.76
C GLY B 212 -12.52 32.54 -7.88
N TYR B 213 -12.01 33.22 -6.86
CA TYR B 213 -12.08 34.68 -6.79
C TYR B 213 -10.74 35.29 -7.13
N THR B 214 -10.73 36.20 -8.11
CA THR B 214 -9.53 36.89 -8.53
C THR B 214 -9.23 38.04 -7.57
N THR B 215 -8.18 38.79 -7.87
CA THR B 215 -7.81 39.93 -7.04
C THR B 215 -8.81 41.07 -7.13
N ASP B 216 -9.73 41.03 -8.09
CA ASP B 216 -10.83 41.98 -8.13
C ASP B 216 -11.89 41.67 -7.10
N ASP B 217 -11.86 40.49 -6.49
CA ASP B 217 -12.89 40.05 -5.56
C ASP B 217 -12.39 39.75 -4.17
N ILE B 218 -11.14 39.33 -4.01
CA ILE B 218 -10.66 38.87 -2.71
C ILE B 218 -9.20 39.26 -2.55
N GLU B 219 -8.82 39.55 -1.30
CA GLU B 219 -7.45 39.84 -0.93
C GLU B 219 -7.07 39.00 0.27
N PHE B 220 -5.84 38.50 0.28
CA PHE B 220 -5.30 37.77 1.41
C PHE B 220 -4.19 38.58 2.07
N TYR B 221 -4.07 38.42 3.38
CA TYR B 221 -2.93 38.95 4.10
C TYR B 221 -2.72 38.11 5.35
N TRP B 222 -1.52 38.20 5.92
CA TRP B 222 -1.23 37.53 7.17
C TRP B 222 -1.69 38.42 8.32
N ARG B 223 -2.56 37.89 9.17
CA ARG B 223 -3.15 38.67 10.25
C ARG B 223 -2.18 38.69 11.43
N GLY B 224 -1.37 39.74 11.51
CA GLY B 224 -0.38 39.84 12.55
C GLY B 224 1.02 39.96 12.02
N GLY B 225 1.14 40.17 10.72
CA GLY B 225 2.45 40.33 10.10
C GLY B 225 3.27 39.05 10.22
N ASP B 226 4.45 39.15 10.81
CA ASP B 226 5.32 38.01 10.99
C ASP B 226 4.92 37.13 12.15
N LYS B 227 3.95 37.56 12.97
CA LYS B 227 3.46 36.76 14.08
C LYS B 227 2.21 35.96 13.72
N ALA B 228 1.86 35.90 12.43
CA ALA B 228 0.65 35.22 12.02
C ALA B 228 0.72 33.72 12.28
N VAL B 229 1.88 33.12 12.06
CA VAL B 229 2.05 31.68 12.24
C VAL B 229 2.81 31.44 13.52
N THR B 230 2.22 30.66 14.43
CA THR B 230 2.81 30.33 15.71
C THR B 230 2.87 28.82 15.87
N GLY B 231 3.59 28.37 16.89
CA GLY B 231 3.77 26.98 17.17
C GLY B 231 4.90 26.30 16.43
N VAL B 232 5.70 27.05 15.66
CA VAL B 232 6.81 26.46 14.94
C VAL B 232 7.92 26.05 15.91
N GLU B 233 8.18 26.88 16.93
CA GLU B 233 9.28 26.61 17.85
C GLU B 233 9.07 25.35 18.67
N ARG B 234 7.84 24.89 18.84
CA ARG B 234 7.58 23.71 19.64
C ARG B 234 7.62 22.42 18.85
N ILE B 235 7.76 22.48 17.53
CA ILE B 235 7.78 21.26 16.73
C ILE B 235 9.08 20.53 16.94
N GLU B 236 8.99 19.24 17.26
CA GLU B 236 10.16 18.38 17.46
C GLU B 236 10.12 17.29 16.40
N LEU B 237 11.07 17.33 15.47
CA LEU B 237 11.20 16.32 14.44
C LEU B 237 12.33 15.37 14.78
N PRO B 238 12.11 14.06 14.67
CA PRO B 238 13.19 13.11 14.99
C PRO B 238 14.45 13.30 14.15
N GLN B 239 14.30 13.66 12.88
CA GLN B 239 15.40 13.65 11.94
C GLN B 239 15.76 15.03 11.42
N PHE B 240 15.00 16.07 11.78
CA PHE B 240 15.23 17.41 11.26
C PHE B 240 15.19 18.41 12.41
N SER B 241 15.70 19.61 12.14
CA SER B 241 15.55 20.75 13.02
C SER B 241 15.14 21.95 12.18
N ILE B 242 14.05 22.62 12.55
CA ILE B 242 13.49 23.69 11.74
C ILE B 242 14.35 24.94 11.94
N VAL B 243 15.16 25.26 10.94
CA VAL B 243 16.07 26.40 11.05
C VAL B 243 15.30 27.71 11.00
N GLU B 244 14.32 27.82 10.12
CA GLU B 244 13.63 29.08 9.90
C GLU B 244 12.28 28.81 9.26
N HIS B 245 11.37 29.77 9.44
CA HIS B 245 10.10 29.79 8.72
C HIS B 245 9.86 31.20 8.20
N ARG B 246 9.22 31.28 7.04
CA ARG B 246 9.06 32.57 6.36
C ARG B 246 7.65 32.68 5.78
N LEU B 247 7.12 33.89 5.78
CA LEU B 247 5.77 34.18 5.28
C LEU B 247 5.87 35.07 4.05
N VAL B 248 5.14 34.70 3.00
CA VAL B 248 5.18 35.39 1.71
C VAL B 248 3.77 35.68 1.25
N SER B 249 3.56 36.88 0.71
CA SER B 249 2.28 37.28 0.11
C SER B 249 2.56 37.84 -1.28
N ARG B 250 1.81 37.37 -2.27
CA ARG B 250 2.05 37.77 -3.65
C ARG B 250 0.80 37.46 -4.49
N ASN B 251 0.92 37.64 -5.80
CA ASN B 251 -0.14 37.34 -6.75
C ASN B 251 0.38 36.34 -7.77
N VAL B 252 -0.48 35.42 -8.19
CA VAL B 252 -0.16 34.42 -9.19
C VAL B 252 -1.14 34.56 -10.34
N VAL B 253 -0.62 34.61 -11.57
CA VAL B 253 -1.42 34.84 -12.76
C VAL B 253 -1.58 33.52 -13.51
N PHE B 254 -2.82 33.09 -13.66
CA PHE B 254 -3.17 31.92 -14.44
C PHE B 254 -3.90 32.36 -15.70
N ALA B 255 -4.37 31.39 -16.48
CA ALA B 255 -5.08 31.73 -17.72
C ALA B 255 -6.44 32.33 -17.46
N THR B 256 -6.95 32.29 -16.23
CA THR B 256 -8.27 32.79 -15.90
C THR B 256 -8.25 34.05 -15.05
N GLY B 257 -7.09 34.53 -14.64
CA GLY B 257 -6.99 35.78 -13.92
C GLY B 257 -5.84 35.77 -12.95
N ALA B 258 -5.79 36.83 -12.15
CA ALA B 258 -4.76 37.01 -11.13
C ALA B 258 -5.34 36.69 -9.77
N TYR B 259 -4.64 35.88 -8.98
CA TYR B 259 -5.17 35.38 -7.73
C TYR B 259 -4.24 35.71 -6.59
N PRO B 260 -4.78 35.94 -5.39
CA PRO B 260 -3.92 36.20 -4.23
C PRO B 260 -3.36 34.91 -3.66
N ARG B 261 -2.09 34.95 -3.26
CA ARG B 261 -1.43 33.78 -2.71
C ARG B 261 -0.68 34.13 -1.45
N LEU B 262 -0.83 33.31 -0.43
CA LEU B 262 0.02 33.32 0.75
C LEU B 262 0.89 32.07 0.74
N SER B 263 2.16 32.23 1.09
CA SER B 263 3.09 31.12 1.12
C SER B 263 3.76 31.06 2.49
N LEU B 264 3.80 29.86 3.07
CA LEU B 264 4.50 29.60 4.32
C LEU B 264 5.56 28.56 4.06
N SER B 265 6.81 28.89 4.34
CA SER B 265 7.94 28.03 4.00
C SER B 265 8.80 27.78 5.22
N PHE B 266 9.23 26.54 5.39
CA PHE B 266 10.16 26.15 6.42
C PHE B 266 11.49 25.74 5.80
N ARG B 267 12.57 25.96 6.54
CA ARG B 267 13.89 25.48 6.15
C ARG B 267 14.29 24.38 7.12
N LEU B 268 14.53 23.18 6.60
CA LEU B 268 14.80 22.00 7.40
C LEU B 268 16.24 21.57 7.23
N LYS B 269 16.94 21.34 8.34
CA LYS B 269 18.30 20.85 8.32
C LYS B 269 18.32 19.43 8.86
N ARG B 270 18.88 18.51 8.09
CA ARG B 270 18.90 17.11 8.51
C ARG B 270 19.95 16.90 9.59
N ASN B 271 19.61 16.04 10.55
CA ASN B 271 20.55 15.68 11.61
C ASN B 271 21.38 14.48 11.19
N ILE B 272 22.69 14.55 11.44
CA ILE B 272 23.62 13.55 10.95
C ILE B 272 23.96 12.49 11.99
N GLY B 273 23.41 12.60 13.20
CA GLY B 273 23.76 11.64 14.24
C GLY B 273 23.37 10.21 13.89
N TYR B 274 22.21 10.05 13.27
CA TYR B 274 21.75 8.72 12.88
C TYR B 274 22.64 8.10 11.83
N PHE B 275 23.06 8.87 10.84
CA PHE B 275 23.85 8.32 9.75
C PHE B 275 25.29 8.02 10.15
N ILE B 276 25.78 8.65 11.22
CA ILE B 276 27.10 8.30 11.73
C ILE B 276 27.09 6.88 12.30
N LEU B 277 26.05 6.52 13.05
CA LEU B 277 25.98 5.22 13.69
C LEU B 277 25.60 4.10 12.74
N GLN B 278 25.07 4.42 11.55
CA GLN B 278 24.47 3.42 10.69
C GLN B 278 25.23 3.18 9.38
N THR B 279 25.84 4.22 8.81
CA THR B 279 26.41 4.07 7.48
C THR B 279 27.87 4.48 7.43
N TYR B 280 28.26 5.45 8.24
CA TYR B 280 29.63 5.94 8.22
C TYR B 280 30.55 5.11 9.10
N MET B 281 30.23 4.98 10.38
CA MET B 281 31.05 4.17 11.27
C MET B 281 31.11 2.70 10.84
N PRO B 282 30.03 2.04 10.43
CA PRO B 282 30.18 0.69 9.88
C PRO B 282 31.08 0.62 8.66
N SER B 283 31.08 1.65 7.82
CA SER B 283 31.94 1.64 6.64
C SER B 283 33.40 1.94 6.97
N ILE B 284 33.65 2.77 7.97
CA ILE B 284 35.02 3.05 8.37
C ILE B 284 35.67 1.80 8.96
N LEU B 285 34.93 1.07 9.80
CA LEU B 285 35.50 -0.10 10.46
C LEU B 285 35.79 -1.21 9.46
N ILE B 286 34.93 -1.39 8.46
CA ILE B 286 35.19 -2.38 7.43
C ILE B 286 36.44 -2.01 6.63
N THR B 287 36.58 -0.72 6.29
CA THR B 287 37.77 -0.28 5.57
C THR B 287 39.03 -0.48 6.40
N ILE B 288 38.95 -0.17 7.69
CA ILE B 288 40.12 -0.35 8.56
C ILE B 288 40.49 -1.83 8.65
N LEU B 289 39.50 -2.70 8.78
CA LEU B 289 39.76 -4.11 8.96
C LEU B 289 40.44 -4.73 7.75
N SER B 290 40.29 -4.14 6.57
CA SER B 290 40.97 -4.68 5.40
C SER B 290 42.47 -4.46 5.46
N TRP B 291 42.92 -3.45 6.22
CA TRP B 291 44.35 -3.19 6.36
C TRP B 291 45.04 -4.19 7.26
N VAL B 292 44.29 -5.05 7.94
CA VAL B 292 44.89 -6.09 8.76
C VAL B 292 45.67 -7.07 7.89
N SER B 293 45.25 -7.23 6.63
CA SER B 293 45.90 -8.18 5.75
C SER B 293 47.36 -7.81 5.46
N PHE B 294 47.76 -6.57 5.74
CA PHE B 294 49.13 -6.17 5.50
C PHE B 294 50.11 -6.71 6.54
N TRP B 295 49.63 -7.05 7.73
CA TRP B 295 50.48 -7.61 8.78
C TRP B 295 50.52 -9.13 8.77
N ILE B 296 49.84 -9.77 7.83
CA ILE B 296 49.84 -11.22 7.69
C ILE B 296 50.87 -11.60 6.64
N ASN B 297 51.55 -12.71 6.86
CA ASN B 297 52.59 -13.16 5.93
C ASN B 297 52.00 -13.45 4.56
N TYR B 298 52.74 -13.07 3.51
CA TYR B 298 52.23 -13.18 2.16
C TYR B 298 52.09 -14.62 1.69
N ASP B 299 52.70 -15.57 2.38
CA ASP B 299 52.51 -16.97 2.03
C ASP B 299 51.15 -17.50 2.47
N ALA B 300 50.49 -16.81 3.39
CA ALA B 300 49.14 -17.19 3.81
C ALA B 300 48.15 -16.67 2.78
N SER B 301 48.02 -17.43 1.69
CA SER B 301 47.18 -17.00 0.58
C SER B 301 45.70 -17.05 0.96
N ALA B 302 45.26 -18.13 1.59
CA ALA B 302 43.84 -18.27 1.92
C ALA B 302 43.41 -17.25 2.96
N ALA B 303 44.28 -16.93 3.91
CA ALA B 303 43.93 -15.98 4.96
C ALA B 303 43.73 -14.58 4.41
N ARG B 304 44.65 -14.11 3.56
CA ARG B 304 44.56 -12.74 3.06
C ARG B 304 43.50 -12.58 1.99
N VAL B 305 43.26 -13.60 1.17
CA VAL B 305 42.21 -13.50 0.15
C VAL B 305 40.84 -13.51 0.81
N ALA B 306 40.64 -14.37 1.81
CA ALA B 306 39.36 -14.39 2.51
C ALA B 306 39.09 -13.06 3.19
N LEU B 307 40.12 -12.48 3.81
CA LEU B 307 39.97 -11.18 4.44
C LEU B 307 39.67 -10.09 3.41
N GLY B 308 40.34 -10.14 2.25
CA GLY B 308 40.10 -9.13 1.23
C GLY B 308 38.75 -9.28 0.57
N ILE B 309 38.37 -10.50 0.21
CA ILE B 309 37.08 -10.73 -0.46
C ILE B 309 35.94 -10.33 0.45
N THR B 310 36.00 -10.73 1.72
CA THR B 310 34.87 -10.51 2.63
C THR B 310 34.58 -9.03 2.80
N THR B 311 35.62 -8.21 2.96
CA THR B 311 35.39 -6.78 3.14
C THR B 311 34.92 -6.11 1.85
N VAL B 312 35.37 -6.60 0.69
CA VAL B 312 34.96 -5.99 -0.57
C VAL B 312 33.48 -6.21 -0.83
N LEU B 313 33.01 -7.44 -0.65
CA LEU B 313 31.60 -7.73 -0.90
C LEU B 313 30.71 -7.14 0.18
N THR B 314 31.21 -6.99 1.40
CA THR B 314 30.44 -6.33 2.45
C THR B 314 30.15 -4.88 2.10
N MET B 315 31.14 -4.18 1.55
CA MET B 315 30.94 -2.78 1.21
C MET B 315 29.89 -2.63 0.10
N THR B 316 29.89 -3.56 -0.85
CA THR B 316 28.87 -3.53 -1.89
C THR B 316 27.47 -3.74 -1.32
N THR B 317 27.34 -4.65 -0.36
CA THR B 317 26.04 -4.91 0.25
C THR B 317 25.54 -3.70 1.04
N ILE B 318 26.44 -2.99 1.71
CA ILE B 318 26.04 -1.80 2.46
C ILE B 318 25.49 -0.74 1.53
N ASN B 319 26.16 -0.52 0.40
CA ASN B 319 25.73 0.53 -0.53
C ASN B 319 24.37 0.22 -1.12
N THR B 320 24.16 -1.02 -1.59
CA THR B 320 22.89 -1.35 -2.21
C THR B 320 21.74 -1.37 -1.21
N HIS B 321 22.03 -1.74 0.04
CA HIS B 321 20.98 -1.76 1.05
C HIS B 321 20.42 -0.36 1.31
N LEU B 322 21.30 0.64 1.39
CA LEU B 322 20.85 1.99 1.68
C LEU B 322 20.01 2.57 0.55
N ARG B 323 20.42 2.34 -0.70
CA ARG B 323 19.73 2.95 -1.83
C ARG B 323 18.35 2.35 -2.09
N GLU B 324 18.00 1.27 -1.40
CA GLU B 324 16.69 0.66 -1.53
C GLU B 324 15.66 1.27 -0.58
N THR B 325 16.05 2.24 0.24
CA THR B 325 15.15 2.90 1.17
C THR B 325 14.88 4.35 0.76
N LEU B 326 15.20 4.71 -0.47
CA LEU B 326 15.11 6.07 -0.97
C LEU B 326 14.55 6.03 -2.38
N PRO B 327 14.02 7.16 -2.89
CA PRO B 327 13.54 7.18 -4.27
C PRO B 327 14.69 6.94 -5.24
N LYS B 328 14.35 6.36 -6.39
CA LYS B 328 15.35 6.01 -7.40
C LYS B 328 15.80 7.28 -8.12
N ILE B 329 16.70 8.00 -7.48
CA ILE B 329 17.20 9.26 -8.04
C ILE B 329 18.42 8.98 -8.90
N PRO B 330 18.56 9.62 -10.05
CA PRO B 330 19.68 9.31 -10.95
C PRO B 330 21.02 9.86 -10.49
N TYR B 331 21.04 11.03 -9.88
CA TYR B 331 22.31 11.64 -9.51
C TYR B 331 22.96 10.89 -8.36
N VAL B 332 24.14 11.36 -7.97
CA VAL B 332 24.93 10.75 -6.91
C VAL B 332 24.84 11.63 -5.68
N LYS B 333 24.47 11.03 -4.55
CA LYS B 333 24.35 11.74 -3.29
C LYS B 333 25.68 11.75 -2.55
N ALA B 334 25.74 12.53 -1.47
CA ALA B 334 26.97 12.60 -0.70
C ALA B 334 27.30 11.28 -0.02
N ILE B 335 26.28 10.54 0.41
CA ILE B 335 26.53 9.24 1.02
C ILE B 335 27.02 8.22 0.00
N ASP B 336 26.71 8.40 -1.28
CA ASP B 336 27.23 7.50 -2.31
C ASP B 336 28.71 7.75 -2.59
N MET B 337 29.13 9.02 -2.56
CA MET B 337 30.55 9.31 -2.76
C MET B 337 31.41 8.71 -1.66
N TYR B 338 30.89 8.62 -0.44
CA TYR B 338 31.67 8.04 0.64
C TYR B 338 31.77 6.52 0.49
N LEU B 339 30.66 5.85 0.19
CA LEU B 339 30.70 4.40 0.03
C LEU B 339 31.51 4.00 -1.19
N MET B 340 31.41 4.77 -2.28
CA MET B 340 32.24 4.50 -3.44
C MET B 340 33.72 4.78 -3.16
N GLY B 341 34.01 5.78 -2.33
CA GLY B 341 35.38 6.02 -1.93
C GLY B 341 35.92 4.91 -1.05
N CYS B 342 35.10 4.42 -0.12
CA CYS B 342 35.52 3.32 0.74
C CYS B 342 35.60 2.01 -0.02
N PHE B 343 34.83 1.86 -1.10
CA PHE B 343 34.94 0.65 -1.91
C PHE B 343 36.30 0.56 -2.57
N VAL B 344 36.79 1.66 -3.13
CA VAL B 344 38.07 1.65 -3.83
C VAL B 344 39.21 1.34 -2.87
N PHE B 345 39.11 1.82 -1.63
CA PHE B 345 40.15 1.54 -0.65
C PHE B 345 40.20 0.06 -0.29
N VAL B 346 39.05 -0.58 -0.14
CA VAL B 346 39.07 -2.01 0.17
C VAL B 346 39.27 -2.85 -1.07
N PHE B 347 38.99 -2.31 -2.26
CA PHE B 347 39.25 -3.02 -3.49
C PHE B 347 40.73 -3.00 -3.85
N LEU B 348 41.44 -1.93 -3.52
CA LEU B 348 42.88 -1.89 -3.81
C LEU B 348 43.68 -2.74 -2.84
N ALA B 349 43.23 -2.88 -1.59
CA ALA B 349 43.93 -3.74 -0.65
C ALA B 349 43.91 -5.19 -1.11
N LEU B 350 42.77 -5.65 -1.62
CA LEU B 350 42.73 -6.98 -2.23
C LEU B 350 43.55 -7.02 -3.51
N LEU B 351 43.55 -5.92 -4.26
CA LEU B 351 44.38 -5.82 -5.45
C LEU B 351 45.86 -5.70 -5.11
N GLU B 352 46.18 -5.19 -3.93
CA GLU B 352 47.57 -5.12 -3.49
C GLU B 352 48.14 -6.53 -3.29
N TYR B 353 47.36 -7.43 -2.68
CA TYR B 353 47.87 -8.78 -2.46
C TYR B 353 48.01 -9.54 -3.76
N ALA B 354 47.10 -9.31 -4.72
CA ALA B 354 47.21 -9.98 -6.02
C ALA B 354 48.53 -9.63 -6.69
N PHE B 355 49.03 -8.42 -6.48
CA PHE B 355 50.36 -8.09 -6.98
C PHE B 355 51.45 -8.77 -6.17
N VAL B 356 51.32 -8.76 -4.84
CA VAL B 356 52.33 -9.38 -3.98
C VAL B 356 52.35 -10.88 -4.20
N ASN B 357 51.18 -11.51 -4.31
CA ASN B 357 51.11 -12.95 -4.54
C ASN B 357 51.77 -13.31 -5.86
N TYR B 358 51.51 -12.53 -6.90
CA TYR B 358 52.05 -12.82 -8.22
C TYR B 358 53.56 -12.63 -8.29
N ILE B 359 54.14 -11.88 -7.35
CA ILE B 359 55.54 -11.50 -7.46
C ILE B 359 56.42 -12.10 -6.37
N PHE B 360 55.84 -12.64 -5.29
CA PHE B 360 56.66 -13.06 -4.16
C PHE B 360 57.44 -14.34 -4.44
N PHE B 361 57.07 -15.10 -5.46
CA PHE B 361 57.84 -16.30 -5.79
C PHE B 361 59.19 -15.95 -6.37
N SER B 362 59.23 -15.01 -7.33
CA SER B 362 60.48 -14.65 -7.97
C SER B 362 61.38 -13.86 -7.03
N GLN B 363 60.83 -12.86 -6.35
CA GLN B 363 61.61 -12.07 -5.41
C GLN B 363 60.81 -11.78 -4.16
N PRO B 364 61.26 -12.23 -2.98
CA PRO B 364 60.60 -11.86 -1.73
C PRO B 364 61.05 -10.51 -1.19
N ALA B 365 62.13 -9.94 -1.73
CA ALA B 365 62.63 -8.67 -1.22
C ALA B 365 61.66 -7.54 -1.53
N ARG B 366 61.22 -7.44 -2.78
CA ARG B 366 60.28 -6.39 -3.15
C ARG B 366 58.88 -6.69 -2.66
N ALA B 367 58.50 -7.97 -2.58
CA ALA B 367 57.17 -8.32 -2.08
C ALA B 367 56.99 -7.89 -0.63
N ALA B 368 58.03 -8.04 0.17
CA ALA B 368 57.94 -7.62 1.57
C ALA B 368 57.89 -6.10 1.69
N ALA B 369 58.59 -5.39 0.81
CA ALA B 369 58.61 -3.93 0.88
C ALA B 369 57.24 -3.33 0.56
N ILE B 370 56.51 -3.94 -0.38
CA ILE B 370 55.19 -3.43 -0.73
C ILE B 370 54.25 -3.54 0.45
N ASP B 371 54.31 -4.66 1.18
CA ASP B 371 53.48 -4.81 2.36
C ASP B 371 53.80 -3.74 3.40
N ARG B 372 55.10 -3.46 3.62
CA ARG B 372 55.47 -2.48 4.63
C ARG B 372 55.05 -1.07 4.24
N TRP B 373 55.20 -0.70 2.97
CA TRP B 373 54.73 0.60 2.52
C TRP B 373 53.21 0.71 2.64
N SER B 374 52.49 -0.37 2.30
CA SER B 374 51.04 -0.34 2.37
C SER B 374 50.53 -0.22 3.80
N ARG B 375 51.35 -0.54 4.80
CA ARG B 375 50.95 -0.30 6.18
C ARG B 375 50.89 1.18 6.50
N ILE B 376 51.55 2.03 5.71
CA ILE B 376 51.63 3.46 5.96
C ILE B 376 50.78 4.24 4.97
N VAL B 377 50.86 3.90 3.68
CA VAL B 377 50.14 4.64 2.66
C VAL B 377 48.63 4.50 2.84
N PHE B 378 48.15 3.27 3.11
CA PHE B 378 46.71 3.07 3.20
C PHE B 378 46.08 3.82 4.37
N PRO B 379 46.58 3.74 5.60
CA PRO B 379 45.99 4.57 6.67
C PRO B 379 46.16 6.06 6.42
N PHE B 380 47.26 6.47 5.79
CA PHE B 380 47.50 7.89 5.57
C PHE B 380 46.55 8.47 4.54
N THR B 381 46.34 7.75 3.43
CA THR B 381 45.51 8.28 2.36
C THR B 381 44.03 8.27 2.72
N PHE B 382 43.59 7.26 3.47
CA PHE B 382 42.19 7.21 3.89
C PHE B 382 41.84 8.37 4.80
N SER B 383 42.76 8.74 5.69
CA SER B 383 42.53 9.91 6.54
C SER B 383 42.53 11.19 5.72
N LEU B 384 43.34 11.26 4.67
CA LEU B 384 43.28 12.40 3.77
C LEU B 384 41.96 12.43 3.00
N PHE B 385 41.46 11.25 2.62
CA PHE B 385 40.16 11.19 1.96
C PHE B 385 39.06 11.67 2.89
N ASN B 386 39.11 11.30 4.16
CA ASN B 386 38.11 11.79 5.10
C ASN B 386 38.28 13.28 5.36
N LEU B 387 39.51 13.78 5.37
CA LEU B 387 39.71 15.20 5.59
C LEU B 387 39.09 16.03 4.49
N VAL B 388 39.29 15.63 3.23
CA VAL B 388 38.75 16.38 2.10
C VAL B 388 37.23 16.25 2.05
N TYR B 389 36.71 15.05 2.29
CA TYR B 389 35.28 14.81 2.18
C TYR B 389 34.49 15.64 3.19
N TRP B 390 34.86 15.57 4.46
CA TRP B 390 34.07 16.24 5.50
C TRP B 390 34.21 17.75 5.40
N LEU B 391 35.42 18.25 5.09
CA LEU B 391 35.59 19.69 4.98
C LEU B 391 34.83 20.25 3.78
N TYR B 392 34.70 19.47 2.71
CA TYR B 392 33.96 19.92 1.54
C TYR B 392 32.46 19.98 1.82
N TYR B 393 31.92 19.01 2.56
CA TYR B 393 30.48 18.94 2.78
C TYR B 393 30.05 19.69 4.03
N VAL B 394 30.65 19.38 5.18
CA VAL B 394 30.31 20.08 6.41
C VAL B 394 30.76 21.52 6.34
N GLY C 27 -47.13 7.58 21.77
CA GLY C 27 -48.35 8.28 22.13
C GLY C 27 -48.11 9.63 22.76
N ASP C 28 -48.22 9.70 24.09
CA ASP C 28 -47.96 10.95 24.79
C ASP C 28 -46.47 11.25 24.91
N VAL C 29 -45.61 10.25 24.74
CA VAL C 29 -44.18 10.52 24.67
C VAL C 29 -43.86 11.30 23.40
N THR C 30 -44.59 11.03 22.31
CA THR C 30 -44.43 11.82 21.09
C THR C 30 -44.82 13.27 21.33
N VAL C 31 -45.87 13.50 22.13
CA VAL C 31 -46.28 14.86 22.45
C VAL C 31 -45.20 15.57 23.25
N ILE C 32 -44.59 14.86 24.21
CA ILE C 32 -43.51 15.44 24.99
C ILE C 32 -42.33 15.82 24.10
N LEU C 33 -41.92 14.90 23.22
CA LEU C 33 -40.77 15.15 22.37
C LEU C 33 -41.04 16.28 21.39
N ASN C 34 -42.26 16.34 20.84
CA ASN C 34 -42.58 17.40 19.89
C ASN C 34 -42.60 18.76 20.57
N ASN C 35 -43.14 18.84 21.78
CA ASN C 35 -43.20 20.12 22.48
C ASN C 35 -41.83 20.60 22.91
N LEU C 36 -40.91 19.68 23.23
CA LEU C 36 -39.56 20.10 23.61
C LEU C 36 -38.84 20.77 22.46
N LEU C 37 -38.98 20.23 21.25
CA LEU C 37 -38.27 20.73 20.08
C LEU C 37 -39.03 21.84 19.36
N GLU C 38 -40.17 22.27 19.89
CA GLU C 38 -40.92 23.38 19.30
C GLU C 38 -40.26 24.69 19.71
N GLY C 39 -39.71 25.41 18.75
CA GLY C 39 -38.99 26.64 19.03
C GLY C 39 -37.59 26.45 19.55
N TYR C 40 -37.12 25.22 19.68
CA TYR C 40 -35.77 24.96 20.11
C TYR C 40 -34.78 25.40 19.04
N ASP C 41 -33.68 26.01 19.47
CA ASP C 41 -32.63 26.46 18.56
C ASP C 41 -31.33 25.78 18.96
N ASN C 42 -30.89 24.82 18.15
CA ASN C 42 -29.68 24.07 18.46
C ASN C 42 -28.41 24.83 18.11
N LYS C 43 -28.52 26.01 17.49
CA LYS C 43 -27.33 26.81 17.24
C LYS C 43 -26.82 27.45 18.53
N LEU C 44 -27.71 27.74 19.47
CA LEU C 44 -27.36 28.46 20.69
C LEU C 44 -27.13 27.46 21.82
N ARG C 45 -26.00 27.63 22.53
CA ARG C 45 -25.72 26.80 23.68
C ARG C 45 -26.65 27.18 24.84
N PRO C 46 -26.89 26.25 25.77
CA PRO C 46 -27.71 26.59 26.93
C PRO C 46 -27.05 27.68 27.75
N ASP C 47 -27.88 28.60 28.25
CA ASP C 47 -27.40 29.73 29.06
C ASP C 47 -26.36 30.54 28.31
N ILE C 48 -26.67 30.89 27.05
CA ILE C 48 -25.68 31.50 26.18
C ILE C 48 -25.24 32.85 26.72
N GLY C 49 -26.18 33.66 27.21
CA GLY C 49 -25.86 34.95 27.75
C GLY C 49 -25.85 35.05 29.27
N VAL C 50 -25.87 33.92 29.98
CA VAL C 50 -26.06 33.95 31.43
C VAL C 50 -24.82 33.43 32.15
N LYS C 51 -24.49 32.16 31.95
CA LYS C 51 -23.41 31.53 32.70
C LYS C 51 -22.79 30.45 31.82
N PRO C 52 -21.56 30.05 32.12
CA PRO C 52 -20.94 28.96 31.35
C PRO C 52 -21.71 27.66 31.49
N THR C 53 -21.69 26.87 30.41
CA THR C 53 -22.31 25.56 30.39
C THR C 53 -21.32 24.55 30.97
N LEU C 54 -21.67 23.96 32.10
CA LEU C 54 -20.78 23.04 32.79
C LEU C 54 -21.03 21.62 32.29
N ILE C 55 -19.97 20.93 31.90
CA ILE C 55 -20.05 19.62 31.30
C ILE C 55 -19.25 18.64 32.15
N HIS C 56 -19.90 17.55 32.56
CA HIS C 56 -19.25 16.50 33.34
C HIS C 56 -18.89 15.35 32.43
N THR C 57 -17.62 14.94 32.46
CA THR C 57 -17.10 13.96 31.51
C THR C 57 -16.69 12.69 32.24
N ASP C 58 -17.12 11.56 31.69
CA ASP C 58 -16.66 10.23 32.07
C ASP C 58 -15.90 9.62 30.91
N MET C 59 -15.29 8.47 31.17
CA MET C 59 -14.56 7.76 30.13
C MET C 59 -14.32 6.32 30.54
N TYR C 60 -14.78 5.37 29.73
CA TYR C 60 -14.49 3.95 29.93
C TYR C 60 -13.59 3.49 28.79
N VAL C 61 -12.45 2.90 29.14
CA VAL C 61 -11.43 2.53 28.17
C VAL C 61 -11.63 1.06 27.82
N ASN C 62 -12.14 0.80 26.61
CA ASN C 62 -12.32 -0.59 26.18
C ASN C 62 -10.99 -1.28 25.98
N SER C 63 -10.01 -0.59 25.39
CA SER C 63 -8.70 -1.17 25.16
C SER C 63 -7.74 -0.08 24.74
N ILE C 64 -6.49 -0.18 25.20
CA ILE C 64 -5.42 0.69 24.77
C ILE C 64 -4.59 -0.10 23.77
N GLY C 65 -4.76 0.19 22.49
CA GLY C 65 -4.18 -0.60 21.44
C GLY C 65 -2.68 -0.43 21.34
N PRO C 66 -2.13 -0.79 20.19
CA PRO C 66 -0.66 -0.85 20.06
C PRO C 66 -0.02 0.53 20.17
N VAL C 67 1.21 0.54 20.67
CA VAL C 67 2.01 1.75 20.72
C VAL C 67 2.96 1.71 19.53
N ASN C 68 2.80 2.66 18.62
CA ASN C 68 3.64 2.75 17.43
C ASN C 68 4.79 3.68 17.74
N ALA C 69 5.98 3.12 17.94
CA ALA C 69 7.14 3.96 18.26
C ALA C 69 7.65 4.68 17.02
N ILE C 70 7.57 4.04 15.85
CA ILE C 70 8.04 4.67 14.62
C ILE C 70 7.26 5.93 14.33
N ASN C 71 5.94 5.86 14.42
CA ASN C 71 5.08 7.01 14.19
C ASN C 71 4.80 7.82 15.45
N MET C 72 5.21 7.32 16.62
CA MET C 72 5.01 7.99 17.90
C MET C 72 3.53 8.28 18.15
N GLU C 73 2.76 7.20 18.28
CA GLU C 73 1.33 7.28 18.49
C GLU C 73 0.86 6.02 19.18
N TYR C 74 -0.39 6.03 19.62
CA TYR C 74 -1.03 4.85 20.18
C TYR C 74 -2.53 4.94 19.92
N THR C 75 -3.18 3.78 19.92
CA THR C 75 -4.60 3.67 19.63
C THR C 75 -5.35 3.32 20.89
N ILE C 76 -6.51 3.94 21.08
CA ILE C 76 -7.33 3.74 22.27
C ILE C 76 -8.80 3.77 21.87
N ASP C 77 -9.57 2.84 22.43
CA ASP C 77 -11.00 2.71 22.15
C ASP C 77 -11.75 2.95 23.45
N ILE C 78 -12.69 3.91 23.44
CA ILE C 78 -13.33 4.37 24.67
C ILE C 78 -14.83 4.56 24.48
N PHE C 79 -15.53 4.60 25.60
CA PHE C 79 -16.90 5.07 25.68
C PHE C 79 -16.90 6.46 26.31
N PHE C 80 -16.97 7.50 25.49
CA PHE C 80 -16.87 8.87 25.96
C PHE C 80 -18.25 9.40 26.33
N ALA C 81 -18.40 9.86 27.57
CA ALA C 81 -19.68 10.28 28.10
C ALA C 81 -19.62 11.73 28.56
N GLN C 82 -20.70 12.47 28.30
CA GLN C 82 -20.82 13.88 28.67
C GLN C 82 -22.18 14.13 29.29
N THR C 83 -22.22 15.00 30.30
CA THR C 83 -23.46 15.32 31.01
C THR C 83 -23.54 16.83 31.23
N TRP C 84 -24.71 17.39 30.99
CA TRP C 84 -24.92 18.82 31.18
C TRP C 84 -26.42 19.07 31.39
N TYR C 85 -26.72 20.28 31.84
CA TYR C 85 -28.10 20.71 32.04
C TYR C 85 -28.53 21.67 30.93
N ASP C 86 -29.74 21.47 30.43
CA ASP C 86 -30.35 22.35 29.43
C ASP C 86 -31.75 22.69 29.93
N ARG C 87 -31.95 23.95 30.34
CA ARG C 87 -33.23 24.35 30.91
C ARG C 87 -34.36 24.31 29.89
N ARG C 88 -34.05 24.31 28.60
CA ARG C 88 -35.07 24.25 27.56
C ARG C 88 -35.68 22.87 27.41
N LEU C 89 -35.14 21.86 28.09
CA LEU C 89 -35.54 20.47 27.93
C LEU C 89 -36.18 19.93 29.20
N LYS C 90 -37.04 20.72 29.84
CA LYS C 90 -37.78 20.29 31.00
C LYS C 90 -39.18 19.88 30.59
N PHE C 91 -39.63 18.74 31.07
CA PHE C 91 -40.99 18.27 30.82
C PHE C 91 -41.59 17.74 32.11
N ASN C 92 -42.90 17.92 32.24
CA ASN C 92 -43.66 17.47 33.42
C ASN C 92 -44.55 16.31 33.02
N SER C 93 -44.31 15.15 33.61
CA SER C 93 -45.12 13.96 33.36
C SER C 93 -44.76 12.93 34.42
N THR C 94 -45.47 11.81 34.40
CA THR C 94 -45.10 10.69 35.26
C THR C 94 -43.83 9.99 34.79
N ILE C 95 -43.45 10.19 33.53
CA ILE C 95 -42.22 9.60 33.01
C ILE C 95 -41.04 10.41 33.52
N LYS C 96 -40.06 9.72 34.10
CA LYS C 96 -38.94 10.40 34.71
C LYS C 96 -37.76 10.61 33.76
N VAL C 97 -37.54 9.68 32.83
CA VAL C 97 -36.41 9.76 31.92
C VAL C 97 -36.87 9.38 30.52
N LEU C 98 -36.39 10.10 29.52
CA LEU C 98 -36.60 9.77 28.11
C LEU C 98 -35.32 9.14 27.57
N ARG C 99 -35.39 7.87 27.23
CA ARG C 99 -34.25 7.13 26.71
C ARG C 99 -34.35 7.08 25.19
N LEU C 100 -33.60 7.95 24.52
CA LEU C 100 -33.65 8.09 23.08
C LEU C 100 -32.38 7.55 22.44
N ASN C 101 -32.47 7.29 21.14
CA ASN C 101 -31.36 6.76 20.36
C ASN C 101 -30.65 7.91 19.63
N SER C 102 -29.79 7.55 18.69
CA SER C 102 -28.95 8.51 17.99
C SER C 102 -29.73 9.45 17.06
N ASN C 103 -31.01 9.18 16.79
CA ASN C 103 -31.75 10.03 15.86
C ASN C 103 -31.87 11.45 16.39
N MET C 104 -32.06 11.61 17.70
CA MET C 104 -32.30 12.92 18.29
C MET C 104 -31.03 13.70 18.59
N VAL C 105 -29.85 13.10 18.41
CA VAL C 105 -28.61 13.78 18.75
C VAL C 105 -28.43 15.03 17.90
N GLY C 106 -28.83 14.96 16.64
CA GLY C 106 -28.69 16.10 15.75
C GLY C 106 -29.77 17.16 15.87
N LYS C 107 -30.73 16.98 16.77
CA LYS C 107 -31.81 17.95 16.92
C LYS C 107 -31.58 18.94 18.06
N ILE C 108 -30.75 18.59 19.05
CA ILE C 108 -30.53 19.44 20.20
C ILE C 108 -29.09 19.94 20.18
N TRP C 109 -28.73 20.79 21.14
CA TRP C 109 -27.39 21.34 21.21
C TRP C 109 -26.43 20.32 21.83
N ILE C 110 -25.33 20.06 21.13
CA ILE C 110 -24.31 19.12 21.56
C ILE C 110 -22.99 19.88 21.65
N PRO C 111 -22.22 19.73 22.73
CA PRO C 111 -20.93 20.42 22.80
C PRO C 111 -19.95 19.93 21.73
N ASP C 112 -19.08 20.84 21.31
CA ASP C 112 -18.12 20.55 20.24
C ASP C 112 -16.77 20.13 20.82
N THR C 113 -16.78 18.98 21.50
CA THR C 113 -15.58 18.45 22.12
C THR C 113 -14.71 17.77 21.08
N PHE C 114 -13.41 18.08 21.10
CA PHE C 114 -12.45 17.46 20.21
C PHE C 114 -11.20 17.12 21.00
N PHE C 115 -10.40 16.20 20.46
CA PHE C 115 -9.21 15.72 21.14
C PHE C 115 -7.98 16.37 20.53
N ARG C 116 -7.24 17.13 21.36
CA ARG C 116 -6.24 18.06 20.85
C ARG C 116 -5.06 17.34 20.22
N ASN C 117 -4.60 16.25 20.83
CA ASN C 117 -3.44 15.53 20.31
C ASN C 117 -3.83 14.39 19.38
N SER C 118 -5.10 14.30 19.00
CA SER C 118 -5.54 13.23 18.11
C SER C 118 -4.97 13.41 16.71
N LYS C 119 -4.53 12.31 16.12
CA LYS C 119 -4.10 12.27 14.74
C LYS C 119 -5.20 11.79 13.79
N LYS C 120 -5.93 10.76 14.18
CA LYS C 120 -6.94 10.16 13.31
C LYS C 120 -7.97 9.47 14.22
N ALA C 121 -9.11 10.12 14.41
CA ALA C 121 -10.16 9.59 15.27
C ALA C 121 -11.45 9.46 14.47
N ASP C 122 -12.23 8.43 14.79
CA ASP C 122 -13.50 8.22 14.12
C ASP C 122 -14.45 7.50 15.06
N ALA C 123 -15.73 7.87 15.00
CA ALA C 123 -16.77 7.16 15.71
C ALA C 123 -17.15 5.90 14.95
N HIS C 124 -17.96 5.06 15.57
CA HIS C 124 -18.35 3.79 14.99
C HIS C 124 -19.77 3.87 14.46
N TRP C 125 -20.02 3.16 13.36
CA TRP C 125 -21.29 3.32 12.65
C TRP C 125 -21.96 2.01 12.26
N ILE C 126 -21.51 0.87 12.78
CA ILE C 126 -22.09 -0.43 12.49
C ILE C 126 -22.68 -0.97 13.78
N THR C 127 -23.95 -1.39 13.74
CA THR C 127 -24.78 -1.36 12.54
C THR C 127 -25.52 -0.04 12.39
N THR C 128 -25.49 0.75 13.46
CA THR C 128 -26.10 2.08 13.51
C THR C 128 -25.10 3.00 14.21
N PRO C 129 -25.29 4.32 14.15
CA PRO C 129 -24.42 5.21 14.94
C PRO C 129 -24.43 4.84 16.41
N ASN C 130 -23.26 4.53 16.97
CA ASN C 130 -23.16 4.06 18.36
C ASN C 130 -23.21 5.27 19.28
N ARG C 131 -24.42 5.77 19.50
CA ARG C 131 -24.64 6.94 20.32
C ARG C 131 -25.85 6.71 21.22
N MET C 132 -25.88 7.43 22.33
CA MET C 132 -26.92 7.30 23.34
C MET C 132 -27.31 8.67 23.85
N LEU C 133 -28.61 8.90 23.98
CA LEU C 133 -29.12 10.18 24.46
C LEU C 133 -30.24 9.93 25.46
N ARG C 134 -30.10 10.47 26.67
CA ARG C 134 -31.11 10.34 27.70
C ARG C 134 -31.37 11.71 28.33
N ILE C 135 -32.63 12.08 28.49
CA ILE C 135 -33.01 13.37 29.04
C ILE C 135 -33.93 13.16 30.24
N TRP C 136 -33.58 13.77 31.37
CA TRP C 136 -34.41 13.72 32.57
C TRP C 136 -35.34 14.92 32.60
N ASN C 137 -36.38 14.82 33.44
CA ASN C 137 -37.41 15.85 33.43
C ASN C 137 -36.93 17.16 34.04
N ASP C 138 -35.80 17.16 34.73
CA ASP C 138 -35.21 18.41 35.21
C ASP C 138 -34.32 19.07 34.18
N GLY C 139 -34.17 18.47 33.00
CA GLY C 139 -33.36 19.02 31.94
C GLY C 139 -31.99 18.40 31.79
N ARG C 140 -31.61 17.47 32.65
CA ARG C 140 -30.29 16.87 32.56
C ARG C 140 -30.19 16.00 31.31
N VAL C 141 -29.05 16.09 30.64
CA VAL C 141 -28.82 15.37 29.40
C VAL C 141 -27.57 14.51 29.58
N LEU C 142 -27.68 13.23 29.24
CA LEU C 142 -26.54 12.33 29.16
C LEU C 142 -26.35 11.93 27.70
N TYR C 143 -25.14 12.08 27.19
CA TYR C 143 -24.84 11.83 25.79
C TYR C 143 -23.54 11.04 25.69
N THR C 144 -23.62 9.81 25.21
CA THR C 144 -22.49 8.88 25.19
C THR C 144 -22.24 8.39 23.78
N LEU C 145 -20.98 8.33 23.39
CA LEU C 145 -20.62 7.78 22.08
C LEU C 145 -19.33 7.00 22.21
N ARG C 146 -19.14 6.04 21.30
CA ARG C 146 -17.98 5.17 21.27
C ARG C 146 -16.99 5.69 20.25
N LEU C 147 -15.72 5.79 20.64
CA LEU C 147 -14.71 6.44 19.82
C LEU C 147 -13.45 5.59 19.74
N THR C 148 -12.79 5.66 18.58
CA THR C 148 -11.46 5.09 18.38
C THR C 148 -10.51 6.23 18.00
N ILE C 149 -9.42 6.36 18.75
CA ILE C 149 -8.56 7.53 18.68
C ILE C 149 -7.12 7.06 18.48
N ASP C 150 -6.41 7.71 17.55
CA ASP C 150 -4.97 7.56 17.39
C ASP C 150 -4.33 8.84 17.93
N ALA C 151 -3.96 8.82 19.20
CA ALA C 151 -3.40 10.02 19.81
C ALA C 151 -1.92 10.14 19.48
N GLU C 152 -1.40 11.35 19.65
CA GLU C 152 0.02 11.63 19.47
C GLU C 152 0.72 11.55 20.82
N CYS C 153 1.86 10.87 20.85
CA CYS C 153 2.66 10.70 22.06
C CYS C 153 4.12 10.76 21.67
N GLN C 154 4.82 11.80 22.10
CA GLN C 154 6.24 11.93 21.80
C GLN C 154 7.05 11.15 22.82
N LEU C 155 7.86 10.21 22.34
CA LEU C 155 8.60 9.30 23.19
C LEU C 155 10.06 9.70 23.27
N GLN C 156 10.62 9.62 24.47
CA GLN C 156 12.05 9.83 24.69
C GLN C 156 12.70 8.47 24.86
N LEU C 157 13.52 8.08 23.88
CA LEU C 157 14.07 6.74 23.78
C LEU C 157 15.55 6.70 24.16
N HIS C 158 15.96 7.52 25.13
CA HIS C 158 17.35 7.50 25.56
C HIS C 158 17.69 6.26 26.36
N ASN C 159 16.70 5.58 26.94
CA ASN C 159 16.92 4.37 27.73
C ASN C 159 16.34 3.13 27.07
N PHE C 160 15.95 3.22 25.81
CA PHE C 160 15.36 2.07 25.12
C PHE C 160 16.36 0.91 25.10
N PRO C 161 15.92 -0.32 25.41
CA PRO C 161 14.56 -0.75 25.74
C PRO C 161 14.25 -0.83 27.24
N MET C 162 14.71 0.11 28.04
CA MET C 162 14.32 0.17 29.44
C MET C 162 13.69 1.52 29.73
N ASP C 163 12.80 1.96 28.84
CA ASP C 163 12.20 3.29 28.88
C ASP C 163 10.78 3.23 29.44
N GLU C 164 10.38 4.32 30.07
CA GLU C 164 9.03 4.51 30.59
C GLU C 164 8.42 5.76 29.97
N HIS C 165 7.13 5.69 29.66
CA HIS C 165 6.43 6.80 29.03
C HIS C 165 5.12 7.06 29.74
N SER C 166 4.63 8.30 29.59
CA SER C 166 3.33 8.70 30.12
C SER C 166 2.57 9.38 28.98
N CYS C 167 1.89 8.58 28.18
CA CYS C 167 1.21 9.09 27.00
C CYS C 167 -0.09 9.80 27.39
N PRO C 168 -0.31 11.02 26.92
CA PRO C 168 -1.50 11.77 27.30
C PRO C 168 -2.67 11.57 26.35
N LEU C 169 -3.82 12.08 26.77
CA LEU C 169 -5.01 12.17 25.92
C LEU C 169 -5.78 13.40 26.36
N GLU C 170 -5.73 14.46 25.57
CA GLU C 170 -6.32 15.74 25.94
C GLU C 170 -7.54 16.03 25.08
N PHE C 171 -8.52 16.70 25.69
CA PHE C 171 -9.69 17.14 24.94
C PHE C 171 -10.19 18.45 25.53
N SER C 172 -10.87 19.22 24.70
CA SER C 172 -11.40 20.52 25.09
C SER C 172 -12.50 20.88 24.11
N SER C 173 -12.97 22.12 24.18
CA SER C 173 -13.97 22.62 23.25
C SER C 173 -13.28 23.41 22.14
N TYR C 174 -13.72 23.19 20.91
CA TYR C 174 -13.04 23.83 19.78
C TYR C 174 -13.33 25.32 19.73
N GLY C 175 -14.60 25.71 19.91
CA GLY C 175 -14.97 27.09 19.68
C GLY C 175 -15.46 27.88 20.87
N TYR C 176 -15.65 27.22 22.01
CA TYR C 176 -16.20 27.88 23.19
C TYR C 176 -15.12 28.09 24.24
N PRO C 177 -14.81 29.33 24.62
CA PRO C 177 -13.79 29.55 25.64
C PRO C 177 -14.27 29.19 27.04
N ARG C 178 -13.42 29.44 28.04
CA ARG C 178 -13.74 29.11 29.42
C ARG C 178 -14.88 29.95 29.98
N GLU C 179 -15.27 31.04 29.32
CA GLU C 179 -16.40 31.82 29.77
C GLU C 179 -17.72 31.26 29.28
N GLU C 180 -17.70 30.21 28.46
CA GLU C 180 -18.94 29.68 27.90
C GLU C 180 -19.09 28.18 28.18
N ILE C 181 -17.99 27.45 28.18
CA ILE C 181 -18.01 26.01 28.43
C ILE C 181 -16.91 25.67 29.41
N VAL C 182 -17.27 24.93 30.46
CA VAL C 182 -16.32 24.44 31.46
C VAL C 182 -16.52 22.94 31.59
N TYR C 183 -15.42 22.20 31.59
CA TYR C 183 -15.46 20.76 31.78
C TYR C 183 -15.05 20.40 33.21
N GLN C 184 -15.45 19.21 33.64
CA GLN C 184 -15.20 18.78 35.00
C GLN C 184 -15.30 17.27 35.08
N TRP C 185 -14.32 16.65 35.73
CA TRP C 185 -14.36 15.21 35.95
C TRP C 185 -15.44 14.85 36.96
N LYS C 186 -16.02 13.67 36.78
CA LYS C 186 -17.00 13.15 37.74
C LYS C 186 -16.26 12.39 38.83
N ARG C 187 -17.02 11.73 39.72
CA ARG C 187 -16.41 11.01 40.82
C ARG C 187 -15.62 9.81 40.32
N SER C 188 -16.22 8.98 39.49
CA SER C 188 -15.56 7.82 38.87
C SER C 188 -15.33 8.17 37.42
N SER C 189 -14.20 8.84 37.14
CA SER C 189 -14.00 9.48 35.85
C SER C 189 -13.52 8.49 34.80
N VAL C 190 -12.34 7.91 35.00
CA VAL C 190 -11.71 7.02 34.03
C VAL C 190 -11.70 5.62 34.60
N GLU C 191 -12.29 4.68 33.88
CA GLU C 191 -12.36 3.30 34.31
C GLU C 191 -11.85 2.38 33.21
N VAL C 192 -11.27 1.26 33.61
CA VAL C 192 -10.76 0.25 32.69
C VAL C 192 -11.37 -1.09 33.05
N GLY C 193 -11.43 -1.98 32.06
CA GLY C 193 -11.98 -3.30 32.28
C GLY C 193 -10.92 -4.31 32.64
N ASP C 194 -10.69 -5.28 31.76
CA ASP C 194 -9.60 -6.24 31.91
C ASP C 194 -8.39 -5.74 31.12
N THR C 195 -7.30 -5.49 31.82
CA THR C 195 -6.11 -4.96 31.18
C THR C 195 -5.36 -6.02 30.38
N ARG C 196 -5.66 -7.30 30.60
CA ARG C 196 -4.96 -8.36 29.88
C ARG C 196 -5.38 -8.41 28.41
N SER C 197 -6.65 -8.14 28.13
CA SER C 197 -7.16 -8.23 26.76
C SER C 197 -6.64 -7.12 25.86
N TRP C 198 -5.97 -6.12 26.40
CA TRP C 198 -5.48 -5.01 25.60
C TRP C 198 -4.36 -5.45 24.68
N ARG C 199 -4.16 -4.69 23.60
CA ARG C 199 -3.22 -5.04 22.54
C ARG C 199 -1.81 -4.54 22.84
N LEU C 200 -1.45 -4.37 24.09
CA LEU C 200 -0.09 -3.95 24.46
C LEU C 200 0.81 -5.17 24.52
N TYR C 201 1.69 -5.32 23.54
CA TYR C 201 2.69 -6.39 23.55
C TYR C 201 3.96 -5.95 24.26
N GLN C 202 4.56 -4.86 23.80
CA GLN C 202 5.85 -4.42 24.33
C GLN C 202 5.72 -3.60 25.60
N PHE C 203 4.53 -3.12 25.92
CA PHE C 203 4.34 -2.21 27.05
C PHE C 203 3.36 -2.82 28.04
N SER C 204 3.49 -2.40 29.29
CA SER C 204 2.56 -2.78 30.34
C SER C 204 1.96 -1.52 30.96
N PHE C 205 0.67 -1.57 31.23
CA PHE C 205 -0.04 -0.44 31.80
C PHE C 205 0.19 -0.40 33.31
N VAL C 206 0.72 0.72 33.79
CA VAL C 206 1.03 0.88 35.20
C VAL C 206 -0.08 1.62 35.95
N GLY C 207 -0.51 2.76 35.44
CA GLY C 207 -1.56 3.52 36.09
C GLY C 207 -1.92 4.72 35.24
N LEU C 208 -2.86 5.51 35.75
CA LEU C 208 -3.35 6.67 35.02
C LEU C 208 -3.61 7.83 35.96
N ARG C 209 -3.51 9.04 35.41
CA ARG C 209 -3.79 10.28 36.12
C ARG C 209 -4.70 11.13 35.24
N ASN C 210 -5.50 11.99 35.87
CA ASN C 210 -6.33 12.94 35.15
C ASN C 210 -6.21 14.32 35.79
N THR C 211 -6.01 15.33 34.96
CA THR C 211 -5.81 16.70 35.42
C THR C 211 -6.72 17.65 34.65
N THR C 212 -6.61 18.94 34.97
CA THR C 212 -7.39 19.98 34.32
C THR C 212 -6.55 21.24 34.26
N GLU C 213 -6.44 21.83 33.08
CA GLU C 213 -5.64 23.02 32.89
C GLU C 213 -6.38 24.00 32.01
N VAL C 214 -5.75 25.15 31.76
CA VAL C 214 -6.28 26.20 30.89
C VAL C 214 -5.21 26.49 29.84
N VAL C 215 -5.58 26.40 28.57
CA VAL C 215 -4.68 26.69 27.46
C VAL C 215 -5.12 27.98 26.82
N LYS C 216 -4.20 28.93 26.68
CA LYS C 216 -4.47 30.23 26.08
C LYS C 216 -4.03 30.17 24.62
N THR C 217 -5.01 30.17 23.71
CA THR C 217 -4.74 30.16 22.29
C THR C 217 -4.93 31.57 21.73
N THR C 218 -4.88 31.71 20.42
CA THR C 218 -5.02 33.00 19.77
C THR C 218 -6.46 33.46 19.65
N SER C 219 -7.42 32.62 20.02
CA SER C 219 -8.83 33.00 20.00
C SER C 219 -9.47 33.08 21.39
N GLY C 220 -8.80 32.59 22.42
CA GLY C 220 -9.34 32.64 23.76
C GLY C 220 -8.68 31.62 24.65
N ASP C 221 -9.13 31.60 25.90
CA ASP C 221 -8.65 30.64 26.89
C ASP C 221 -9.64 29.49 26.99
N TYR C 222 -9.13 28.27 26.93
CA TYR C 222 -9.97 27.09 26.88
C TYR C 222 -9.63 26.15 28.02
N VAL C 223 -10.63 25.42 28.49
CA VAL C 223 -10.44 24.43 29.54
C VAL C 223 -10.04 23.11 28.88
N VAL C 224 -8.88 22.60 29.25
CA VAL C 224 -8.32 21.39 28.65
C VAL C 224 -8.27 20.29 29.71
N MET C 225 -8.92 19.17 29.43
CA MET C 225 -8.92 18.02 30.30
C MET C 225 -7.92 17.00 29.79
N SER C 226 -7.14 16.42 30.69
CA SER C 226 -6.06 15.53 30.31
C SER C 226 -6.17 14.22 31.06
N VAL C 227 -5.82 13.14 30.38
CA VAL C 227 -5.66 11.82 30.98
C VAL C 227 -4.29 11.31 30.55
N TYR C 228 -3.50 10.85 31.51
CA TYR C 228 -2.16 10.33 31.26
C TYR C 228 -2.12 8.85 31.59
N PHE C 229 -1.67 8.05 30.63
CA PHE C 229 -1.49 6.61 30.81
C PHE C 229 0.00 6.33 30.93
N ASP C 230 0.40 5.71 32.03
CA ASP C 230 1.80 5.36 32.25
C ASP C 230 2.08 3.97 31.71
N LEU C 231 3.10 3.86 30.87
CA LEU C 231 3.45 2.60 30.22
C LEU C 231 4.92 2.30 30.42
N SER C 232 5.24 1.04 30.74
CA SER C 232 6.60 0.56 30.88
C SER C 232 6.86 -0.50 29.82
N ARG C 233 7.97 -0.37 29.12
CA ARG C 233 8.31 -1.32 28.07
C ARG C 233 8.72 -2.67 28.67
N ARG C 234 8.42 -3.73 27.94
CA ARG C 234 8.77 -5.09 28.35
C ARG C 234 10.06 -5.50 27.66
N MET C 235 11.04 -5.93 28.44
CA MET C 235 12.37 -6.25 27.95
C MET C 235 12.43 -7.58 27.20
N GLY C 236 11.40 -8.41 27.29
CA GLY C 236 11.51 -9.79 26.85
C GLY C 236 11.80 -9.93 25.36
N TYR C 237 11.12 -9.13 24.53
CA TYR C 237 11.28 -9.28 23.09
C TYR C 237 12.70 -8.96 22.64
N PHE C 238 13.27 -7.88 23.16
CA PHE C 238 14.61 -7.48 22.74
C PHE C 238 15.70 -8.32 23.37
N THR C 239 15.40 -9.04 24.45
CA THR C 239 16.36 -10.00 24.98
C THR C 239 16.57 -11.14 24.01
N ILE C 240 15.49 -11.68 23.44
CA ILE C 240 15.60 -12.73 22.45
C ILE C 240 16.15 -12.19 21.14
N GLN C 241 15.68 -11.01 20.73
CA GLN C 241 15.96 -10.51 19.39
C GLN C 241 17.38 -9.97 19.26
N THR C 242 17.87 -9.21 20.23
CA THR C 242 19.14 -8.52 20.07
C THR C 242 20.19 -8.89 21.11
N TYR C 243 19.85 -8.89 22.39
CA TYR C 243 20.87 -9.08 23.42
C TYR C 243 21.49 -10.47 23.36
N ILE C 244 20.66 -11.51 23.29
CA ILE C 244 21.18 -12.87 23.24
C ILE C 244 21.99 -13.13 21.97
N PRO C 245 21.51 -12.81 20.76
CA PRO C 245 22.34 -13.04 19.58
C PRO C 245 23.67 -12.28 19.60
N CYS C 246 23.69 -11.07 20.14
CA CYS C 246 24.93 -10.31 20.21
C CYS C 246 25.89 -10.93 21.22
N THR C 247 25.38 -11.42 22.34
CA THR C 247 26.25 -12.01 23.36
C THR C 247 26.88 -13.30 22.86
N LEU C 248 26.12 -14.11 22.12
CA LEU C 248 26.66 -15.37 21.61
C LEU C 248 27.69 -15.13 20.52
N ILE C 249 27.55 -14.06 19.75
CA ILE C 249 28.55 -13.72 18.74
C ILE C 249 29.85 -13.27 19.40
N VAL C 250 29.76 -12.54 20.51
CA VAL C 250 30.96 -12.17 21.26
C VAL C 250 31.65 -13.41 21.81
N VAL C 251 30.89 -14.35 22.34
CA VAL C 251 31.48 -15.59 22.85
C VAL C 251 32.11 -16.38 21.71
N LEU C 252 31.49 -16.33 20.53
CA LEU C 252 32.04 -17.04 19.37
C LEU C 252 33.43 -16.53 19.02
N SER C 253 33.64 -15.22 19.16
CA SER C 253 34.96 -14.66 18.86
C SER C 253 36.01 -15.07 19.86
N TRP C 254 35.61 -15.56 21.03
CA TRP C 254 36.58 -16.05 22.01
C TRP C 254 37.10 -17.44 21.70
N VAL C 255 36.37 -18.22 20.89
CA VAL C 255 36.82 -19.57 20.56
C VAL C 255 38.13 -19.53 19.80
N SER C 256 38.41 -18.43 19.11
CA SER C 256 39.66 -18.30 18.38
C SER C 256 40.87 -18.41 19.29
N PHE C 257 40.75 -17.94 20.53
CA PHE C 257 41.89 -17.95 21.45
C PHE C 257 42.35 -19.35 21.82
N TRP C 258 41.51 -20.36 21.65
CA TRP C 258 41.85 -21.74 21.97
C TRP C 258 42.25 -22.55 20.76
N ILE C 259 42.44 -21.90 19.62
CA ILE C 259 42.85 -22.57 18.39
C ILE C 259 44.31 -22.28 18.15
N ASN C 260 45.02 -23.26 17.57
CA ASN C 260 46.46 -23.14 17.38
C ASN C 260 46.80 -21.92 16.57
N LYS C 261 47.85 -21.21 17.00
CA LYS C 261 48.24 -19.96 16.37
C LYS C 261 48.76 -20.15 14.95
N ASP C 262 49.18 -21.36 14.60
CA ASP C 262 49.68 -21.62 13.25
C ASP C 262 48.57 -21.80 12.24
N ALA C 263 47.33 -22.03 12.68
CA ALA C 263 46.19 -22.19 11.79
C ALA C 263 45.67 -20.81 11.39
N VAL C 264 46.43 -20.16 10.52
CA VAL C 264 46.10 -18.79 10.12
C VAL C 264 44.75 -18.69 9.42
N PRO C 265 44.42 -19.53 8.43
CA PRO C 265 43.08 -19.44 7.82
C PRO C 265 41.95 -19.69 8.81
N ALA C 266 42.16 -20.59 9.79
CA ALA C 266 41.10 -20.91 10.72
C ALA C 266 40.76 -19.73 11.62
N ARG C 267 41.77 -19.12 12.24
CA ARG C 267 41.53 -18.02 13.17
C ARG C 267 41.19 -16.71 12.46
N THR C 268 41.39 -16.63 11.15
CA THR C 268 41.00 -15.44 10.41
C THR C 268 39.56 -15.51 9.94
N SER C 269 39.13 -16.67 9.44
CA SER C 269 37.73 -16.84 9.08
C SER C 269 36.83 -16.72 10.30
N LEU C 270 37.22 -17.35 11.41
CA LEU C 270 36.46 -17.23 12.64
C LEU C 270 36.46 -15.80 13.17
N GLY C 271 37.50 -15.03 12.86
CA GLY C 271 37.60 -13.67 13.34
C GLY C 271 37.02 -12.63 12.40
N ILE C 272 36.80 -12.99 11.15
CA ILE C 272 36.23 -12.06 10.18
C ILE C 272 34.73 -12.24 10.02
N THR C 273 34.19 -13.41 10.33
CA THR C 273 32.75 -13.61 10.26
C THR C 273 32.03 -12.97 11.45
N THR C 274 32.65 -12.99 12.63
CA THR C 274 32.05 -12.37 13.79
C THR C 274 31.88 -10.86 13.58
N VAL C 275 32.86 -10.23 12.94
CA VAL C 275 32.75 -8.80 12.67
C VAL C 275 31.61 -8.52 11.72
N LEU C 276 31.45 -9.34 10.68
CA LEU C 276 30.33 -9.15 9.75
C LEU C 276 28.99 -9.38 10.44
N THR C 277 28.88 -10.44 11.24
CA THR C 277 27.61 -10.76 11.88
C THR C 277 27.17 -9.66 12.82
N MET C 278 28.12 -9.07 13.57
CA MET C 278 27.76 -7.98 14.47
C MET C 278 27.29 -6.76 13.69
N THR C 279 27.80 -6.56 12.48
CA THR C 279 27.31 -5.46 11.64
C THR C 279 25.86 -5.70 11.21
N THR C 280 25.52 -6.95 10.89
CA THR C 280 24.14 -7.27 10.55
C THR C 280 23.22 -7.13 11.76
N LEU C 281 23.67 -7.59 12.93
CA LEU C 281 22.87 -7.46 14.14
C LEU C 281 22.71 -6.01 14.57
N SER C 282 23.57 -5.10 14.10
CA SER C 282 23.45 -3.71 14.46
C SER C 282 22.30 -3.03 13.72
N THR C 283 22.11 -3.36 12.45
CA THR C 283 21.08 -2.70 11.66
C THR C 283 19.69 -3.20 12.04
N ILE C 284 19.55 -4.50 12.29
CA ILE C 284 18.24 -5.07 12.60
C ILE C 284 17.70 -4.50 13.90
N ALA C 285 18.57 -4.26 14.87
CA ALA C 285 18.14 -3.70 16.14
C ALA C 285 17.57 -2.30 15.98
N ARG C 286 18.05 -1.55 15.00
CA ARG C 286 17.65 -0.17 14.78
C ARG C 286 16.38 -0.03 13.96
N LYS C 287 15.78 -1.13 13.51
CA LYS C 287 14.60 -1.04 12.67
C LYS C 287 13.34 -0.69 13.46
N SER C 288 13.24 -1.14 14.71
CA SER C 288 12.05 -0.84 15.50
C SER C 288 11.96 0.64 15.84
N LEU C 289 13.10 1.26 16.14
CA LEU C 289 13.12 2.65 16.55
C LEU C 289 12.85 3.58 15.37
N PRO C 290 12.42 4.82 15.64
CA PRO C 290 12.47 5.84 14.60
C PRO C 290 13.91 6.28 14.35
N LYS C 291 14.10 7.24 13.44
CA LYS C 291 15.44 7.68 13.09
C LYS C 291 15.86 8.86 13.97
N VAL C 292 16.01 8.57 15.26
CA VAL C 292 16.51 9.58 16.19
C VAL C 292 18.01 9.73 16.03
N SER C 293 18.53 10.87 16.48
CA SER C 293 19.92 11.23 16.28
C SER C 293 20.72 11.18 17.58
N TYR C 294 20.34 10.31 18.50
CA TYR C 294 21.09 10.11 19.73
C TYR C 294 21.29 8.62 19.96
N VAL C 295 22.13 8.30 20.93
CA VAL C 295 22.50 6.92 21.22
C VAL C 295 21.56 6.38 22.29
N THR C 296 20.82 5.34 21.94
CA THR C 296 19.96 4.67 22.91
C THR C 296 20.79 3.70 23.73
N ALA C 297 20.15 3.06 24.71
CA ALA C 297 20.86 2.05 25.49
C ALA C 297 21.10 0.79 24.69
N MET C 298 20.26 0.52 23.69
CA MET C 298 20.48 -0.61 22.81
C MET C 298 21.72 -0.40 21.95
N ASP C 299 21.92 0.82 21.45
CA ASP C 299 23.09 1.13 20.64
C ASP C 299 24.37 1.02 21.47
N LEU C 300 24.33 1.45 22.72
CA LEU C 300 25.52 1.38 23.56
C LEU C 300 25.96 -0.06 23.84
N PHE C 301 25.04 -1.02 23.73
CA PHE C 301 25.40 -2.42 23.93
C PHE C 301 25.95 -3.02 22.64
N VAL C 302 25.29 -2.75 21.52
CA VAL C 302 25.74 -3.31 20.24
C VAL C 302 27.08 -2.71 19.85
N SER C 303 27.30 -1.43 20.15
CA SER C 303 28.57 -0.80 19.83
C SER C 303 29.72 -1.42 20.63
N VAL C 304 29.51 -1.70 21.91
CA VAL C 304 30.56 -2.30 22.72
C VAL C 304 30.79 -3.75 22.31
N CYS C 305 29.72 -4.48 21.99
CA CYS C 305 29.89 -5.81 21.44
C CYS C 305 30.71 -5.78 20.15
N PHE C 306 30.63 -4.67 19.41
CA PHE C 306 31.48 -4.53 18.23
C PHE C 306 32.94 -4.36 18.62
N ILE C 307 33.21 -3.70 19.75
CA ILE C 307 34.59 -3.51 20.18
C ILE C 307 35.25 -4.84 20.51
N PHE C 308 34.52 -5.72 21.21
CA PHE C 308 35.11 -6.98 21.65
C PHE C 308 35.43 -7.90 20.48
N VAL C 309 34.52 -8.03 19.52
CA VAL C 309 34.80 -8.90 18.38
C VAL C 309 35.89 -8.29 17.51
N PHE C 310 35.89 -6.97 17.35
CA PHE C 310 36.94 -6.30 16.58
C PHE C 310 38.30 -6.45 17.26
N SER C 311 38.34 -6.33 18.59
CA SER C 311 39.61 -6.45 19.29
C SER C 311 40.12 -7.90 19.30
N ALA C 312 39.22 -8.88 19.19
CA ALA C 312 39.66 -10.26 19.10
C ALA C 312 40.42 -10.51 17.80
N LEU C 313 39.93 -9.98 16.68
CA LEU C 313 40.64 -10.13 15.42
C LEU C 313 41.93 -9.31 15.42
N VAL C 314 41.91 -8.13 16.02
CA VAL C 314 43.12 -7.32 16.12
C VAL C 314 44.15 -8.01 17.00
N GLU C 315 43.70 -8.71 18.04
CA GLU C 315 44.63 -9.40 18.92
C GLU C 315 45.39 -10.50 18.18
N TYR C 316 44.71 -11.22 17.27
CA TYR C 316 45.40 -12.23 16.49
C TYR C 316 46.37 -11.61 15.50
N GLY C 317 46.03 -10.45 14.95
CA GLY C 317 46.97 -9.76 14.06
C GLY C 317 48.27 -9.43 14.78
N THR C 318 48.18 -8.95 16.01
CA THR C 318 49.37 -8.73 16.82
C THR C 318 50.09 -10.04 17.11
N LEU C 319 49.32 -11.08 17.45
CA LEU C 319 49.93 -12.38 17.75
C LEU C 319 50.64 -12.96 16.55
N HIS C 320 50.03 -12.88 15.37
CA HIS C 320 50.64 -13.46 14.18
C HIS C 320 51.92 -12.73 13.80
N TYR C 321 51.96 -11.41 13.99
CA TYR C 321 53.14 -10.64 13.63
C TYR C 321 54.35 -11.03 14.46
N PHE C 322 54.14 -11.51 15.69
CA PHE C 322 55.22 -11.88 16.59
C PHE C 322 55.46 -13.38 16.64
N VAL C 323 54.87 -14.15 15.72
CA VAL C 323 55.03 -15.61 15.77
C VAL C 323 56.49 -15.99 15.58
N SER C 324 57.15 -15.39 14.59
CA SER C 324 58.53 -15.73 14.26
C SER C 324 59.56 -14.81 14.89
N SER C 325 59.25 -13.51 14.98
CA SER C 325 60.21 -12.57 15.56
C SER C 325 60.47 -12.87 17.03
N GLN C 326 59.39 -12.97 17.83
CA GLN C 326 59.48 -13.20 19.27
C GLN C 326 58.56 -14.36 19.63
N PRO C 327 59.00 -15.60 19.38
CA PRO C 327 58.14 -16.74 19.72
C PRO C 327 57.82 -16.84 21.20
N ALA C 328 58.71 -16.36 22.07
CA ALA C 328 58.42 -16.38 23.50
C ALA C 328 57.30 -15.43 23.86
N ARG C 329 57.34 -14.21 23.31
CA ARG C 329 56.31 -13.22 23.63
C ARG C 329 54.94 -13.66 23.13
N ALA C 330 54.88 -14.24 21.93
CA ALA C 330 53.62 -14.73 21.39
C ALA C 330 53.09 -15.93 22.14
N ALA C 331 53.94 -16.59 22.94
CA ALA C 331 53.46 -17.72 23.73
C ALA C 331 52.54 -17.26 24.86
N LYS C 332 52.87 -16.14 25.49
CA LYS C 332 52.08 -15.64 26.62
C LYS C 332 50.92 -14.75 26.19
N MET C 333 50.81 -14.41 24.91
CA MET C 333 49.76 -13.49 24.48
C MET C 333 48.39 -14.16 24.47
N ASP C 334 48.31 -15.41 24.00
CA ASP C 334 47.02 -16.09 23.98
C ASP C 334 46.59 -16.51 25.37
N SER C 335 47.53 -16.76 26.28
CA SER C 335 47.16 -17.13 27.64
C SER C 335 46.38 -16.02 28.34
N TYR C 336 46.84 -14.77 28.17
CA TYR C 336 46.17 -13.64 28.81
C TYR C 336 44.84 -13.32 28.13
N ALA C 337 44.74 -13.52 26.82
CA ALA C 337 43.50 -13.23 26.12
C ALA C 337 42.40 -14.23 26.48
N ARG C 338 42.78 -15.46 26.83
CA ARG C 338 41.77 -16.45 27.23
C ARG C 338 41.06 -16.04 28.51
N ILE C 339 41.73 -15.27 29.36
CA ILE C 339 41.17 -14.87 30.65
C ILE C 339 40.69 -13.43 30.64
N PHE C 340 41.49 -12.51 30.09
CA PHE C 340 41.14 -11.10 30.13
C PHE C 340 39.87 -10.80 29.33
N PHE C 341 39.74 -11.38 28.15
CA PHE C 341 38.56 -11.09 27.33
C PHE C 341 37.26 -11.54 27.99
N PRO C 342 37.11 -12.78 28.46
CA PRO C 342 35.87 -13.14 29.16
C PRO C 342 35.63 -12.31 30.42
N THR C 343 36.69 -11.99 31.16
CA THR C 343 36.52 -11.21 32.39
C THR C 343 36.09 -9.78 32.08
N ALA C 344 36.70 -9.16 31.08
CA ALA C 344 36.36 -7.78 30.75
C ALA C 344 34.92 -7.65 30.28
N PHE C 345 34.45 -8.60 29.46
CA PHE C 345 33.07 -8.56 29.00
C PHE C 345 32.10 -8.77 30.16
N CYS C 346 32.39 -9.73 31.04
CA CYS C 346 31.54 -9.94 32.20
C CYS C 346 31.55 -8.73 33.12
N LEU C 347 32.65 -7.97 33.13
CA LEU C 347 32.68 -6.72 33.88
C LEU C 347 31.83 -5.65 33.23
N PHE C 348 31.81 -5.62 31.89
CA PHE C 348 31.02 -4.60 31.19
C PHE C 348 29.53 -4.82 31.39
N ASN C 349 29.08 -6.08 31.41
CA ASN C 349 27.66 -6.35 31.63
C ASN C 349 27.24 -5.90 33.02
N LEU C 350 28.11 -6.08 34.01
CA LEU C 350 27.78 -5.66 35.37
C LEU C 350 27.53 -4.15 35.44
N VAL C 351 28.39 -3.37 34.79
CA VAL C 351 28.22 -1.92 34.82
C VAL C 351 27.01 -1.50 33.99
N TYR C 352 26.79 -2.16 32.85
CA TYR C 352 25.71 -1.77 31.96
C TYR C 352 24.34 -2.01 32.60
N TRP C 353 24.12 -3.22 33.12
CA TRP C 353 22.79 -3.59 33.60
C TRP C 353 22.44 -2.87 34.90
N VAL C 354 23.42 -2.64 35.77
CA VAL C 354 23.13 -1.93 37.01
C VAL C 354 22.76 -0.48 36.73
N SER C 355 23.46 0.16 35.79
CA SER C 355 23.18 1.56 35.48
C SER C 355 21.83 1.76 34.82
N TYR C 356 21.27 0.74 34.17
CA TYR C 356 20.00 0.88 33.47
C TYR C 356 18.84 0.16 34.15
N LEU C 357 19.09 -0.55 35.24
CA LEU C 357 18.02 -1.15 36.03
C LEU C 357 17.98 -0.67 37.46
N TYR C 358 19.01 0.05 37.92
CA TYR C 358 19.02 0.56 39.29
C TYR C 358 19.47 2.00 39.42
N LEU C 359 20.04 2.61 38.38
CA LEU C 359 20.41 4.02 38.42
C LEU C 359 19.65 4.85 37.40
N GLY C 360 19.67 4.47 36.14
CA GLY C 360 19.01 5.24 35.10
C GLY C 360 19.86 6.38 34.56
N ASP D 63 -51.82 0.30 -11.86
CA ASP D 63 -53.15 0.41 -11.29
C ASP D 63 -53.16 -0.11 -9.85
N ASN D 64 -52.72 -1.35 -9.67
CA ASN D 64 -52.66 -1.95 -8.35
C ASN D 64 -51.58 -1.34 -7.47
N THR D 65 -50.62 -0.63 -8.05
CA THR D 65 -49.58 0.00 -7.26
C THR D 65 -50.09 1.21 -6.47
N THR D 66 -51.21 1.80 -6.88
CA THR D 66 -51.78 2.89 -6.10
C THR D 66 -52.41 2.39 -4.81
N VAL D 67 -52.86 1.13 -4.79
CA VAL D 67 -53.39 0.57 -3.55
C VAL D 67 -52.29 0.37 -2.52
N PHE D 68 -51.13 -0.10 -2.97
CA PHE D 68 -50.01 -0.30 -2.04
C PHE D 68 -49.40 1.01 -1.58
N THR D 69 -49.45 2.04 -2.44
CA THR D 69 -48.95 3.35 -2.02
C THR D 69 -49.79 3.93 -0.89
N ARG D 70 -51.10 3.74 -0.95
CA ARG D 70 -51.96 4.23 0.14
C ARG D 70 -51.64 3.53 1.45
N ILE D 71 -51.41 2.22 1.40
CA ILE D 71 -51.13 1.46 2.63
C ILE D 71 -49.83 1.94 3.26
N LEU D 72 -48.79 2.13 2.46
CA LEU D 72 -47.51 2.57 3.00
C LEU D 72 -47.60 3.97 3.58
N ASP D 73 -48.36 4.86 2.93
CA ASP D 73 -48.52 6.20 3.47
C ASP D 73 -49.33 6.21 4.77
N ARG D 74 -50.23 5.23 4.94
CA ARG D 74 -50.99 5.15 6.18
C ARG D 74 -50.14 4.63 7.33
N LEU D 75 -49.27 3.65 7.07
CA LEU D 75 -48.40 3.12 8.12
C LEU D 75 -47.47 4.19 8.67
N LEU D 76 -46.89 5.01 7.78
CA LEU D 76 -45.97 6.05 8.20
C LEU D 76 -46.68 7.34 8.60
N ASP D 77 -48.01 7.38 8.54
CA ASP D 77 -48.78 8.57 8.90
C ASP D 77 -48.73 8.74 10.41
N GLY D 78 -47.90 9.66 10.88
CA GLY D 78 -47.75 9.87 12.31
C GLY D 78 -46.83 8.89 13.00
N TYR D 79 -46.17 8.01 12.26
CA TYR D 79 -45.22 7.08 12.84
C TYR D 79 -44.02 7.83 13.42
N ASP D 80 -43.54 7.37 14.56
CA ASP D 80 -42.45 8.03 15.28
C ASP D 80 -41.30 7.03 15.45
N ASN D 81 -40.23 7.21 14.68
CA ASN D 81 -39.09 6.30 14.74
C ASN D 81 -38.15 6.61 15.88
N ARG D 82 -38.45 7.60 16.70
CA ARG D 82 -37.66 7.85 17.90
C ARG D 82 -38.08 6.97 19.07
N LEU D 83 -39.15 6.19 18.93
CA LEU D 83 -39.68 5.38 20.02
C LEU D 83 -39.63 3.91 19.62
N ARG D 84 -39.12 3.07 20.52
CA ARG D 84 -39.12 1.65 20.29
C ARG D 84 -40.54 1.10 20.39
N PRO D 85 -40.83 -0.01 19.72
CA PRO D 85 -42.15 -0.63 19.85
C PRO D 85 -42.41 -1.08 21.28
N GLY D 86 -43.67 -0.96 21.68
CA GLY D 86 -44.02 -1.36 23.03
C GLY D 86 -43.47 -0.46 24.10
N LEU D 87 -43.13 0.78 23.77
CA LEU D 87 -42.60 1.71 24.76
C LEU D 87 -43.63 1.97 25.84
N GLY D 88 -43.24 1.75 27.10
CA GLY D 88 -44.13 1.93 28.21
C GLY D 88 -45.13 0.82 28.43
N GLU D 89 -45.06 -0.25 27.66
CA GLU D 89 -46.01 -1.35 27.77
C GLU D 89 -45.35 -2.72 27.91
N ARG D 90 -44.23 -2.94 27.24
CA ARG D 90 -43.61 -4.25 27.22
C ARG D 90 -42.14 -4.09 26.89
N VAL D 91 -41.46 -5.20 26.59
CA VAL D 91 -40.06 -5.21 26.20
C VAL D 91 -39.98 -5.64 24.75
N THR D 92 -39.15 -4.94 23.98
CA THR D 92 -38.96 -5.26 22.57
C THR D 92 -38.01 -6.44 22.44
N GLU D 93 -38.51 -7.57 21.93
CA GLU D 93 -37.70 -8.76 21.74
C GLU D 93 -37.24 -8.83 20.30
N VAL D 94 -35.93 -8.98 20.10
CA VAL D 94 -35.32 -8.99 18.78
C VAL D 94 -34.72 -10.36 18.56
N LYS D 95 -35.20 -11.07 17.53
CA LYS D 95 -34.64 -12.35 17.16
C LYS D 95 -33.49 -12.13 16.17
N THR D 96 -32.44 -12.94 16.30
CA THR D 96 -31.24 -12.74 15.51
C THR D 96 -30.70 -14.08 15.05
N ASP D 97 -30.25 -14.13 13.80
CA ASP D 97 -29.43 -15.22 13.30
C ASP D 97 -28.39 -14.67 12.34
N ILE D 98 -27.28 -15.39 12.22
CA ILE D 98 -26.13 -14.97 11.42
C ILE D 98 -25.83 -16.07 10.41
N PHE D 99 -25.63 -15.69 9.15
CA PHE D 99 -25.19 -16.62 8.12
C PHE D 99 -23.82 -16.18 7.63
N VAL D 100 -22.79 -16.92 8.00
CA VAL D 100 -21.42 -16.56 7.67
C VAL D 100 -21.14 -17.00 6.23
N THR D 101 -21.09 -16.03 5.32
CA THR D 101 -20.80 -16.37 3.93
C THR D 101 -19.34 -16.72 3.71
N SER D 102 -18.43 -16.09 4.44
CA SER D 102 -17.01 -16.39 4.31
C SER D 102 -16.30 -15.99 5.60
N PHE D 103 -15.57 -16.93 6.20
CA PHE D 103 -14.81 -16.67 7.41
C PHE D 103 -13.40 -16.23 7.00
N GLY D 104 -13.17 -14.93 6.99
CA GLY D 104 -12.04 -14.35 6.32
C GLY D 104 -10.72 -14.59 7.02
N PRO D 105 -9.67 -13.92 6.54
CA PRO D 105 -8.33 -14.18 7.04
C PRO D 105 -8.15 -13.77 8.49
N VAL D 106 -7.26 -14.47 9.18
CA VAL D 106 -6.90 -14.19 10.56
C VAL D 106 -5.52 -13.54 10.57
N SER D 107 -5.41 -12.41 11.24
CA SER D 107 -4.17 -11.65 11.32
C SER D 107 -3.59 -11.80 12.72
N ASP D 108 -2.35 -12.27 12.80
CA ASP D 108 -1.68 -12.41 14.08
C ASP D 108 -0.99 -11.12 14.51
N HIS D 109 -0.52 -10.32 13.55
CA HIS D 109 0.09 -9.03 13.88
C HIS D 109 -0.93 -8.08 14.48
N ASP D 110 -2.14 -8.04 13.94
CA ASP D 110 -3.20 -7.20 14.46
C ASP D 110 -4.05 -7.89 15.51
N MET D 111 -3.90 -9.20 15.68
CA MET D 111 -4.72 -9.98 16.61
C MET D 111 -6.20 -9.74 16.39
N GLU D 112 -6.60 -9.80 15.12
CA GLU D 112 -8.00 -9.65 14.73
C GLU D 112 -8.31 -10.66 13.64
N TYR D 113 -9.59 -10.72 13.27
CA TYR D 113 -10.01 -11.56 12.17
C TYR D 113 -11.20 -10.89 11.47
N THR D 114 -11.40 -11.26 10.22
CA THR D 114 -12.48 -10.72 9.40
C THR D 114 -13.53 -11.79 9.14
N ILE D 115 -14.78 -11.36 9.04
CA ILE D 115 -15.89 -12.27 8.77
C ILE D 115 -16.96 -11.51 8.00
N ASP D 116 -17.50 -12.15 6.96
CA ASP D 116 -18.57 -11.57 6.15
C ASP D 116 -19.84 -12.35 6.41
N VAL D 117 -20.89 -11.65 6.84
CA VAL D 117 -22.10 -12.32 7.32
C VAL D 117 -23.33 -11.66 6.70
N PHE D 118 -24.41 -12.44 6.65
CA PHE D 118 -25.76 -11.91 6.52
C PHE D 118 -26.32 -11.78 7.93
N PHE D 119 -26.47 -10.56 8.41
CA PHE D 119 -26.89 -10.30 9.78
C PHE D 119 -28.39 -10.04 9.78
N ARG D 120 -29.17 -11.01 10.28
CA ARG D 120 -30.63 -10.96 10.23
C ARG D 120 -31.20 -10.66 11.60
N GLN D 121 -32.12 -9.71 11.66
CA GLN D 121 -32.81 -9.34 12.88
C GLN D 121 -34.31 -9.31 12.63
N SER D 122 -35.09 -9.70 13.64
CA SER D 122 -36.54 -9.73 13.50
C SER D 122 -37.19 -9.32 14.81
N TRP D 123 -38.28 -8.56 14.70
CA TRP D 123 -39.01 -8.08 15.87
C TRP D 123 -40.44 -7.79 15.44
N LYS D 124 -41.27 -7.48 16.44
CA LYS D 124 -42.68 -7.20 16.23
C LYS D 124 -42.94 -5.71 16.47
N ASP D 125 -43.70 -5.10 15.56
CA ASP D 125 -44.06 -3.68 15.69
C ASP D 125 -45.53 -3.55 15.33
N GLU D 126 -46.38 -3.38 16.34
CA GLU D 126 -47.83 -3.34 16.13
C GLU D 126 -48.29 -2.08 15.39
N ARG D 127 -47.44 -1.06 15.25
CA ARG D 127 -47.81 0.12 14.50
C ARG D 127 -47.84 -0.12 13.00
N LEU D 128 -47.36 -1.27 12.53
CA LEU D 128 -47.18 -1.55 11.11
C LEU D 128 -48.08 -2.68 10.64
N LYS D 129 -49.21 -2.89 11.30
CA LYS D 129 -50.17 -3.87 10.83
C LYS D 129 -50.96 -3.32 9.65
N PHE D 130 -51.34 -4.21 8.74
CA PHE D 130 -52.08 -3.81 7.56
C PHE D 130 -52.89 -4.99 7.04
N LYS D 131 -53.88 -4.67 6.21
CA LYS D 131 -54.68 -5.66 5.51
C LYS D 131 -54.71 -5.30 4.04
N GLY D 132 -54.39 -6.27 3.19
CA GLY D 132 -54.35 -6.05 1.77
C GLY D 132 -54.21 -7.34 1.00
N PRO D 133 -54.07 -7.24 -0.32
CA PRO D 133 -54.00 -8.46 -1.15
C PRO D 133 -52.80 -9.34 -0.85
N MET D 134 -51.74 -8.81 -0.24
CA MET D 134 -50.55 -9.59 0.07
C MET D 134 -50.33 -9.65 1.58
N THR D 135 -49.81 -10.78 2.04
CA THR D 135 -49.48 -10.96 3.44
C THR D 135 -48.08 -10.48 3.80
N VAL D 136 -47.22 -10.25 2.81
CA VAL D 136 -45.88 -9.74 3.04
C VAL D 136 -45.59 -8.66 2.00
N LEU D 137 -45.00 -7.56 2.44
CA LEU D 137 -44.51 -6.51 1.56
C LEU D 137 -42.99 -6.56 1.56
N ARG D 138 -42.40 -7.03 0.47
CA ARG D 138 -40.95 -7.05 0.32
C ARG D 138 -40.52 -5.71 -0.24
N LEU D 139 -40.18 -4.79 0.66
CA LEU D 139 -39.97 -3.39 0.33
C LEU D 139 -38.51 -3.06 0.10
N ASN D 140 -38.29 -1.89 -0.48
CA ASN D 140 -36.94 -1.37 -0.71
C ASN D 140 -36.26 -1.03 0.61
N ASN D 141 -34.93 -1.14 0.62
CA ASN D 141 -34.18 -0.85 1.85
C ASN D 141 -34.21 0.62 2.23
N LEU D 142 -34.69 1.50 1.33
CA LEU D 142 -34.90 2.90 1.70
C LEU D 142 -35.94 3.04 2.80
N MET D 143 -36.90 2.12 2.84
CA MET D 143 -37.97 2.16 3.85
C MET D 143 -37.44 1.95 5.26
N ALA D 144 -36.26 1.35 5.41
CA ALA D 144 -35.74 1.05 6.73
C ALA D 144 -35.29 2.28 7.50
N SER D 145 -35.05 3.40 6.82
CA SER D 145 -34.61 4.61 7.49
C SER D 145 -35.77 5.44 8.04
N LYS D 146 -37.01 5.00 7.83
CA LYS D 146 -38.17 5.71 8.31
C LYS D 146 -38.88 5.01 9.46
N ILE D 147 -38.50 3.77 9.78
CA ILE D 147 -39.08 3.05 10.90
C ILE D 147 -38.00 2.85 11.96
N TRP D 148 -38.39 2.26 13.09
CA TRP D 148 -37.46 2.00 14.18
C TRP D 148 -36.76 0.67 13.96
N THR D 149 -35.44 0.67 14.08
CA THR D 149 -34.64 -0.54 13.97
C THR D 149 -33.69 -0.63 15.16
N PRO D 150 -33.36 -1.84 15.60
CA PRO D 150 -32.46 -1.98 16.75
C PRO D 150 -31.09 -1.40 16.46
N ASP D 151 -30.48 -0.80 17.48
CA ASP D 151 -29.17 -0.18 17.34
C ASP D 151 -28.09 -1.15 17.83
N THR D 152 -27.94 -2.23 17.08
CA THR D 152 -27.01 -3.29 17.44
C THR D 152 -25.59 -2.92 17.03
N PHE D 153 -24.64 -3.12 17.95
CA PHE D 153 -23.23 -2.90 17.67
C PHE D 153 -22.45 -4.10 18.16
N PHE D 154 -21.24 -4.26 17.62
CA PHE D 154 -20.37 -5.37 17.98
C PHE D 154 -19.36 -4.89 19.02
N HIS D 155 -19.38 -5.53 20.20
CA HIS D 155 -18.64 -5.00 21.35
C HIS D 155 -17.14 -5.00 21.08
N ASN D 156 -16.61 -6.06 20.50
CA ASN D 156 -15.21 -6.14 20.15
C ASN D 156 -14.95 -5.79 18.69
N GLY D 157 -15.95 -5.26 18.00
CA GLY D 157 -15.78 -4.95 16.59
C GLY D 157 -14.86 -3.78 16.38
N LYS D 158 -13.89 -3.94 15.48
CA LYS D 158 -13.05 -2.86 15.00
C LYS D 158 -13.72 -2.27 13.75
N LYS D 159 -12.97 -1.52 12.96
CA LYS D 159 -13.51 -0.93 11.73
C LYS D 159 -14.25 -1.96 10.90
N SER D 160 -15.55 -1.76 10.75
CA SER D 160 -16.42 -2.65 9.99
C SER D 160 -16.98 -1.90 8.79
N VAL D 161 -17.54 -2.67 7.86
CA VAL D 161 -18.00 -2.14 6.58
C VAL D 161 -19.44 -2.56 6.36
N ALA D 162 -20.28 -1.61 5.98
CA ALA D 162 -21.61 -1.90 5.45
C ALA D 162 -21.55 -1.71 3.94
N HIS D 163 -21.83 -2.77 3.20
CA HIS D 163 -21.63 -2.75 1.77
C HIS D 163 -22.70 -1.91 1.08
N ASN D 164 -22.28 -1.14 0.09
CA ASN D 164 -23.14 -0.15 -0.56
C ASN D 164 -23.05 -0.24 -2.08
N MET D 165 -22.77 -1.43 -2.61
CA MET D 165 -22.61 -1.64 -4.04
C MET D 165 -23.53 -2.76 -4.49
N THR D 166 -24.39 -2.50 -5.47
CA THR D 166 -24.52 -1.19 -6.11
C THR D 166 -25.52 -0.33 -5.36
N MET D 167 -26.21 -0.93 -4.41
CA MET D 167 -27.19 -0.29 -3.55
C MET D 167 -26.92 -0.73 -2.12
N PRO D 168 -27.47 -0.03 -1.12
CA PRO D 168 -27.33 -0.50 0.26
C PRO D 168 -27.77 -1.94 0.41
N ASN D 169 -26.87 -2.81 0.86
CA ASN D 169 -27.15 -4.24 0.95
C ASN D 169 -28.02 -4.49 2.18
N LYS D 170 -29.30 -4.15 2.05
CA LYS D 170 -30.27 -4.35 3.11
C LYS D 170 -31.59 -4.78 2.49
N LEU D 171 -32.38 -5.52 3.27
CA LEU D 171 -33.75 -5.84 2.88
C LEU D 171 -34.68 -5.61 4.06
N LEU D 172 -35.89 -5.18 3.75
CA LEU D 172 -36.93 -4.99 4.75
C LEU D 172 -38.22 -5.63 4.26
N ARG D 173 -38.84 -6.44 5.10
CA ARG D 173 -40.08 -7.13 4.78
C ARG D 173 -41.04 -6.99 5.94
N ILE D 174 -42.27 -6.60 5.65
CA ILE D 174 -43.31 -6.40 6.65
C ILE D 174 -44.41 -7.42 6.40
N THR D 175 -44.69 -8.26 7.40
CA THR D 175 -45.84 -9.14 7.34
C THR D 175 -47.05 -8.46 7.95
N GLU D 176 -48.23 -8.99 7.64
CA GLU D 176 -49.48 -8.31 7.98
C GLU D 176 -49.74 -8.24 9.48
N ASP D 177 -49.02 -9.02 10.29
CA ASP D 177 -49.19 -8.94 11.74
C ASP D 177 -48.24 -7.94 12.39
N GLY D 178 -47.44 -7.23 11.59
CA GLY D 178 -46.50 -6.26 12.11
C GLY D 178 -45.08 -6.75 12.21
N THR D 179 -44.84 -8.04 12.02
CA THR D 179 -43.49 -8.58 12.13
C THR D 179 -42.59 -8.00 11.05
N LEU D 180 -41.34 -7.72 11.42
CA LEU D 180 -40.36 -7.16 10.50
C LEU D 180 -39.16 -8.08 10.41
N LEU D 181 -38.68 -8.29 9.19
CA LEU D 181 -37.41 -8.95 8.94
C LEU D 181 -36.45 -7.93 8.35
N TYR D 182 -35.29 -7.78 8.94
CA TYR D 182 -34.33 -6.74 8.56
C TYR D 182 -32.94 -7.35 8.54
N THR D 183 -32.40 -7.56 7.35
CA THR D 183 -31.08 -8.16 7.19
C THR D 183 -30.14 -7.20 6.47
N MET D 184 -28.85 -7.41 6.66
CA MET D 184 -27.82 -6.58 6.05
C MET D 184 -26.57 -7.42 5.84
N ARG D 185 -25.75 -7.01 4.89
CA ARG D 185 -24.50 -7.70 4.59
C ARG D 185 -23.34 -6.87 5.14
N LEU D 186 -22.52 -7.48 5.98
CA LEU D 186 -21.48 -6.77 6.71
C LEU D 186 -20.13 -7.42 6.47
N THR D 187 -19.08 -6.67 6.80
CA THR D 187 -17.70 -7.17 6.86
C THR D 187 -17.21 -6.78 8.25
N VAL D 188 -17.31 -7.69 9.20
CA VAL D 188 -17.02 -7.40 10.60
C VAL D 188 -15.57 -7.77 10.88
N ARG D 189 -14.80 -6.81 11.39
CA ARG D 189 -13.44 -7.05 11.85
C ARG D 189 -13.45 -7.00 13.38
N ALA D 190 -13.24 -8.14 14.01
CA ALA D 190 -13.36 -8.27 15.45
C ALA D 190 -12.01 -8.66 16.05
N GLU D 191 -11.80 -8.25 17.30
CA GLU D 191 -10.58 -8.60 18.00
C GLU D 191 -10.61 -10.07 18.44
N CYS D 192 -9.44 -10.70 18.41
CA CYS D 192 -9.29 -12.07 18.91
C CYS D 192 -8.00 -12.11 19.71
N PRO D 193 -8.06 -12.03 21.04
CA PRO D 193 -6.85 -12.17 21.85
C PRO D 193 -6.19 -13.52 21.62
N MET D 194 -4.87 -13.51 21.53
CA MET D 194 -4.11 -14.72 21.22
C MET D 194 -2.99 -14.90 22.22
N HIS D 195 -2.85 -16.12 22.75
CA HIS D 195 -1.75 -16.50 23.61
C HIS D 195 -0.84 -17.41 22.80
N LEU D 196 0.31 -16.88 22.37
CA LEU D 196 1.21 -17.58 21.46
C LEU D 196 2.29 -18.37 22.19
N GLU D 197 2.03 -18.85 23.40
CA GLU D 197 3.02 -19.66 24.10
C GLU D 197 3.27 -20.98 23.39
N ASP D 198 2.28 -21.52 22.69
CA ASP D 198 2.39 -22.79 22.00
C ASP D 198 2.61 -22.65 20.50
N PHE D 199 2.92 -21.45 20.03
CA PHE D 199 3.07 -21.21 18.60
C PHE D 199 4.21 -22.07 18.04
N PRO D 200 4.02 -22.70 16.87
CA PRO D 200 2.86 -22.69 15.98
C PRO D 200 1.89 -23.84 16.18
N MET D 201 1.70 -24.31 17.42
CA MET D 201 0.81 -25.43 17.68
C MET D 201 -0.29 -25.01 18.64
N ASP D 202 -0.88 -23.84 18.39
CA ASP D 202 -1.79 -23.19 19.31
C ASP D 202 -3.18 -23.09 18.71
N ALA D 203 -4.18 -23.10 19.59
CA ALA D 203 -5.58 -22.97 19.21
C ALA D 203 -6.19 -21.78 19.93
N HIS D 204 -7.10 -21.09 19.25
CA HIS D 204 -7.74 -19.91 19.79
C HIS D 204 -9.25 -20.03 19.67
N ALA D 205 -9.94 -19.31 20.54
CA ALA D 205 -11.40 -19.22 20.52
C ALA D 205 -11.73 -17.75 20.24
N CYS D 206 -11.89 -17.41 18.98
CA CYS D 206 -12.14 -16.03 18.60
C CYS D 206 -13.62 -15.69 18.80
N PRO D 207 -13.96 -14.74 19.65
CA PRO D 207 -15.36 -14.46 19.95
C PRO D 207 -15.94 -13.36 19.07
N LEU D 208 -17.27 -13.37 18.99
CA LEU D 208 -18.03 -12.34 18.28
C LEU D 208 -19.21 -11.95 19.16
N LYS D 209 -19.12 -10.77 19.78
CA LYS D 209 -20.10 -10.32 20.76
C LYS D 209 -20.85 -9.11 20.22
N PHE D 210 -22.17 -9.11 20.40
CA PHE D 210 -22.96 -7.97 19.96
C PHE D 210 -24.17 -7.81 20.87
N GLY D 211 -24.72 -6.60 20.85
CA GLY D 211 -25.87 -6.27 21.67
C GLY D 211 -26.30 -4.86 21.37
N SER D 212 -27.28 -4.39 22.12
CA SER D 212 -27.75 -3.02 21.94
C SER D 212 -26.78 -2.04 22.55
N TYR D 213 -26.80 -0.80 22.06
CA TYR D 213 -25.97 0.25 22.61
C TYR D 213 -26.71 1.16 23.57
N ALA D 214 -27.93 1.57 23.24
CA ALA D 214 -28.64 2.56 24.02
C ALA D 214 -29.83 2.01 24.80
N TYR D 215 -30.13 0.73 24.67
CA TYR D 215 -31.29 0.14 25.34
C TYR D 215 -30.85 -0.96 26.28
N THR D 216 -31.26 -0.84 27.54
CA THR D 216 -30.90 -1.83 28.55
C THR D 216 -31.84 -3.02 28.47
N ARG D 217 -31.61 -4.02 29.32
CA ARG D 217 -32.34 -5.28 29.22
C ARG D 217 -33.79 -5.16 29.67
N ALA D 218 -34.18 -4.02 30.24
CA ALA D 218 -35.58 -3.76 30.54
C ALA D 218 -36.31 -3.11 29.37
N GLU D 219 -35.63 -2.86 28.26
CA GLU D 219 -36.23 -2.28 27.07
C GLU D 219 -36.09 -3.17 25.84
N VAL D 220 -34.90 -3.69 25.58
CA VAL D 220 -34.64 -4.53 24.41
C VAL D 220 -33.91 -5.78 24.88
N VAL D 221 -34.39 -6.94 24.46
CA VAL D 221 -33.72 -8.20 24.74
C VAL D 221 -33.47 -8.91 23.42
N TYR D 222 -32.44 -9.74 23.39
CA TYR D 222 -32.05 -10.46 22.19
C TYR D 222 -32.16 -11.95 22.40
N GLU D 223 -32.69 -12.64 21.39
CA GLU D 223 -32.77 -14.09 21.38
C GLU D 223 -32.28 -14.60 20.03
N TRP D 224 -32.21 -15.92 19.91
CA TRP D 224 -31.85 -16.55 18.65
C TRP D 224 -33.12 -17.07 17.97
N THR D 225 -33.15 -16.97 16.64
CA THR D 225 -34.35 -17.35 15.90
C THR D 225 -34.68 -18.83 16.08
N ARG D 226 -33.66 -19.66 16.14
CA ARG D 226 -33.79 -21.12 16.27
C ARG D 226 -32.99 -21.57 17.49
N GLU D 227 -32.75 -22.86 17.59
CA GLU D 227 -31.85 -23.35 18.62
C GLU D 227 -30.52 -22.59 18.51
N PRO D 228 -29.89 -22.26 19.64
CA PRO D 228 -28.66 -21.45 19.56
C PRO D 228 -27.60 -22.06 18.69
N ALA D 229 -27.45 -23.39 18.71
CA ALA D 229 -26.44 -24.03 17.87
C ALA D 229 -26.75 -23.87 16.39
N ARG D 230 -28.03 -23.79 16.02
CA ARG D 230 -28.43 -23.71 14.62
C ARG D 230 -28.78 -22.30 14.18
N SER D 231 -28.47 -21.29 14.99
CA SER D 231 -28.75 -19.90 14.63
C SER D 231 -27.57 -19.18 14.00
N VAL D 232 -26.38 -19.77 14.05
CA VAL D 232 -25.23 -19.28 13.29
C VAL D 232 -24.86 -20.36 12.28
N VAL D 233 -24.90 -20.00 11.01
CA VAL D 233 -24.68 -20.94 9.92
C VAL D 233 -23.50 -20.46 9.09
N VAL D 234 -22.60 -21.38 8.75
CA VAL D 234 -21.41 -21.08 7.98
C VAL D 234 -21.55 -21.71 6.61
N ALA D 235 -21.30 -20.92 5.57
CA ALA D 235 -21.36 -21.45 4.21
C ALA D 235 -20.29 -22.52 4.02
N GLU D 236 -20.68 -23.61 3.36
CA GLU D 236 -19.83 -24.80 3.31
C GLU D 236 -18.52 -24.52 2.58
N ASP D 237 -18.56 -23.76 1.50
CA ASP D 237 -17.39 -23.52 0.68
C ASP D 237 -16.76 -22.15 0.94
N GLY D 238 -17.16 -21.48 2.02
CA GLY D 238 -16.75 -20.11 2.25
C GLY D 238 -15.46 -19.91 3.02
N SER D 239 -14.73 -20.96 3.36
CA SER D 239 -13.51 -20.79 4.15
C SER D 239 -12.49 -19.96 3.38
N ARG D 240 -12.06 -18.85 4.00
CA ARG D 240 -11.00 -18.01 3.47
C ARG D 240 -9.75 -18.07 4.34
N LEU D 241 -9.60 -19.13 5.13
CA LEU D 241 -8.48 -19.27 6.05
C LEU D 241 -7.33 -19.98 5.36
N ASN D 242 -6.13 -19.44 5.51
CA ASN D 242 -4.94 -20.02 4.90
C ASN D 242 -4.24 -20.99 5.85
N GLN D 243 -4.02 -20.58 7.10
CA GLN D 243 -3.22 -21.34 8.04
C GLN D 243 -4.01 -21.75 9.28
N TYR D 244 -5.34 -21.77 9.21
CA TYR D 244 -6.16 -22.19 10.32
C TYR D 244 -7.25 -23.14 9.85
N ASP D 245 -7.71 -23.98 10.78
CA ASP D 245 -8.85 -24.86 10.58
C ASP D 245 -9.97 -24.43 11.50
N LEU D 246 -11.18 -24.30 10.95
CA LEU D 246 -12.36 -23.97 11.75
C LEU D 246 -12.96 -25.27 12.26
N LEU D 247 -12.64 -25.63 13.50
CA LEU D 247 -13.17 -26.87 14.08
C LEU D 247 -14.67 -26.78 14.30
N GLY D 248 -15.12 -25.69 14.91
CA GLY D 248 -16.53 -25.52 15.20
C GLY D 248 -16.74 -24.21 15.92
N GLN D 249 -18.00 -23.92 16.22
CA GLN D 249 -18.35 -22.69 16.89
C GLN D 249 -19.33 -22.95 18.03
N THR D 250 -19.29 -22.08 19.02
CA THR D 250 -20.16 -22.17 20.19
C THR D 250 -20.99 -20.90 20.28
N VAL D 251 -22.28 -21.07 20.55
CA VAL D 251 -23.24 -19.97 20.58
C VAL D 251 -23.81 -19.85 21.98
N ASP D 252 -23.81 -18.64 22.53
CA ASP D 252 -24.27 -18.42 23.89
C ASP D 252 -24.78 -16.99 24.02
N SER D 253 -25.54 -16.76 25.09
CA SER D 253 -26.11 -15.45 25.38
C SER D 253 -25.89 -15.12 26.85
N GLY D 254 -25.75 -13.83 27.15
CA GLY D 254 -25.47 -13.42 28.51
C GLY D 254 -25.94 -12.04 28.88
N ILE D 255 -25.39 -11.50 29.97
CA ILE D 255 -25.72 -10.16 30.44
C ILE D 255 -24.42 -9.44 30.74
N VAL D 256 -24.30 -8.19 30.28
CA VAL D 256 -23.18 -7.34 30.61
C VAL D 256 -23.71 -6.15 31.39
N GLN D 257 -22.87 -5.57 32.24
CA GLN D 257 -23.28 -4.51 33.14
C GLN D 257 -22.30 -3.35 33.07
N SER D 258 -22.82 -2.15 32.86
CA SER D 258 -21.98 -0.97 32.75
C SER D 258 -22.45 0.10 33.73
N SER D 259 -21.87 1.29 33.65
CA SER D 259 -22.29 2.40 34.51
C SER D 259 -23.62 2.99 34.08
N THR D 260 -24.16 2.59 32.92
CA THR D 260 -25.42 3.12 32.41
C THR D 260 -26.56 2.12 32.47
N GLY D 261 -26.29 0.86 32.77
CA GLY D 261 -27.35 -0.12 32.90
C GLY D 261 -26.86 -1.50 32.55
N GLU D 262 -27.80 -2.43 32.48
CA GLU D 262 -27.52 -3.81 32.12
C GLU D 262 -27.96 -4.05 30.68
N TYR D 263 -27.06 -4.61 29.88
CA TYR D 263 -27.33 -4.83 28.46
C TYR D 263 -27.19 -6.31 28.13
N VAL D 264 -28.16 -6.85 27.41
CA VAL D 264 -28.03 -8.21 26.88
C VAL D 264 -26.94 -8.23 25.82
N VAL D 265 -26.12 -9.28 25.87
CA VAL D 265 -25.04 -9.46 24.90
C VAL D 265 -25.14 -10.86 24.32
N MET D 266 -25.04 -10.97 23.00
CA MET D 266 -25.03 -12.24 22.30
C MET D 266 -23.60 -12.57 21.91
N THR D 267 -23.18 -13.80 22.17
CA THR D 267 -21.79 -14.19 21.99
C THR D 267 -21.68 -15.39 21.06
N THR D 268 -20.66 -15.37 20.20
CA THR D 268 -20.34 -16.50 19.33
C THR D 268 -18.84 -16.71 19.35
N HIS D 269 -18.40 -17.90 19.73
CA HIS D 269 -16.99 -18.24 19.79
C HIS D 269 -16.65 -19.17 18.63
N PHE D 270 -15.65 -18.80 17.84
CA PHE D 270 -15.16 -19.64 16.76
C PHE D 270 -13.84 -20.27 17.18
N HIS D 271 -13.75 -21.59 17.06
CA HIS D 271 -12.58 -22.33 17.48
C HIS D 271 -11.68 -22.60 16.28
N LEU D 272 -10.47 -22.08 16.32
CA LEU D 272 -9.52 -22.17 15.21
C LEU D 272 -8.27 -22.87 15.69
N LYS D 273 -7.78 -23.81 14.89
CA LYS D 273 -6.55 -24.53 15.16
C LYS D 273 -5.56 -24.25 14.04
N ARG D 274 -4.33 -23.93 14.40
CA ARG D 274 -3.33 -23.60 13.40
C ARG D 274 -2.81 -24.85 12.72
N LYS D 275 -2.40 -24.69 11.46
CA LYS D 275 -1.84 -25.77 10.67
C LYS D 275 -0.33 -25.61 10.61
N ILE D 276 0.40 -26.67 11.00
CA ILE D 276 1.84 -26.59 11.18
C ILE D 276 2.61 -26.90 9.92
N GLY D 277 1.93 -27.16 8.79
CA GLY D 277 2.63 -27.55 7.59
C GLY D 277 3.57 -26.47 7.06
N TYR D 278 3.17 -25.21 7.18
CA TYR D 278 4.01 -24.12 6.68
C TYR D 278 5.31 -24.03 7.45
N PHE D 279 5.26 -24.18 8.77
CA PHE D 279 6.43 -23.98 9.61
C PHE D 279 7.36 -25.17 9.66
N VAL D 280 6.90 -26.35 9.23
CA VAL D 280 7.81 -27.48 9.10
C VAL D 280 8.81 -27.23 7.97
N ILE D 281 8.35 -26.69 6.85
CA ILE D 281 9.23 -26.45 5.72
C ILE D 281 9.94 -25.11 5.79
N GLN D 282 9.45 -24.17 6.59
CA GLN D 282 10.03 -22.84 6.68
C GLN D 282 11.07 -22.75 7.78
N THR D 283 10.84 -23.39 8.92
CA THR D 283 11.74 -23.20 10.05
C THR D 283 12.28 -24.49 10.64
N TYR D 284 11.46 -25.53 10.75
CA TYR D 284 11.93 -26.76 11.40
C TYR D 284 12.92 -27.51 10.52
N LEU D 285 12.59 -27.69 9.24
CA LEU D 285 13.49 -28.43 8.36
C LEU D 285 14.84 -27.73 8.16
N PRO D 286 14.91 -26.42 7.91
CA PRO D 286 16.24 -25.78 7.88
C PRO D 286 17.01 -25.91 9.18
N CYS D 287 16.34 -25.85 10.33
CA CYS D 287 17.04 -26.01 11.59
C CYS D 287 17.53 -27.44 11.77
N ILE D 288 16.71 -28.42 11.41
CA ILE D 288 17.10 -29.81 11.56
C ILE D 288 18.24 -30.16 10.61
N MET D 289 18.23 -29.59 9.40
CA MET D 289 19.30 -29.89 8.45
C MET D 289 20.60 -29.18 8.81
N THR D 290 20.52 -27.97 9.38
CA THR D 290 21.74 -27.27 9.78
C THR D 290 22.44 -27.99 10.93
N VAL D 291 21.68 -28.54 11.87
CA VAL D 291 22.27 -29.33 12.94
C VAL D 291 22.96 -30.57 12.39
N ILE D 292 22.31 -31.27 11.47
CA ILE D 292 22.90 -32.47 10.87
C ILE D 292 24.14 -32.09 10.07
N LEU D 293 24.08 -30.98 9.34
CA LEU D 293 25.24 -30.52 8.59
C LEU D 293 26.41 -30.24 9.52
N SER D 294 26.13 -29.70 10.70
CA SER D 294 27.19 -29.35 11.64
C SER D 294 27.86 -30.56 12.26
N GLN D 295 27.23 -31.74 12.18
CA GLN D 295 27.81 -32.95 12.72
C GLN D 295 28.59 -33.75 11.68
N VAL D 296 28.61 -33.29 10.43
CA VAL D 296 29.52 -33.86 9.44
C VAL D 296 30.97 -33.54 9.81
N SER D 297 31.18 -32.45 10.56
CA SER D 297 32.53 -32.04 10.95
C SER D 297 33.22 -33.07 11.82
N PHE D 298 32.47 -33.94 12.50
CA PHE D 298 33.09 -34.96 13.34
C PHE D 298 33.80 -36.03 12.54
N TRP D 299 33.51 -36.14 11.24
CA TRP D 299 34.10 -37.19 10.42
C TRP D 299 35.31 -36.71 9.62
N LEU D 300 35.50 -35.41 9.47
CA LEU D 300 36.70 -34.90 8.82
C LEU D 300 37.91 -35.14 9.71
N ASN D 301 39.05 -35.43 9.10
CA ASN D 301 40.24 -35.73 9.88
C ASN D 301 40.73 -34.48 10.61
N ARG D 302 41.38 -34.71 11.76
CA ARG D 302 41.78 -33.61 12.62
C ARG D 302 42.82 -32.70 11.99
N GLU D 303 43.49 -33.16 10.93
CA GLU D 303 44.51 -32.33 10.29
C GLU D 303 43.90 -31.10 9.63
N SER D 304 42.75 -31.27 8.97
CA SER D 304 42.13 -30.18 8.21
C SER D 304 41.44 -29.21 9.18
N VAL D 305 42.27 -28.41 9.85
CA VAL D 305 41.78 -27.41 10.79
C VAL D 305 40.99 -26.32 10.08
N PRO D 306 41.48 -25.72 8.98
CA PRO D 306 40.69 -24.66 8.32
C PRO D 306 39.35 -25.15 7.80
N ALA D 307 39.25 -26.40 7.35
CA ALA D 307 37.99 -26.90 6.83
C ALA D 307 36.96 -27.07 7.94
N ARG D 308 37.37 -27.61 9.09
CA ARG D 308 36.43 -27.82 10.18
C ARG D 308 36.04 -26.53 10.87
N THR D 309 36.85 -25.47 10.76
CA THR D 309 36.46 -24.17 11.28
C THR D 309 35.40 -23.52 10.41
N VAL D 310 35.52 -23.66 9.09
CA VAL D 310 34.48 -23.18 8.19
C VAL D 310 33.17 -23.93 8.45
N PHE D 311 33.26 -25.22 8.75
CA PHE D 311 32.06 -25.98 9.07
C PHE D 311 31.36 -25.42 10.30
N GLY D 312 32.10 -25.22 11.39
CA GLY D 312 31.48 -24.76 12.62
C GLY D 312 30.96 -23.34 12.55
N VAL D 313 31.72 -22.45 11.92
CA VAL D 313 31.35 -21.04 11.91
C VAL D 313 30.10 -20.81 11.07
N THR D 314 30.07 -21.38 9.87
CA THR D 314 28.95 -21.12 8.97
C THR D 314 27.64 -21.64 9.55
N THR D 315 27.67 -22.83 10.16
CA THR D 315 26.44 -23.38 10.75
C THR D 315 25.98 -22.57 11.94
N VAL D 316 26.91 -22.04 12.73
CA VAL D 316 26.53 -21.17 13.84
C VAL D 316 25.88 -19.89 13.32
N LEU D 317 26.47 -19.29 12.29
CA LEU D 317 25.90 -18.08 11.70
C LEU D 317 24.57 -18.38 11.02
N THR D 318 24.43 -19.56 10.41
CA THR D 318 23.18 -19.92 9.75
C THR D 318 22.04 -20.01 10.75
N MET D 319 22.30 -20.59 11.92
CA MET D 319 21.26 -20.66 12.95
C MET D 319 20.83 -19.28 13.41
N THR D 320 21.74 -18.31 13.41
CA THR D 320 21.38 -16.94 13.74
C THR D 320 20.45 -16.35 12.68
N THR D 321 20.73 -16.59 11.41
CA THR D 321 19.87 -16.09 10.34
C THR D 321 18.47 -16.69 10.43
N LEU D 322 18.38 -17.99 10.70
CA LEU D 322 17.07 -18.63 10.83
C LEU D 322 16.36 -18.18 12.09
N SER D 323 17.08 -17.92 13.17
CA SER D 323 16.44 -17.44 14.40
C SER D 323 15.82 -16.07 14.20
N ILE D 324 16.51 -15.17 13.49
CA ILE D 324 15.99 -13.83 13.27
C ILE D 324 14.78 -13.87 12.35
N SER D 325 14.88 -14.62 11.25
CA SER D 325 13.79 -14.65 10.28
C SER D 325 12.54 -15.30 10.83
N ALA D 326 12.69 -16.27 11.74
CA ALA D 326 11.53 -16.99 12.26
C ALA D 326 10.64 -16.11 13.12
N ARG D 327 11.16 -15.03 13.68
CA ARG D 327 10.37 -14.13 14.52
C ARG D 327 9.69 -13.03 13.73
N ASN D 328 9.98 -12.89 12.43
CA ASN D 328 9.35 -11.84 11.63
C ASN D 328 7.84 -12.05 11.53
N SER D 329 7.40 -13.29 11.38
CA SER D 329 5.97 -13.54 11.21
C SER D 329 5.18 -13.18 12.46
N LEU D 330 5.72 -13.50 13.64
CA LEU D 330 5.00 -13.27 14.87
C LEU D 330 4.89 -11.78 15.18
N PRO D 331 3.85 -11.36 15.88
CA PRO D 331 3.86 -10.04 16.50
C PRO D 331 4.89 -9.99 17.62
N LYS D 332 5.40 -8.80 17.90
CA LYS D 332 6.51 -8.68 18.84
C LYS D 332 6.06 -8.93 20.28
N VAL D 333 5.81 -10.20 20.62
CA VAL D 333 5.42 -10.54 21.98
C VAL D 333 6.66 -10.63 22.86
N ALA D 334 6.43 -10.59 24.17
CA ALA D 334 7.51 -10.52 25.14
C ALA D 334 7.83 -11.85 25.81
N TYR D 335 7.28 -12.95 25.31
CA TYR D 335 7.56 -14.28 25.86
C TYR D 335 8.22 -15.16 24.79
N ALA D 336 8.53 -16.38 25.17
CA ALA D 336 9.18 -17.34 24.30
C ALA D 336 8.16 -18.39 23.86
N THR D 337 8.01 -18.54 22.55
CA THR D 337 7.05 -19.47 22.00
C THR D 337 7.63 -20.88 21.95
N ALA D 338 6.85 -21.83 21.44
CA ALA D 338 7.35 -23.18 21.25
C ALA D 338 8.40 -23.26 20.16
N MET D 339 8.38 -22.32 19.20
CA MET D 339 9.43 -22.28 18.20
C MET D 339 10.72 -21.69 18.75
N ASP D 340 10.62 -20.74 19.68
CA ASP D 340 11.81 -20.15 20.28
C ASP D 340 12.62 -21.19 21.03
N TRP D 341 11.96 -22.11 21.73
CA TRP D 341 12.69 -23.15 22.44
C TRP D 341 13.32 -24.17 21.50
N PHE D 342 12.71 -24.40 20.34
CA PHE D 342 13.31 -25.34 19.39
C PHE D 342 14.56 -24.74 18.75
N ILE D 343 14.51 -23.46 18.39
CA ILE D 343 15.68 -22.80 17.81
C ILE D 343 16.78 -22.65 18.83
N ALA D 344 16.43 -22.37 20.09
CA ALA D 344 17.43 -22.18 21.12
C ALA D 344 18.22 -23.45 21.36
N VAL D 345 17.55 -24.60 21.37
CA VAL D 345 18.25 -25.87 21.53
C VAL D 345 19.06 -26.21 20.28
N CYS D 346 18.47 -25.98 19.10
CA CYS D 346 19.20 -26.26 17.87
C CYS D 346 20.47 -25.41 17.79
N TYR D 347 20.42 -24.19 18.29
CA TYR D 347 21.63 -23.37 18.36
C TYR D 347 22.62 -23.96 19.36
N ALA D 348 22.12 -24.52 20.47
CA ALA D 348 23.01 -25.12 21.45
C ALA D 348 23.76 -26.31 20.88
N PHE D 349 23.08 -27.13 20.07
CA PHE D 349 23.74 -28.27 19.45
C PHE D 349 24.79 -27.82 18.43
N VAL D 350 24.48 -26.78 17.65
CA VAL D 350 25.44 -26.29 16.67
C VAL D 350 26.63 -25.62 17.36
N PHE D 351 26.36 -24.85 18.41
CA PHE D 351 27.44 -24.21 19.15
C PHE D 351 28.30 -25.22 19.88
N SER D 352 27.71 -26.31 20.37
CA SER D 352 28.49 -27.33 21.07
C SER D 352 29.41 -28.07 20.11
N ALA D 353 29.00 -28.22 18.85
CA ALA D 353 29.86 -28.88 17.87
C ALA D 353 31.11 -28.07 17.58
N LEU D 354 31.01 -26.74 17.58
CA LEU D 354 32.19 -25.91 17.41
C LEU D 354 33.09 -25.94 18.64
N ILE D 355 32.50 -25.98 19.84
CA ILE D 355 33.29 -26.10 21.06
C ILE D 355 33.98 -27.45 21.10
N GLU D 356 33.34 -28.50 20.59
CA GLU D 356 33.96 -29.82 20.55
C GLU D 356 35.22 -29.81 19.72
N PHE D 357 35.20 -29.12 18.57
CA PHE D 357 36.38 -29.04 17.72
C PHE D 357 37.52 -28.29 18.41
N ALA D 358 37.19 -27.18 19.09
CA ALA D 358 38.22 -26.43 19.79
C ALA D 358 38.87 -27.27 20.89
N THR D 359 38.12 -28.23 21.44
CA THR D 359 38.71 -29.16 22.40
C THR D 359 39.63 -30.15 21.69
N VAL D 360 39.20 -30.68 20.55
CA VAL D 360 40.03 -31.61 19.80
C VAL D 360 41.29 -30.93 19.30
N ASN D 361 41.16 -29.73 18.76
CA ASN D 361 42.32 -29.00 18.26
C ASN D 361 43.30 -28.67 19.38
N TYR D 362 42.81 -28.51 20.60
CA TYR D 362 43.68 -28.15 21.72
C TYR D 362 44.50 -29.34 22.20
N PHE D 363 43.92 -30.54 22.19
CA PHE D 363 44.62 -31.72 22.67
C PHE D 363 45.46 -32.41 21.61
N THR D 364 45.36 -31.97 20.35
CA THR D 364 46.26 -32.48 19.33
C THR D 364 47.67 -31.96 19.58
N LYS D 365 48.66 -32.78 19.23
CA LYS D 365 50.09 -32.50 19.38
C LYS D 365 50.54 -32.57 20.84
N SER D 366 49.60 -32.73 21.76
CA SER D 366 49.92 -32.90 23.17
C SER D 366 49.41 -34.21 23.72
N GLN D 367 48.14 -34.54 23.49
CA GLN D 367 47.55 -35.84 23.84
C GLN D 367 46.81 -36.38 22.63
N PRO D 368 47.54 -36.87 21.62
CA PRO D 368 46.86 -37.30 20.39
C PRO D 368 45.85 -38.41 20.59
N ALA D 369 46.08 -39.33 21.52
CA ALA D 369 45.12 -40.41 21.75
C ALA D 369 43.86 -39.88 22.43
N ARG D 370 43.98 -38.83 23.24
CA ARG D 370 42.80 -38.24 23.86
C ARG D 370 41.93 -37.53 22.83
N ALA D 371 42.53 -36.89 21.83
CA ALA D 371 41.77 -36.17 20.81
C ALA D 371 41.00 -37.12 19.90
N ALA D 372 41.34 -38.41 19.90
CA ALA D 372 40.60 -39.38 19.11
C ALA D 372 39.42 -39.96 19.88
N LYS D 373 39.57 -40.18 21.18
CA LYS D 373 38.46 -40.68 21.98
C LYS D 373 37.31 -39.69 22.01
N ILE D 374 37.61 -38.40 22.12
CA ILE D 374 36.57 -37.38 22.10
C ILE D 374 35.88 -37.36 20.74
N ASP D 375 36.65 -37.57 19.67
CA ASP D 375 36.09 -37.51 18.33
C ASP D 375 35.18 -38.70 18.05
N ARG D 376 35.55 -39.89 18.54
CA ARG D 376 34.73 -41.07 18.29
C ARG D 376 33.45 -41.04 19.09
N LEU D 377 33.52 -40.60 20.35
CA LEU D 377 32.32 -40.54 21.18
C LEU D 377 31.39 -39.43 20.71
N SER D 378 31.93 -38.35 20.15
CA SER D 378 31.09 -37.28 19.64
C SER D 378 30.29 -37.73 18.43
N ARG D 379 30.80 -38.69 17.66
CA ARG D 379 30.06 -39.21 16.52
C ARG D 379 28.81 -39.97 16.92
N ILE D 380 28.67 -40.31 18.21
CA ILE D 380 27.51 -41.06 18.69
C ILE D 380 26.64 -40.22 19.62
N ALA D 381 27.25 -39.37 20.44
CA ALA D 381 26.48 -38.59 21.40
C ALA D 381 25.64 -37.53 20.70
N PHE D 382 26.22 -36.79 19.77
CA PHE D 382 25.49 -35.71 19.12
C PHE D 382 24.30 -36.21 18.30
N PRO D 383 24.41 -37.22 17.43
CA PRO D 383 23.21 -37.72 16.76
C PRO D 383 22.17 -38.26 17.72
N LEU D 384 22.60 -38.90 18.81
CA LEU D 384 21.66 -39.53 19.73
C LEU D 384 20.87 -38.50 20.52
N LEU D 385 21.56 -37.50 21.08
CA LEU D 385 20.89 -36.51 21.91
C LEU D 385 19.90 -35.68 21.10
N PHE D 386 20.26 -35.34 19.86
CA PHE D 386 19.34 -34.59 19.02
C PHE D 386 18.09 -35.41 18.72
N GLY D 387 18.28 -36.70 18.44
CA GLY D 387 17.12 -37.56 18.22
C GLY D 387 16.25 -37.67 19.45
N ILE D 388 16.88 -37.79 20.63
CA ILE D 388 16.11 -37.85 21.87
C ILE D 388 15.39 -36.53 22.12
N PHE D 389 16.08 -35.41 21.89
CA PHE D 389 15.44 -34.11 22.11
C PHE D 389 14.25 -33.91 21.21
N ASN D 390 14.33 -34.39 19.96
CA ASN D 390 13.20 -34.26 19.05
C ASN D 390 12.00 -35.05 19.54
N LEU D 391 12.23 -36.25 20.09
CA LEU D 391 11.13 -37.05 20.62
C LEU D 391 10.43 -36.35 21.77
N VAL D 392 11.19 -35.78 22.69
CA VAL D 392 10.59 -35.12 23.85
C VAL D 392 9.85 -33.86 23.43
N TYR D 393 10.42 -33.12 22.48
CA TYR D 393 9.78 -31.89 22.02
C TYR D 393 8.47 -32.16 21.31
N TRP D 394 8.47 -33.08 20.34
CA TRP D 394 7.29 -33.28 19.52
C TRP D 394 6.20 -34.04 20.24
N ALA D 395 6.56 -34.86 21.23
CA ALA D 395 5.53 -35.51 22.04
C ALA D 395 4.93 -34.55 23.05
N THR D 396 5.69 -33.56 23.50
CA THR D 396 5.17 -32.60 24.47
C THR D 396 4.12 -31.68 23.85
N TYR D 397 4.45 -31.09 22.71
CA TYR D 397 3.62 -30.01 22.16
C TYR D 397 2.48 -30.51 21.28
N LEU D 398 2.57 -31.70 20.72
CA LEU D 398 1.47 -32.22 19.91
C LEU D 398 0.29 -32.67 20.76
N ASN D 399 0.54 -33.12 21.99
CA ASN D 399 -0.55 -33.55 22.86
C ASN D 399 -1.36 -32.37 23.38
N ARG D 400 -0.68 -31.32 23.84
CA ARG D 400 -1.35 -30.19 24.46
C ARG D 400 -2.08 -29.35 23.42
N ASN E 62 -40.08 23.51 -27.81
CA ASN E 62 -39.96 22.07 -27.98
C ASN E 62 -39.23 21.46 -26.79
N MET E 63 -38.60 22.31 -25.98
CA MET E 63 -37.87 21.85 -24.81
C MET E 63 -38.70 21.94 -23.54
N SER E 64 -39.62 22.91 -23.44
CA SER E 64 -40.52 22.95 -22.30
C SER E 64 -41.50 21.80 -22.30
N PHE E 65 -41.74 21.19 -23.46
CA PHE E 65 -42.56 19.98 -23.52
C PHE E 65 -41.83 18.80 -22.88
N VAL E 66 -40.51 18.71 -23.09
CA VAL E 66 -39.74 17.64 -22.48
C VAL E 66 -39.74 17.77 -20.96
N LYS E 67 -39.56 18.99 -20.45
CA LYS E 67 -39.60 19.19 -19.01
C LYS E 67 -40.98 18.86 -18.45
N GLU E 68 -42.04 19.22 -19.18
CA GLU E 68 -43.39 18.90 -18.74
C GLU E 68 -43.63 17.40 -18.75
N THR E 69 -43.13 16.70 -19.76
CA THR E 69 -43.29 15.25 -19.83
C THR E 69 -42.56 14.55 -18.69
N VAL E 70 -41.32 14.95 -18.42
CA VAL E 70 -40.54 14.28 -17.38
C VAL E 70 -41.11 14.56 -16.00
N ASP E 71 -41.52 15.81 -15.74
CA ASP E 71 -42.10 16.14 -14.44
C ASP E 71 -43.42 15.41 -14.21
N LYS E 72 -44.14 15.09 -15.28
CA LYS E 72 -45.39 14.34 -15.12
C LYS E 72 -45.11 12.91 -14.72
N LEU E 73 -44.03 12.32 -15.22
CA LEU E 73 -43.72 10.93 -14.89
C LEU E 73 -43.38 10.78 -13.42
N LEU E 74 -42.46 11.61 -12.91
CA LEU E 74 -42.03 11.49 -11.52
C LEU E 74 -43.10 11.92 -10.53
N LYS E 75 -44.14 12.61 -10.99
CA LYS E 75 -45.22 13.02 -10.10
C LYS E 75 -46.04 11.80 -9.69
N GLY E 76 -46.10 11.54 -8.39
CA GLY E 76 -46.77 10.36 -7.88
C GLY E 76 -45.98 9.08 -8.00
N TYR E 77 -44.72 9.15 -8.45
CA TYR E 77 -43.91 7.96 -8.62
C TYR E 77 -43.43 7.47 -7.26
N ASP E 78 -43.67 6.19 -6.98
CA ASP E 78 -43.32 5.58 -5.71
C ASP E 78 -42.03 4.80 -5.90
N ILE E 79 -40.92 5.35 -5.40
CA ILE E 79 -39.63 4.68 -5.51
C ILE E 79 -39.57 3.44 -4.64
N ARG E 80 -40.41 3.35 -3.61
CA ARG E 80 -40.40 2.22 -2.70
C ARG E 80 -40.97 0.94 -3.31
N LEU E 81 -41.63 1.02 -4.46
CA LEU E 81 -42.29 -0.12 -5.07
C LEU E 81 -41.60 -0.48 -6.38
N ARG E 82 -41.30 -1.75 -6.55
CA ARG E 82 -40.73 -2.24 -7.79
C ARG E 82 -41.76 -2.19 -8.90
N PRO E 83 -41.32 -2.20 -10.16
CA PRO E 83 -42.27 -2.32 -11.27
C PRO E 83 -43.05 -3.63 -11.17
N ASP E 84 -44.32 -3.56 -11.52
CA ASP E 84 -45.23 -4.71 -11.41
C ASP E 84 -45.22 -5.26 -9.99
N PHE E 85 -45.34 -4.35 -9.01
CA PHE E 85 -45.37 -4.75 -7.62
C PHE E 85 -46.62 -5.57 -7.33
N GLY E 86 -46.44 -6.68 -6.62
CA GLY E 86 -47.55 -7.60 -6.39
C GLY E 86 -48.05 -8.24 -7.67
N GLY E 87 -47.15 -8.59 -8.58
CA GLY E 87 -47.51 -9.20 -9.82
C GLY E 87 -46.40 -10.08 -10.37
N PRO E 88 -46.30 -10.15 -11.69
CA PRO E 88 -45.25 -10.97 -12.28
C PRO E 88 -43.88 -10.40 -11.95
N PRO E 89 -42.86 -11.25 -11.86
CA PRO E 89 -41.51 -10.75 -11.59
C PRO E 89 -41.04 -9.84 -12.71
N VAL E 90 -40.21 -8.87 -12.34
CA VAL E 90 -39.62 -7.94 -13.30
C VAL E 90 -38.32 -8.53 -13.82
N CYS E 91 -38.15 -8.51 -15.14
CA CYS E 91 -36.97 -9.08 -15.76
C CYS E 91 -35.89 -8.01 -15.96
N VAL E 92 -34.69 -8.29 -15.48
CA VAL E 92 -33.56 -7.38 -15.58
C VAL E 92 -32.44 -8.08 -16.33
N GLY E 93 -31.97 -7.46 -17.41
CA GLY E 93 -30.89 -8.02 -18.22
C GLY E 93 -29.61 -7.23 -18.01
N MET E 94 -28.52 -7.97 -17.83
CA MET E 94 -27.23 -7.38 -17.47
C MET E 94 -26.22 -7.51 -18.59
N ASN E 95 -25.50 -6.43 -18.86
CA ASN E 95 -24.36 -6.42 -19.76
C ASN E 95 -23.14 -5.97 -18.97
N ILE E 96 -22.00 -6.57 -19.29
CA ILE E 96 -20.73 -6.19 -18.69
C ILE E 96 -19.76 -5.89 -19.81
N ASP E 97 -19.00 -4.80 -19.67
CA ASP E 97 -18.04 -4.32 -20.66
C ASP E 97 -16.72 -4.16 -19.91
N ILE E 98 -15.90 -5.21 -19.91
CA ILE E 98 -14.74 -5.27 -19.02
C ILE E 98 -13.68 -4.28 -19.49
N ALA E 99 -13.27 -3.39 -18.60
CA ALA E 99 -12.29 -2.35 -18.92
C ALA E 99 -10.86 -2.84 -18.65
N SER E 100 -10.61 -3.42 -17.48
CA SER E 100 -9.28 -3.95 -17.19
C SER E 100 -9.36 -4.91 -16.02
N ILE E 101 -8.46 -5.90 -16.03
CA ILE E 101 -8.23 -6.80 -14.92
C ILE E 101 -6.78 -6.64 -14.49
N ASP E 102 -6.55 -6.48 -13.20
CA ASP E 102 -5.19 -6.33 -12.69
C ASP E 102 -5.17 -6.74 -11.22
N MET E 103 -3.97 -6.73 -10.65
CA MET E 103 -3.75 -7.01 -9.22
C MET E 103 -4.27 -8.39 -8.83
N VAL E 104 -3.91 -9.39 -9.63
CA VAL E 104 -4.25 -10.78 -9.32
C VAL E 104 -3.27 -11.26 -8.27
N SER E 105 -3.66 -11.19 -7.00
CA SER E 105 -2.75 -11.37 -5.88
C SER E 105 -2.99 -12.73 -5.22
N GLU E 106 -1.91 -13.46 -4.98
CA GLU E 106 -1.98 -14.68 -4.19
C GLU E 106 -1.92 -14.38 -2.70
N VAL E 107 -1.26 -13.28 -2.31
CA VAL E 107 -1.14 -12.94 -0.90
C VAL E 107 -2.52 -12.68 -0.31
N ASN E 108 -3.33 -11.89 -1.00
CA ASN E 108 -4.65 -11.53 -0.52
C ASN E 108 -5.76 -12.40 -1.10
N MET E 109 -5.43 -13.26 -2.06
CA MET E 109 -6.40 -14.16 -2.69
C MET E 109 -7.58 -13.38 -3.26
N ASP E 110 -7.27 -12.49 -4.19
CA ASP E 110 -8.29 -11.65 -4.80
C ASP E 110 -7.79 -11.18 -6.17
N TYR E 111 -8.63 -10.38 -6.84
CA TYR E 111 -8.24 -9.72 -8.07
C TYR E 111 -9.10 -8.48 -8.20
N THR E 112 -8.61 -7.51 -8.98
CA THR E 112 -9.32 -6.26 -9.20
C THR E 112 -9.86 -6.21 -10.63
N LEU E 113 -11.10 -5.76 -10.77
CA LEU E 113 -11.78 -5.73 -12.05
C LEU E 113 -12.49 -4.40 -12.22
N THR E 114 -12.30 -3.78 -13.38
CA THR E 114 -13.02 -2.56 -13.75
C THR E 114 -13.92 -2.85 -14.93
N MET E 115 -15.14 -2.33 -14.90
CA MET E 115 -16.11 -2.70 -15.92
C MET E 115 -17.16 -1.61 -16.07
N TYR E 116 -17.83 -1.64 -17.21
CA TYR E 116 -19.05 -0.87 -17.45
C TYR E 116 -20.22 -1.81 -17.25
N PHE E 117 -20.93 -1.66 -16.14
CA PHE E 117 -21.99 -2.58 -15.75
C PHE E 117 -23.34 -1.97 -16.10
N GLN E 118 -24.07 -2.63 -16.99
CA GLN E 118 -25.33 -2.12 -17.52
C GLN E 118 -26.49 -3.03 -17.15
N GLN E 119 -27.61 -2.43 -16.78
CA GLN E 119 -28.83 -3.16 -16.44
C GLN E 119 -29.98 -2.60 -17.27
N TYR E 120 -30.92 -3.48 -17.60
CA TYR E 120 -31.93 -3.20 -18.60
C TYR E 120 -33.25 -3.80 -18.15
N TRP E 121 -34.28 -2.98 -17.99
CA TRP E 121 -35.57 -3.46 -17.53
C TRP E 121 -36.65 -2.48 -17.99
N ARG E 122 -37.90 -2.93 -17.91
CA ARG E 122 -39.05 -2.13 -18.32
C ARG E 122 -39.87 -1.73 -17.11
N ASP E 123 -40.15 -0.43 -17.00
CA ASP E 123 -41.01 0.13 -15.96
C ASP E 123 -42.14 0.88 -16.66
N LYS E 124 -43.36 0.36 -16.54
CA LYS E 124 -44.49 0.96 -17.24
C LYS E 124 -44.84 2.34 -16.73
N ARG E 125 -44.51 2.64 -15.47
CA ARG E 125 -44.78 3.97 -14.94
C ARG E 125 -43.92 5.05 -15.58
N LEU E 126 -42.90 4.68 -16.35
CA LEU E 126 -41.99 5.62 -16.97
C LEU E 126 -42.19 5.68 -18.49
N ALA E 127 -43.32 5.24 -18.99
CA ALA E 127 -43.60 5.24 -20.42
C ALA E 127 -44.23 6.56 -20.83
N TYR E 128 -43.66 7.19 -21.85
CA TYR E 128 -44.10 8.50 -22.31
C TYR E 128 -44.38 8.46 -23.80
N SER E 129 -45.16 9.43 -24.27
CA SER E 129 -45.59 9.50 -25.66
C SER E 129 -45.40 10.92 -26.19
N GLY E 130 -45.29 11.01 -27.51
CA GLY E 130 -45.17 12.28 -28.18
C GLY E 130 -43.75 12.77 -28.41
N ILE E 131 -42.76 12.10 -27.81
CA ILE E 131 -41.36 12.48 -27.98
C ILE E 131 -40.64 11.32 -28.65
N PRO E 132 -40.29 11.43 -29.94
CA PRO E 132 -39.61 10.34 -30.66
C PRO E 132 -38.12 10.26 -30.37
N LEU E 133 -37.76 10.30 -29.09
CA LEU E 133 -36.37 10.31 -28.68
C LEU E 133 -36.19 9.39 -27.48
N ASN E 134 -34.94 8.98 -27.26
CA ASN E 134 -34.55 8.28 -26.05
C ASN E 134 -33.95 9.29 -25.08
N LEU E 135 -34.70 9.65 -24.06
CA LEU E 135 -34.28 10.69 -23.13
C LEU E 135 -33.07 10.23 -22.35
N THR E 136 -31.92 10.85 -22.60
CA THR E 136 -30.72 10.62 -21.80
C THR E 136 -30.66 11.72 -20.75
N LEU E 137 -31.00 11.36 -19.51
CA LEU E 137 -31.13 12.33 -18.44
C LEU E 137 -29.86 12.40 -17.61
N ASP E 138 -29.76 13.48 -16.82
CA ASP E 138 -28.62 13.65 -15.93
C ASP E 138 -28.60 12.54 -14.90
N ASN E 139 -27.39 12.07 -14.56
CA ASN E 139 -27.26 10.89 -13.71
C ASN E 139 -27.89 11.09 -12.34
N ARG E 140 -28.12 12.32 -11.92
CA ARG E 140 -28.76 12.55 -10.62
C ARG E 140 -30.22 12.17 -10.60
N VAL E 141 -30.84 11.94 -11.76
CA VAL E 141 -32.22 11.46 -11.77
C VAL E 141 -32.33 9.99 -11.37
N ALA E 142 -31.20 9.28 -11.33
CA ALA E 142 -31.19 7.89 -10.87
C ALA E 142 -31.54 7.77 -9.39
N ASP E 143 -31.50 8.86 -8.64
CA ASP E 143 -31.86 8.86 -7.23
C ASP E 143 -33.36 8.95 -7.00
N GLN E 144 -34.15 9.12 -8.04
CA GLN E 144 -35.60 9.26 -7.92
C GLN E 144 -36.36 8.11 -8.54
N LEU E 145 -35.69 7.23 -9.28
CA LEU E 145 -36.32 6.06 -9.89
C LEU E 145 -35.95 4.80 -9.13
N TRP E 146 -36.77 3.76 -9.30
CA TRP E 146 -36.45 2.45 -8.76
C TRP E 146 -35.35 1.81 -9.60
N VAL E 147 -34.32 1.31 -8.94
CA VAL E 147 -33.26 0.58 -9.63
C VAL E 147 -33.06 -0.75 -8.91
N PRO E 148 -32.63 -1.81 -9.59
CA PRO E 148 -32.42 -3.09 -8.90
C PRO E 148 -31.31 -3.00 -7.88
N ASP E 149 -31.46 -3.77 -6.81
CA ASP E 149 -30.48 -3.77 -5.72
C ASP E 149 -29.40 -4.83 -5.93
N THR E 150 -28.81 -4.82 -7.12
CA THR E 150 -27.81 -5.82 -7.46
C THR E 150 -26.55 -5.64 -6.63
N TYR E 151 -25.98 -6.74 -6.17
CA TYR E 151 -24.72 -6.71 -5.45
C TYR E 151 -23.86 -7.87 -5.91
N PHE E 152 -22.60 -7.86 -5.49
CA PHE E 152 -21.63 -8.89 -5.85
C PHE E 152 -21.25 -9.65 -4.59
N LEU E 153 -21.50 -10.96 -4.59
CA LEU E 153 -21.36 -11.74 -3.36
C LEU E 153 -19.90 -11.85 -2.92
N ASN E 154 -18.99 -12.13 -3.85
CA ASN E 154 -17.59 -12.30 -3.52
C ASN E 154 -16.83 -10.99 -3.52
N ASP E 155 -17.52 -9.88 -3.35
CA ASP E 155 -16.92 -8.55 -3.44
C ASP E 155 -16.37 -8.13 -2.08
N LYS E 156 -15.08 -7.81 -2.03
CA LYS E 156 -14.43 -7.34 -0.81
C LYS E 156 -14.39 -5.83 -0.72
N LYS E 157 -14.08 -5.16 -1.82
CA LYS E 157 -14.03 -3.70 -1.86
C LYS E 157 -14.45 -3.27 -3.27
N SER E 158 -15.31 -2.25 -3.34
CA SER E 158 -15.79 -1.78 -4.63
C SER E 158 -16.27 -0.34 -4.51
N PHE E 159 -16.05 0.44 -5.56
CA PHE E 159 -16.53 1.82 -5.61
C PHE E 159 -16.98 2.14 -7.02
N VAL E 160 -17.90 3.08 -7.12
CA VAL E 160 -18.29 3.69 -8.39
C VAL E 160 -17.47 4.95 -8.57
N HIS E 161 -16.82 5.08 -9.73
CA HIS E 161 -15.96 6.22 -9.98
C HIS E 161 -16.76 7.51 -10.03
N GLY E 162 -16.22 8.58 -9.46
CA GLY E 162 -16.95 9.82 -9.35
C GLY E 162 -16.23 11.06 -9.80
N VAL E 163 -15.36 10.94 -10.81
CA VAL E 163 -14.67 12.08 -11.41
C VAL E 163 -15.01 12.09 -12.90
N THR E 164 -15.49 13.22 -13.41
CA THR E 164 -15.70 14.44 -12.64
C THR E 164 -17.02 14.44 -11.88
N VAL E 165 -18.00 13.70 -12.39
CA VAL E 165 -19.23 13.44 -11.66
C VAL E 165 -19.34 11.92 -11.48
N LYS E 166 -20.41 11.48 -10.82
CA LYS E 166 -20.63 10.06 -10.63
C LYS E 166 -20.77 9.36 -11.97
N ASN E 167 -19.92 8.37 -12.23
CA ASN E 167 -19.94 7.68 -13.51
C ASN E 167 -21.19 6.80 -13.58
N ARG E 168 -22.28 7.37 -14.06
CA ARG E 168 -23.58 6.71 -14.02
C ARG E 168 -24.42 7.25 -15.16
N MET E 169 -25.19 6.36 -15.79
CA MET E 169 -26.00 6.71 -16.94
C MET E 169 -27.43 6.22 -16.74
N ILE E 170 -28.40 7.10 -16.98
CA ILE E 170 -29.82 6.76 -17.02
C ILE E 170 -30.35 7.18 -18.38
N ARG E 171 -31.07 6.28 -19.05
CA ARG E 171 -31.58 6.56 -20.38
C ARG E 171 -32.93 5.87 -20.54
N LEU E 172 -33.99 6.67 -20.64
CA LEU E 172 -35.35 6.15 -20.77
C LEU E 172 -35.72 5.99 -22.24
N HIS E 173 -36.67 5.10 -22.49
CA HIS E 173 -37.19 4.83 -23.83
C HIS E 173 -38.69 5.02 -23.83
N PRO E 174 -39.29 5.30 -24.99
CA PRO E 174 -40.73 5.63 -25.02
C PRO E 174 -41.64 4.57 -24.43
N ASP E 175 -41.27 3.29 -24.52
CA ASP E 175 -42.14 2.24 -24.01
C ASP E 175 -41.99 2.02 -22.50
N GLY E 176 -41.11 2.76 -21.84
CA GLY E 176 -40.86 2.56 -20.43
C GLY E 176 -39.60 1.79 -20.10
N THR E 177 -38.78 1.49 -21.09
CA THR E 177 -37.54 0.78 -20.84
C THR E 177 -36.49 1.72 -20.26
N VAL E 178 -35.71 1.21 -19.31
CA VAL E 178 -34.68 1.99 -18.63
C VAL E 178 -33.35 1.28 -18.84
N LEU E 179 -32.34 2.04 -19.24
CA LEU E 179 -30.96 1.56 -19.32
C LEU E 179 -30.15 2.27 -18.24
N TYR E 180 -29.52 1.49 -17.37
CA TYR E 180 -28.85 2.00 -16.19
C TYR E 180 -27.43 1.46 -16.17
N GLY E 181 -26.46 2.32 -16.41
CA GLY E 181 -25.06 1.93 -16.51
C GLY E 181 -24.21 2.60 -15.45
N LEU E 182 -23.29 1.83 -14.88
CA LEU E 182 -22.32 2.33 -13.91
C LEU E 182 -20.93 1.83 -14.30
N ARG E 183 -19.92 2.62 -13.98
CA ARG E 183 -18.53 2.21 -14.15
C ARG E 183 -17.98 1.83 -12.77
N ILE E 184 -17.70 0.55 -12.58
CA ILE E 184 -17.44 -0.02 -11.26
C ILE E 184 -16.06 -0.65 -11.26
N THR E 185 -15.27 -0.33 -10.24
CA THR E 185 -14.03 -1.04 -9.93
C THR E 185 -14.26 -1.84 -8.66
N THR E 186 -14.05 -3.14 -8.73
CA THR E 186 -14.33 -4.04 -7.62
C THR E 186 -13.15 -4.96 -7.38
N THR E 187 -12.90 -5.28 -6.12
CA THR E 187 -11.88 -6.26 -5.74
C THR E 187 -12.60 -7.52 -5.29
N ALA E 188 -12.88 -8.42 -6.22
CA ALA E 188 -13.54 -9.67 -5.92
C ALA E 188 -12.56 -10.63 -5.26
N ALA E 189 -13.11 -11.72 -4.71
CA ALA E 189 -12.33 -12.70 -3.98
C ALA E 189 -12.35 -14.02 -4.72
N CYS E 190 -11.21 -14.72 -4.71
CA CYS E 190 -11.16 -16.09 -5.18
C CYS E 190 -10.01 -16.80 -4.47
N MET E 191 -10.26 -18.06 -4.09
CA MET E 191 -9.24 -18.88 -3.45
C MET E 191 -8.45 -19.63 -4.52
N MET E 192 -7.13 -19.56 -4.42
CA MET E 192 -6.25 -20.17 -5.39
C MET E 192 -5.64 -21.43 -4.82
N ASP E 193 -5.70 -22.51 -5.59
CA ASP E 193 -5.03 -23.75 -5.25
C ASP E 193 -3.62 -23.69 -5.83
N LEU E 194 -2.62 -23.55 -4.96
CA LEU E 194 -1.25 -23.35 -5.39
C LEU E 194 -0.40 -24.61 -5.31
N ARG E 195 -1.05 -25.79 -5.31
CA ARG E 195 -0.29 -27.04 -5.26
C ARG E 195 0.56 -27.27 -6.51
N ARG E 196 0.20 -26.64 -7.62
CA ARG E 196 1.01 -26.73 -8.84
C ARG E 196 1.73 -25.43 -9.15
N TYR E 197 1.76 -24.50 -8.20
CA TYR E 197 2.44 -23.23 -8.41
C TYR E 197 3.91 -23.47 -8.73
N PRO E 198 4.49 -22.73 -9.69
CA PRO E 198 3.90 -21.69 -10.53
C PRO E 198 3.36 -22.18 -11.86
N LEU E 199 3.22 -23.48 -12.09
CA LEU E 199 2.63 -24.00 -13.32
C LEU E 199 1.16 -24.37 -13.11
N ASP E 200 0.37 -23.39 -12.69
CA ASP E 200 -1.01 -23.66 -12.26
C ASP E 200 -2.01 -22.82 -13.04
N GLU E 201 -3.25 -23.31 -13.08
CA GLU E 201 -4.39 -22.59 -13.63
C GLU E 201 -5.35 -22.24 -12.51
N GLN E 202 -5.98 -21.07 -12.63
CA GLN E 202 -6.91 -20.57 -11.64
C GLN E 202 -8.25 -20.26 -12.29
N ASN E 203 -9.31 -20.32 -11.49
CA ASN E 203 -10.67 -20.03 -11.94
C ASN E 203 -11.27 -19.02 -10.97
N CYS E 204 -11.20 -17.75 -11.32
CA CYS E 204 -11.70 -16.67 -10.47
C CYS E 204 -12.98 -16.09 -11.09
N THR E 205 -14.01 -15.95 -10.26
CA THR E 205 -15.36 -15.66 -10.71
C THR E 205 -15.83 -14.31 -10.18
N LEU E 206 -17.01 -13.89 -10.65
CA LEU E 206 -17.74 -12.77 -10.09
C LEU E 206 -19.20 -13.17 -9.98
N GLU E 207 -19.75 -13.09 -8.78
CA GLU E 207 -21.13 -13.49 -8.51
C GLU E 207 -22.03 -12.26 -8.51
N ILE E 208 -23.16 -12.34 -9.19
CA ILE E 208 -24.09 -11.23 -9.34
C ILE E 208 -25.45 -11.69 -8.87
N GLU E 209 -26.02 -11.00 -7.89
CA GLU E 209 -27.22 -11.46 -7.22
C GLU E 209 -28.06 -10.26 -6.79
N SER E 210 -29.35 -10.52 -6.56
CA SER E 210 -30.26 -9.54 -6.00
C SER E 210 -30.36 -9.74 -4.49
N TYR E 211 -30.29 -8.65 -3.74
CA TYR E 211 -30.25 -8.80 -2.29
C TYR E 211 -31.64 -9.03 -1.68
N GLY E 212 -32.60 -8.17 -2.03
CA GLY E 212 -33.88 -8.24 -1.35
C GLY E 212 -34.95 -9.03 -2.07
N TYR E 213 -34.95 -8.98 -3.40
CA TYR E 213 -36.03 -9.55 -4.19
C TYR E 213 -35.70 -10.98 -4.58
N THR E 214 -36.66 -11.88 -4.35
CA THR E 214 -36.50 -13.29 -4.68
C THR E 214 -36.94 -13.53 -6.12
N THR E 215 -36.95 -14.80 -6.53
CA THR E 215 -37.36 -15.15 -7.89
C THR E 215 -38.84 -14.92 -8.13
N ASP E 216 -39.63 -14.67 -7.08
CA ASP E 216 -41.00 -14.24 -7.26
C ASP E 216 -41.11 -12.77 -7.61
N ASP E 217 -40.03 -12.01 -7.45
CA ASP E 217 -40.03 -10.57 -7.71
C ASP E 217 -39.09 -10.16 -8.83
N ILE E 218 -37.96 -10.83 -9.01
CA ILE E 218 -36.96 -10.40 -9.96
C ILE E 218 -36.44 -11.60 -10.73
N GLU E 219 -36.01 -11.36 -11.97
CA GLU E 219 -35.35 -12.35 -12.79
C GLU E 219 -34.12 -11.72 -13.42
N PHE E 220 -33.03 -12.50 -13.46
CA PHE E 220 -31.79 -12.06 -14.08
C PHE E 220 -31.50 -12.92 -15.30
N TYR E 221 -31.17 -12.27 -16.41
CA TYR E 221 -30.72 -12.98 -17.60
C TYR E 221 -29.56 -12.21 -18.21
N TRP E 222 -28.69 -12.93 -18.91
CA TRP E 222 -27.61 -12.29 -19.65
C TRP E 222 -28.16 -11.72 -20.94
N ARG E 223 -28.12 -10.41 -21.08
CA ARG E 223 -28.66 -9.75 -22.26
C ARG E 223 -27.66 -9.90 -23.40
N GLY E 224 -28.07 -10.59 -24.46
CA GLY E 224 -27.18 -10.90 -25.55
C GLY E 224 -26.58 -12.30 -25.52
N GLY E 225 -27.07 -13.16 -24.63
CA GLY E 225 -26.59 -14.53 -24.61
C GLY E 225 -25.13 -14.60 -24.22
N ASP E 226 -24.33 -15.27 -25.05
CA ASP E 226 -22.90 -15.40 -24.82
C ASP E 226 -22.12 -14.14 -25.16
N LYS E 227 -22.76 -13.17 -25.80
CA LYS E 227 -22.13 -11.89 -26.11
C LYS E 227 -22.42 -10.83 -25.07
N ALA E 228 -22.95 -11.20 -23.92
CA ALA E 228 -23.29 -10.22 -22.90
C ALA E 228 -22.05 -9.55 -22.33
N VAL E 229 -20.96 -10.30 -22.18
CA VAL E 229 -19.72 -9.78 -21.64
C VAL E 229 -18.72 -9.61 -22.78
N THR E 230 -18.15 -8.42 -22.89
CA THR E 230 -17.17 -8.10 -23.91
C THR E 230 -15.96 -7.44 -23.27
N GLY E 231 -14.88 -7.37 -24.04
CA GLY E 231 -13.65 -6.74 -23.60
C GLY E 231 -12.62 -7.68 -23.02
N VAL E 232 -12.90 -8.98 -22.98
CA VAL E 232 -11.96 -9.92 -22.41
C VAL E 232 -10.73 -10.09 -23.30
N GLU E 233 -10.93 -10.10 -24.61
CA GLU E 233 -9.82 -10.37 -25.53
C GLU E 233 -8.83 -9.21 -25.62
N ARG E 234 -9.13 -8.06 -25.03
CA ARG E 234 -8.21 -6.93 -25.02
C ARG E 234 -7.39 -6.83 -23.74
N ILE E 235 -7.52 -7.81 -22.85
CA ILE E 235 -6.82 -7.79 -21.57
C ILE E 235 -5.46 -8.45 -21.74
N GLU E 236 -4.44 -7.82 -21.15
CA GLU E 236 -3.06 -8.30 -21.20
C GLU E 236 -2.51 -8.29 -19.78
N LEU E 237 -2.73 -9.37 -19.04
CA LEU E 237 -2.12 -9.49 -17.72
C LEU E 237 -0.66 -9.88 -17.86
N PRO E 238 0.26 -9.21 -17.16
CA PRO E 238 1.69 -9.55 -17.32
C PRO E 238 2.02 -10.97 -16.93
N GLN E 239 1.37 -11.51 -15.91
CA GLN E 239 1.75 -12.79 -15.33
C GLN E 239 0.79 -13.92 -15.67
N PHE E 240 -0.38 -13.63 -16.23
CA PHE E 240 -1.38 -14.65 -16.53
C PHE E 240 -1.78 -14.55 -18.00
N SER E 241 -2.75 -15.37 -18.37
CA SER E 241 -3.37 -15.29 -19.70
C SER E 241 -4.75 -15.92 -19.61
N ILE E 242 -5.78 -15.18 -20.00
CA ILE E 242 -7.15 -15.66 -19.86
C ILE E 242 -7.40 -16.73 -20.91
N VAL E 243 -7.50 -17.98 -20.47
CA VAL E 243 -7.77 -19.08 -21.40
C VAL E 243 -9.20 -19.01 -21.91
N GLU E 244 -10.15 -18.73 -21.02
CA GLU E 244 -11.56 -18.81 -21.36
C GLU E 244 -12.37 -18.05 -20.32
N HIS E 245 -13.49 -17.47 -20.76
CA HIS E 245 -14.48 -16.89 -19.88
C HIS E 245 -15.83 -17.53 -20.15
N ARG E 246 -16.66 -17.61 -19.11
CA ARG E 246 -17.90 -18.35 -19.17
C ARG E 246 -19.00 -17.61 -18.43
N LEU E 247 -20.24 -17.83 -18.85
CA LEU E 247 -21.40 -17.16 -18.27
C LEU E 247 -22.43 -18.19 -17.83
N VAL E 248 -22.87 -18.09 -16.58
CA VAL E 248 -23.79 -19.06 -15.98
C VAL E 248 -24.96 -18.33 -15.37
N SER E 249 -26.16 -18.91 -15.49
CA SER E 249 -27.37 -18.39 -14.87
C SER E 249 -28.00 -19.50 -14.03
N ARG E 250 -28.35 -19.18 -12.79
CA ARG E 250 -28.93 -20.17 -11.89
C ARG E 250 -29.61 -19.45 -10.73
N ASN E 251 -30.23 -20.24 -9.86
CA ASN E 251 -30.88 -19.74 -8.65
C ASN E 251 -30.16 -20.26 -7.42
N VAL E 252 -30.10 -19.45 -6.38
CA VAL E 252 -29.46 -19.79 -5.12
C VAL E 252 -30.48 -19.65 -4.01
N VAL E 253 -30.56 -20.67 -3.15
CA VAL E 253 -31.54 -20.72 -2.08
C VAL E 253 -30.85 -20.42 -0.76
N PHE E 254 -31.33 -19.40 -0.06
CA PHE E 254 -30.90 -19.07 1.29
C PHE E 254 -32.05 -19.37 2.24
N ALA E 255 -31.86 -19.00 3.52
CA ALA E 255 -32.91 -19.21 4.50
C ALA E 255 -34.11 -18.31 4.25
N THR E 256 -33.89 -17.10 3.76
CA THR E 256 -34.96 -16.15 3.54
C THR E 256 -35.64 -16.29 2.19
N GLY E 257 -35.16 -17.15 1.31
CA GLY E 257 -35.83 -17.39 0.05
C GLY E 257 -34.84 -17.87 -1.01
N ALA E 258 -35.33 -17.92 -2.24
CA ALA E 258 -34.55 -18.32 -3.40
C ALA E 258 -34.26 -17.10 -4.26
N TYR E 259 -32.99 -16.92 -4.63
CA TYR E 259 -32.60 -15.71 -5.33
C TYR E 259 -31.93 -16.05 -6.65
N PRO E 260 -32.14 -15.24 -7.69
CA PRO E 260 -31.44 -15.48 -8.95
C PRO E 260 -29.98 -15.07 -8.84
N ARG E 261 -29.14 -15.72 -9.65
CA ARG E 261 -27.72 -15.40 -9.66
C ARG E 261 -27.18 -15.53 -11.08
N LEU E 262 -26.31 -14.60 -11.45
CA LEU E 262 -25.54 -14.68 -12.68
C LEU E 262 -24.07 -14.72 -12.31
N SER E 263 -23.34 -15.68 -12.89
CA SER E 263 -21.95 -15.89 -12.55
C SER E 263 -21.08 -15.72 -13.78
N LEU E 264 -20.04 -14.90 -13.65
CA LEU E 264 -19.05 -14.68 -14.69
C LEU E 264 -17.70 -15.20 -14.20
N SER E 265 -17.09 -16.09 -14.97
CA SER E 265 -15.88 -16.77 -14.54
C SER E 265 -14.80 -16.68 -15.61
N PHE E 266 -13.56 -16.53 -15.17
CA PHE E 266 -12.40 -16.53 -16.05
C PHE E 266 -11.47 -17.66 -15.63
N ARG E 267 -10.74 -18.20 -16.61
CA ARG E 267 -9.73 -19.21 -16.35
C ARG E 267 -8.38 -18.62 -16.73
N LEU E 268 -7.53 -18.41 -15.72
CA LEU E 268 -6.23 -17.80 -15.91
C LEU E 268 -5.14 -18.86 -15.82
N LYS E 269 -4.24 -18.86 -16.80
CA LYS E 269 -3.11 -19.77 -16.81
C LYS E 269 -1.83 -18.96 -16.62
N ARG E 270 -1.01 -19.38 -15.67
CA ARG E 270 0.16 -18.59 -15.27
C ARG E 270 1.31 -18.78 -16.24
N ASN E 271 1.98 -17.67 -16.56
CA ASN E 271 3.16 -17.70 -17.40
C ASN E 271 4.39 -18.06 -16.57
N ILE E 272 5.17 -19.02 -17.06
CA ILE E 272 6.34 -19.49 -16.32
C ILE E 272 7.60 -18.71 -16.66
N GLY E 273 7.54 -17.80 -17.63
CA GLY E 273 8.75 -17.12 -18.07
C GLY E 273 9.42 -16.30 -16.98
N TYR E 274 8.64 -15.72 -16.07
CA TYR E 274 9.22 -14.97 -14.97
C TYR E 274 9.96 -15.89 -14.01
N PHE E 275 9.40 -17.07 -13.72
CA PHE E 275 9.95 -17.92 -12.68
C PHE E 275 11.17 -18.70 -13.15
N ILE E 276 11.39 -18.81 -14.46
CA ILE E 276 12.62 -19.40 -14.95
C ILE E 276 13.81 -18.53 -14.57
N LEU E 277 13.71 -17.23 -14.83
CA LEU E 277 14.81 -16.32 -14.53
C LEU E 277 15.04 -16.20 -13.03
N GLN E 278 13.96 -16.10 -12.25
CA GLN E 278 14.07 -15.78 -10.84
C GLN E 278 14.36 -16.99 -9.96
N THR E 279 13.75 -18.14 -10.25
CA THR E 279 13.80 -19.25 -9.31
C THR E 279 14.48 -20.49 -9.86
N TYR E 280 14.08 -20.97 -11.05
CA TYR E 280 14.60 -22.24 -11.53
C TYR E 280 16.05 -22.12 -11.96
N MET E 281 16.39 -21.10 -12.74
CA MET E 281 17.77 -20.95 -13.20
C MET E 281 18.75 -20.71 -12.05
N PRO E 282 18.50 -19.85 -11.07
CA PRO E 282 19.43 -19.74 -9.95
C PRO E 282 19.64 -21.04 -9.20
N SER E 283 18.61 -21.87 -9.08
CA SER E 283 18.78 -23.15 -8.40
C SER E 283 19.62 -24.11 -9.21
N ILE E 284 19.40 -24.15 -10.53
CA ILE E 284 20.14 -25.08 -11.38
C ILE E 284 21.61 -24.73 -11.42
N LEU E 285 21.95 -23.45 -11.50
CA LEU E 285 23.34 -23.05 -11.60
C LEU E 285 24.10 -23.34 -10.32
N ILE E 286 23.45 -23.22 -9.15
CA ILE E 286 24.11 -23.55 -7.90
C ILE E 286 24.39 -25.05 -7.81
N THR E 287 23.47 -25.86 -8.31
CA THR E 287 23.69 -27.30 -8.32
C THR E 287 24.86 -27.67 -9.22
N ILE E 288 24.96 -27.04 -10.39
CA ILE E 288 26.11 -27.27 -11.26
C ILE E 288 27.39 -26.76 -10.59
N LEU E 289 27.29 -25.66 -9.85
CA LEU E 289 28.43 -25.12 -9.14
C LEU E 289 29.01 -26.12 -8.15
N SER E 290 28.15 -26.96 -7.55
CA SER E 290 28.60 -27.93 -6.58
C SER E 290 29.32 -29.13 -7.22
N TRP E 291 29.18 -29.32 -8.52
CA TRP E 291 29.87 -30.42 -9.19
C TRP E 291 31.30 -30.10 -9.56
N VAL E 292 31.72 -28.83 -9.44
CA VAL E 292 33.11 -28.49 -9.65
C VAL E 292 33.99 -29.16 -8.61
N SER E 293 33.43 -29.46 -7.43
CA SER E 293 34.20 -30.10 -6.37
C SER E 293 34.71 -31.48 -6.79
N PHE E 294 34.06 -32.14 -7.74
CA PHE E 294 34.50 -33.46 -8.15
C PHE E 294 35.72 -33.42 -9.06
N TRP E 295 36.09 -32.24 -9.55
CA TRP E 295 37.29 -32.08 -10.37
C TRP E 295 38.45 -31.45 -9.60
N ILE E 296 38.30 -31.27 -8.29
CA ILE E 296 39.37 -30.77 -7.44
C ILE E 296 39.96 -31.95 -6.68
N ASN E 297 41.27 -31.89 -6.44
CA ASN E 297 41.96 -33.00 -5.78
C ASN E 297 41.38 -33.23 -4.39
N TYR E 298 41.28 -34.51 -4.02
CA TYR E 298 40.63 -34.87 -2.76
C TYR E 298 41.46 -34.55 -1.54
N ASP E 299 42.72 -34.16 -1.70
CA ASP E 299 43.52 -33.70 -0.57
C ASP E 299 43.38 -32.21 -0.31
N ALA E 300 42.64 -31.49 -1.16
CA ALA E 300 42.40 -30.06 -0.97
C ALA E 300 41.10 -29.90 -0.19
N SER E 301 41.20 -30.11 1.12
CA SER E 301 40.01 -30.14 1.96
C SER E 301 39.38 -28.75 2.09
N ALA E 302 40.19 -27.74 2.39
CA ALA E 302 39.64 -26.40 2.59
C ALA E 302 39.00 -25.86 1.31
N ALA E 303 39.52 -26.27 0.15
CA ALA E 303 38.93 -25.83 -1.11
C ALA E 303 37.58 -26.50 -1.33
N ARG E 304 37.51 -27.82 -1.14
CA ARG E 304 36.28 -28.54 -1.45
C ARG E 304 35.21 -28.35 -0.39
N VAL E 305 35.60 -28.11 0.86
CA VAL E 305 34.59 -27.82 1.88
C VAL E 305 33.98 -26.44 1.65
N ALA E 306 34.81 -25.46 1.26
CA ALA E 306 34.28 -24.12 1.00
C ALA E 306 33.27 -24.15 -0.14
N LEU E 307 33.55 -24.92 -1.19
CA LEU E 307 32.62 -25.05 -2.30
C LEU E 307 31.35 -25.80 -1.86
N GLY E 308 31.51 -26.86 -1.06
CA GLY E 308 30.34 -27.62 -0.63
C GLY E 308 29.46 -26.85 0.33
N ILE E 309 30.07 -26.13 1.27
CA ILE E 309 29.30 -25.39 2.27
C ILE E 309 28.52 -24.26 1.63
N THR E 310 29.16 -23.50 0.73
CA THR E 310 28.52 -22.32 0.17
C THR E 310 27.26 -22.69 -0.62
N THR E 311 27.33 -23.76 -1.40
CA THR E 311 26.17 -24.16 -2.20
C THR E 311 25.01 -24.58 -1.31
N VAL E 312 25.28 -25.31 -0.23
CA VAL E 312 24.21 -25.79 0.63
C VAL E 312 23.49 -24.62 1.30
N LEU E 313 24.24 -23.68 1.87
CA LEU E 313 23.62 -22.56 2.55
C LEU E 313 22.92 -21.63 1.58
N THR E 314 23.49 -21.43 0.39
CA THR E 314 22.83 -20.62 -0.62
C THR E 314 21.50 -21.23 -1.05
N MET E 315 21.47 -22.56 -1.22
CA MET E 315 20.24 -23.22 -1.65
C MET E 315 19.14 -23.03 -0.62
N THR E 316 19.49 -23.03 0.68
CA THR E 316 18.51 -22.73 1.71
C THR E 316 18.04 -21.29 1.63
N THR E 317 18.96 -20.37 1.32
CA THR E 317 18.60 -18.95 1.28
C THR E 317 17.57 -18.66 0.21
N ILE E 318 17.72 -19.27 -0.98
CA ILE E 318 16.78 -19.02 -2.06
C ILE E 318 15.38 -19.49 -1.67
N ASN E 319 15.28 -20.67 -1.06
CA ASN E 319 13.97 -21.20 -0.69
C ASN E 319 13.28 -20.32 0.34
N THR E 320 14.03 -19.85 1.33
CA THR E 320 13.46 -18.95 2.33
C THR E 320 13.05 -17.62 1.70
N HIS E 321 13.87 -17.09 0.80
CA HIS E 321 13.55 -15.83 0.14
C HIS E 321 12.28 -15.95 -0.70
N LEU E 322 12.13 -17.07 -1.40
CA LEU E 322 10.98 -17.24 -2.30
C LEU E 322 9.67 -17.29 -1.53
N ARG E 323 9.68 -17.90 -0.35
CA ARG E 323 8.46 -18.06 0.44
C ARG E 323 8.00 -16.76 1.09
N GLU E 324 8.79 -15.69 1.03
CA GLU E 324 8.42 -14.44 1.67
C GLU E 324 7.15 -13.84 1.07
N THR E 325 7.02 -13.90 -0.27
CA THR E 325 5.99 -13.17 -0.99
C THR E 325 4.83 -14.06 -1.42
N LEU E 326 4.45 -15.02 -0.59
CA LEU E 326 3.37 -15.94 -0.90
C LEU E 326 2.55 -16.18 0.36
N PRO E 327 1.29 -16.56 0.22
CA PRO E 327 0.48 -16.86 1.40
C PRO E 327 1.05 -18.04 2.17
N LYS E 328 0.86 -18.02 3.49
CA LYS E 328 1.40 -19.05 4.35
C LYS E 328 0.57 -20.33 4.26
N ILE E 329 0.55 -20.90 3.05
CA ILE E 329 -0.19 -22.13 2.78
C ILE E 329 0.50 -23.30 3.48
N PRO E 330 -0.24 -24.33 3.89
CA PRO E 330 0.36 -25.45 4.61
C PRO E 330 0.76 -26.65 3.76
N TYR E 331 0.67 -26.58 2.43
CA TYR E 331 1.04 -27.70 1.58
C TYR E 331 2.34 -27.40 0.85
N VAL E 332 2.81 -28.40 0.11
CA VAL E 332 4.06 -28.31 -0.65
C VAL E 332 3.70 -27.94 -2.09
N LYS E 333 4.21 -26.81 -2.56
CA LYS E 333 3.97 -26.37 -3.92
C LYS E 333 4.94 -27.08 -4.88
N ALA E 334 4.64 -26.97 -6.17
CA ALA E 334 5.51 -27.58 -7.17
C ALA E 334 6.87 -26.91 -7.25
N ILE E 335 6.99 -25.67 -6.77
CA ILE E 335 8.30 -25.03 -6.74
C ILE E 335 9.10 -25.49 -5.53
N ASP E 336 8.42 -25.87 -4.45
CA ASP E 336 9.13 -26.35 -3.27
C ASP E 336 9.71 -27.74 -3.50
N MET E 337 9.02 -28.59 -4.26
CA MET E 337 9.57 -29.90 -4.59
C MET E 337 10.86 -29.75 -5.40
N TYR E 338 10.96 -28.71 -6.23
CA TYR E 338 12.18 -28.50 -6.99
C TYR E 338 13.31 -27.99 -6.08
N LEU E 339 13.00 -27.03 -5.22
CA LEU E 339 14.02 -26.49 -4.33
C LEU E 339 14.49 -27.53 -3.32
N MET E 340 13.55 -28.33 -2.80
CA MET E 340 13.94 -29.44 -1.94
C MET E 340 14.71 -30.50 -2.71
N GLY E 341 14.33 -30.75 -3.96
CA GLY E 341 15.08 -31.68 -4.78
C GLY E 341 16.48 -31.19 -5.11
N CYS E 342 16.61 -29.89 -5.40
CA CYS E 342 17.92 -29.31 -5.65
C CYS E 342 18.76 -29.27 -4.39
N PHE E 343 18.13 -29.11 -3.23
CA PHE E 343 18.88 -29.12 -1.97
C PHE E 343 19.52 -30.47 -1.72
N VAL E 344 18.80 -31.55 -2.03
CA VAL E 344 19.32 -32.88 -1.77
C VAL E 344 20.58 -33.14 -2.58
N PHE E 345 20.58 -32.71 -3.84
CA PHE E 345 21.74 -32.93 -4.70
C PHE E 345 22.97 -32.17 -4.20
N VAL E 346 22.80 -30.93 -3.75
CA VAL E 346 23.95 -30.21 -3.22
C VAL E 346 24.32 -30.73 -1.84
N PHE E 347 23.37 -31.30 -1.11
CA PHE E 347 23.69 -31.88 0.19
C PHE E 347 24.37 -33.24 0.03
N LEU E 348 23.97 -34.02 -0.98
CA LEU E 348 24.68 -35.25 -1.28
C LEU E 348 26.04 -35.01 -1.89
N ALA E 349 26.27 -33.83 -2.48
CA ALA E 349 27.59 -33.51 -3.00
C ALA E 349 28.57 -33.24 -1.87
N LEU E 350 28.15 -32.48 -0.86
CA LEU E 350 29.01 -32.24 0.29
C LEU E 350 29.14 -33.51 1.14
N LEU E 351 28.07 -34.29 1.24
CA LEU E 351 28.14 -35.55 1.97
C LEU E 351 29.09 -36.52 1.28
N GLU E 352 29.24 -36.41 -0.04
CA GLU E 352 30.14 -37.31 -0.76
C GLU E 352 31.60 -37.02 -0.40
N TYR E 353 31.98 -35.75 -0.30
CA TYR E 353 33.37 -35.44 0.03
C TYR E 353 33.73 -35.93 1.41
N ALA E 354 32.80 -35.82 2.37
CA ALA E 354 33.08 -36.28 3.72
C ALA E 354 33.45 -37.75 3.73
N PHE E 355 32.84 -38.54 2.85
CA PHE E 355 33.22 -39.95 2.76
C PHE E 355 34.62 -40.10 2.18
N VAL E 356 34.93 -39.34 1.13
CA VAL E 356 36.26 -39.42 0.52
C VAL E 356 37.32 -38.96 1.52
N ASN E 357 37.08 -37.85 2.22
CA ASN E 357 38.07 -37.36 3.16
C ASN E 357 38.28 -38.33 4.32
N TYR E 358 37.25 -39.04 4.73
CA TYR E 358 37.36 -40.00 5.82
C TYR E 358 38.03 -41.29 5.39
N ILE E 359 38.15 -41.55 4.09
CA ILE E 359 38.59 -42.86 3.60
C ILE E 359 39.85 -42.79 2.75
N PHE E 360 40.34 -41.61 2.40
CA PHE E 360 41.45 -41.52 1.45
C PHE E 360 42.81 -41.74 2.09
N PHE E 361 42.87 -41.93 3.40
CA PHE E 361 44.14 -42.28 4.04
C PHE E 361 44.44 -43.76 3.91
N SER E 362 43.56 -44.60 4.46
CA SER E 362 43.81 -46.04 4.46
C SER E 362 43.68 -46.65 3.08
N GLN E 363 42.72 -46.15 2.28
CA GLN E 363 42.44 -46.70 0.95
C GLN E 363 42.43 -45.57 -0.07
N PRO E 364 43.61 -45.05 -0.43
CA PRO E 364 43.64 -43.95 -1.41
C PRO E 364 43.11 -44.33 -2.78
N ALA E 365 43.26 -45.58 -3.20
CA ALA E 365 42.82 -45.97 -4.54
C ALA E 365 41.30 -45.86 -4.65
N ARG E 366 40.57 -46.31 -3.63
CA ARG E 366 39.11 -46.24 -3.68
C ARG E 366 38.61 -44.81 -3.64
N ALA E 367 39.35 -43.90 -3.00
CA ALA E 367 38.94 -42.51 -2.97
C ALA E 367 38.95 -41.90 -4.36
N ALA E 368 39.94 -42.25 -5.18
CA ALA E 368 40.00 -41.72 -6.54
C ALA E 368 38.82 -42.21 -7.37
N ALA E 369 38.43 -43.47 -7.20
CA ALA E 369 37.33 -44.02 -7.97
C ALA E 369 36.02 -43.32 -7.68
N ILE E 370 35.77 -43.02 -6.40
CA ILE E 370 34.51 -42.35 -6.03
C ILE E 370 34.42 -40.99 -6.67
N ASP E 371 35.52 -40.25 -6.71
CA ASP E 371 35.51 -38.93 -7.35
C ASP E 371 35.24 -39.04 -8.85
N ARG E 372 35.75 -40.08 -9.49
CA ARG E 372 35.55 -40.23 -10.93
C ARG E 372 34.14 -40.72 -11.27
N TRP E 373 33.56 -41.58 -10.43
CA TRP E 373 32.20 -42.02 -10.68
C TRP E 373 31.19 -40.92 -10.40
N SER E 374 31.47 -40.05 -9.43
CA SER E 374 30.55 -38.96 -9.12
C SER E 374 30.47 -37.96 -10.27
N ARG E 375 31.51 -37.86 -11.08
CA ARG E 375 31.48 -36.92 -12.20
C ARG E 375 30.45 -37.30 -13.25
N ILE E 376 30.00 -38.55 -13.26
CA ILE E 376 29.02 -39.03 -14.22
C ILE E 376 27.65 -39.20 -13.59
N VAL E 377 27.61 -39.80 -12.40
CA VAL E 377 26.33 -40.10 -11.75
C VAL E 377 25.59 -38.81 -11.40
N PHE E 378 26.31 -37.85 -10.82
CA PHE E 378 25.64 -36.62 -10.37
C PHE E 378 25.03 -35.82 -11.51
N PRO E 379 25.72 -35.54 -12.62
CA PRO E 379 25.02 -34.92 -13.76
C PRO E 379 23.93 -35.78 -14.35
N PHE E 380 24.09 -37.10 -14.35
CA PHE E 380 23.08 -37.97 -14.93
C PHE E 380 21.83 -38.03 -14.05
N THR E 381 22.01 -38.14 -12.74
CA THR E 381 20.86 -38.23 -11.85
C THR E 381 20.06 -36.94 -11.85
N PHE E 382 20.74 -35.79 -11.87
CA PHE E 382 20.03 -34.52 -11.86
C PHE E 382 19.21 -34.32 -13.11
N SER E 383 19.76 -34.68 -14.28
CA SER E 383 18.99 -34.54 -15.51
C SER E 383 17.83 -35.53 -15.54
N LEU E 384 18.00 -36.72 -14.96
CA LEU E 384 16.88 -37.64 -14.82
C LEU E 384 15.82 -37.07 -13.89
N PHE E 385 16.22 -36.38 -12.83
CA PHE E 385 15.25 -35.72 -11.96
C PHE E 385 14.52 -34.61 -12.69
N ASN E 386 15.23 -33.86 -13.54
CA ASN E 386 14.59 -32.82 -14.32
C ASN E 386 13.60 -33.40 -15.32
N LEU E 387 13.91 -34.57 -15.87
CA LEU E 387 12.99 -35.21 -16.80
C LEU E 387 11.69 -35.62 -16.12
N VAL E 388 11.79 -36.22 -14.93
CA VAL E 388 10.59 -36.66 -14.22
C VAL E 388 9.80 -35.47 -13.71
N TYR E 389 10.48 -34.44 -13.20
CA TYR E 389 9.77 -33.28 -12.68
C TYR E 389 9.01 -32.54 -13.78
N TRP E 390 9.71 -32.22 -14.88
CA TRP E 390 9.09 -31.39 -15.91
C TRP E 390 8.07 -32.14 -16.75
N LEU E 391 7.99 -33.47 -16.64
CA LEU E 391 6.97 -34.22 -17.34
C LEU E 391 5.75 -34.51 -16.47
N TYR E 392 5.92 -34.55 -15.15
CA TYR E 392 4.77 -34.70 -14.26
C TYR E 392 3.98 -33.41 -14.12
N TYR E 393 4.64 -32.26 -14.15
CA TYR E 393 3.98 -30.99 -13.94
C TYR E 393 3.57 -30.28 -15.23
N VAL E 394 3.92 -30.83 -16.39
CA VAL E 394 3.51 -30.22 -17.65
C VAL E 394 2.82 -31.26 -18.52
N GLN F 1 9.55 -14.99 -36.53
CA GLN F 1 9.75 -13.59 -36.86
C GLN F 1 8.42 -12.85 -36.84
N VAL F 2 8.46 -11.54 -36.61
CA VAL F 2 7.27 -10.70 -36.58
C VAL F 2 7.05 -10.12 -37.97
N GLN F 3 5.93 -10.48 -38.59
CA GLN F 3 5.60 -10.00 -39.92
C GLN F 3 4.16 -9.52 -39.96
N LEU F 4 3.92 -8.44 -40.68
CA LEU F 4 2.58 -7.95 -40.97
C LEU F 4 2.28 -8.24 -42.43
N GLN F 5 1.29 -9.09 -42.68
CA GLN F 5 0.92 -9.47 -44.04
C GLN F 5 -0.44 -8.88 -44.37
N GLU F 6 -0.52 -8.20 -45.52
CA GLU F 6 -1.70 -7.46 -45.92
C GLU F 6 -2.35 -8.14 -47.12
N SER F 7 -3.64 -8.43 -46.99
CA SER F 7 -4.44 -9.02 -48.04
C SER F 7 -5.48 -8.01 -48.50
N GLY F 8 -6.37 -8.44 -49.39
CA GLY F 8 -7.39 -7.56 -49.91
C GLY F 8 -6.83 -6.61 -50.95
N GLY F 9 -7.57 -5.54 -51.20
CA GLY F 9 -7.15 -4.57 -52.18
C GLY F 9 -7.48 -5.02 -53.59
N GLY F 10 -6.99 -4.23 -54.55
CA GLY F 10 -7.24 -4.52 -55.94
C GLY F 10 -7.71 -3.32 -56.72
N LEU F 11 -8.56 -3.55 -57.72
CA LEU F 11 -9.03 -2.50 -58.62
C LEU F 11 -10.52 -2.26 -58.41
N VAL F 12 -10.90 -0.98 -58.34
CA VAL F 12 -12.29 -0.58 -58.22
C VAL F 12 -12.55 0.56 -59.20
N GLN F 13 -13.83 0.83 -59.45
CA GLN F 13 -14.25 1.77 -60.49
C GLN F 13 -15.12 2.86 -59.89
N ALA F 14 -14.51 4.01 -59.60
CA ALA F 14 -15.22 5.24 -59.24
C ALA F 14 -16.16 5.02 -58.06
N GLY F 15 -15.54 4.70 -56.93
CA GLY F 15 -16.28 4.40 -55.71
C GLY F 15 -16.59 2.92 -55.59
N GLY F 16 -17.07 2.55 -54.40
CA GLY F 16 -17.36 1.17 -54.11
C GLY F 16 -16.49 0.64 -53.00
N SER F 17 -17.04 -0.25 -52.18
CA SER F 17 -16.32 -0.77 -51.03
C SER F 17 -15.15 -1.64 -51.47
N LEU F 18 -14.01 -1.46 -50.80
CA LEU F 18 -12.82 -2.29 -51.01
C LEU F 18 -12.15 -2.47 -49.65
N ARG F 19 -12.50 -3.55 -48.95
CA ARG F 19 -11.99 -3.78 -47.61
C ARG F 19 -10.57 -4.33 -47.67
N VAL F 20 -9.68 -3.72 -46.90
CA VAL F 20 -8.27 -4.10 -46.85
C VAL F 20 -7.97 -4.64 -45.46
N SER F 21 -7.34 -5.82 -45.41
CA SER F 21 -7.10 -6.51 -44.16
C SER F 21 -5.61 -6.75 -43.96
N CYS F 22 -5.20 -6.85 -42.70
CA CYS F 22 -3.81 -7.07 -42.34
C CYS F 22 -3.74 -8.13 -41.26
N ALA F 23 -2.86 -9.12 -41.45
CA ALA F 23 -2.71 -10.23 -40.52
C ALA F 23 -1.32 -10.18 -39.90
N ALA F 24 -1.27 -10.17 -38.58
CA ALA F 24 -0.01 -10.06 -37.85
C ALA F 24 0.31 -11.40 -37.19
N SER F 25 1.58 -11.79 -37.27
CA SER F 25 2.04 -13.05 -36.72
C SER F 25 3.40 -12.85 -36.05
N GLY F 26 3.70 -13.72 -35.09
CA GLY F 26 4.97 -13.70 -34.41
C GLY F 26 4.99 -12.92 -33.11
N ARG F 27 4.02 -12.04 -32.90
CA ARG F 27 3.94 -11.25 -31.67
C ARG F 27 2.49 -10.86 -31.45
N THR F 28 2.05 -10.89 -30.19
CA THR F 28 0.71 -10.45 -29.85
C THR F 28 0.70 -8.93 -29.73
N PHE F 29 -0.13 -8.29 -30.54
CA PHE F 29 -0.18 -6.83 -30.62
C PHE F 29 -1.37 -6.24 -29.88
N THR F 30 -1.84 -6.92 -28.83
CA THR F 30 -3.02 -6.44 -28.12
C THR F 30 -2.78 -5.07 -27.50
N THR F 31 -1.57 -4.85 -26.98
CA THR F 31 -1.23 -3.62 -26.27
C THR F 31 -0.58 -2.58 -27.17
N TYR F 32 -0.56 -2.80 -28.48
CA TYR F 32 0.06 -1.88 -29.41
C TYR F 32 -1.01 -1.08 -30.15
N ILE F 33 -0.55 -0.15 -30.99
CA ILE F 33 -1.42 0.64 -31.84
C ILE F 33 -1.21 0.17 -33.28
N MET F 34 -2.26 -0.35 -33.90
CA MET F 34 -2.20 -0.81 -35.28
C MET F 34 -2.85 0.24 -36.17
N ALA F 35 -2.13 0.68 -37.20
CA ALA F 35 -2.54 1.81 -38.01
C ALA F 35 -2.54 1.43 -39.48
N TRP F 36 -2.97 2.38 -40.31
CA TRP F 36 -2.93 2.24 -41.76
C TRP F 36 -2.34 3.51 -42.36
N PHE F 37 -1.41 3.33 -43.29
CA PHE F 37 -0.77 4.44 -43.98
C PHE F 37 -0.92 4.27 -45.47
N ARG F 38 -0.82 5.37 -46.19
CA ARG F 38 -0.97 5.40 -47.63
C ARG F 38 0.19 6.17 -48.25
N GLN F 39 0.70 5.68 -49.37
CA GLN F 39 1.79 6.35 -50.09
C GLN F 39 1.44 6.41 -51.58
N ALA F 40 0.93 7.56 -52.02
CA ALA F 40 0.75 7.80 -53.44
C ALA F 40 2.11 7.92 -54.11
N PRO F 41 2.21 7.59 -55.40
CA PRO F 41 3.52 7.56 -56.05
C PRO F 41 4.21 8.91 -56.08
N GLY F 42 5.27 9.04 -55.28
CA GLY F 42 6.11 10.21 -55.28
C GLY F 42 5.70 11.32 -54.33
N LYS F 43 4.51 11.24 -53.71
CA LYS F 43 4.07 12.36 -52.88
C LYS F 43 4.64 12.30 -51.47
N GLU F 44 4.20 11.32 -50.68
CA GLU F 44 4.70 11.05 -49.33
C GLU F 44 3.89 9.90 -48.76
N ARG F 45 4.36 9.37 -47.63
CA ARG F 45 3.60 8.37 -46.88
C ARG F 45 2.68 9.09 -45.91
N GLU F 46 1.38 8.84 -46.01
CA GLU F 46 0.36 9.63 -45.34
C GLU F 46 -0.42 8.77 -44.35
N PHE F 47 -0.70 9.35 -43.18
CA PHE F 47 -1.47 8.67 -42.16
C PHE F 47 -2.95 8.64 -42.52
N LEU F 48 -3.59 7.49 -42.31
CA LEU F 48 -5.00 7.32 -42.60
C LEU F 48 -5.83 7.07 -41.34
N ALA F 49 -5.51 6.03 -40.58
CA ALA F 49 -6.34 5.67 -39.44
C ALA F 49 -5.54 4.77 -38.51
N ALA F 50 -5.82 4.88 -37.22
CA ALA F 50 -5.17 4.08 -36.20
C ALA F 50 -6.18 3.74 -35.11
N MET F 51 -5.93 2.64 -34.40
CA MET F 51 -6.77 2.22 -33.30
C MET F 51 -5.90 1.58 -32.23
N ASP F 52 -6.09 2.00 -30.98
CA ASP F 52 -5.28 1.50 -29.88
C ASP F 52 -6.04 0.45 -29.09
N GLN F 53 -5.47 0.04 -27.96
CA GLN F 53 -6.02 -1.07 -27.19
C GLN F 53 -7.40 -0.74 -26.63
N GLY F 54 -7.69 0.54 -26.39
CA GLY F 54 -8.94 0.93 -25.79
C GLY F 54 -10.05 1.17 -26.79
N ARG F 55 -9.87 0.69 -28.02
CA ARG F 55 -10.83 0.82 -29.11
C ARG F 55 -11.05 2.26 -29.56
N ILE F 56 -10.13 3.16 -29.24
CA ILE F 56 -10.24 4.55 -29.69
C ILE F 56 -9.77 4.62 -31.14
N GLN F 57 -10.54 5.32 -31.97
CA GLN F 57 -10.25 5.41 -33.40
C GLN F 57 -9.77 6.82 -33.73
N TYR F 58 -8.65 6.90 -34.45
CA TYR F 58 -8.11 8.15 -34.95
C TYR F 58 -8.10 8.12 -36.47
N TYR F 59 -8.44 9.24 -37.09
CA TYR F 59 -8.51 9.32 -38.55
C TYR F 59 -7.80 10.55 -39.04
N GLY F 60 -7.36 10.49 -40.30
CA GLY F 60 -6.87 11.68 -40.97
C GLY F 60 -8.01 12.49 -41.56
N ASP F 61 -7.78 13.80 -41.66
CA ASP F 61 -8.85 14.71 -42.06
C ASP F 61 -9.36 14.42 -43.46
N SER F 62 -8.45 14.10 -44.38
CA SER F 62 -8.86 13.86 -45.77
C SER F 62 -9.72 12.62 -45.92
N VAL F 63 -9.66 11.68 -44.97
CA VAL F 63 -10.40 10.42 -45.07
C VAL F 63 -11.42 10.26 -43.96
N ARG F 64 -11.52 11.21 -43.04
CA ARG F 64 -12.50 11.08 -41.96
C ARG F 64 -13.90 11.08 -42.54
N GLY F 65 -14.73 10.14 -42.08
CA GLY F 65 -16.08 10.00 -42.57
C GLY F 65 -16.25 9.06 -43.74
N ARG F 66 -15.16 8.56 -44.32
CA ARG F 66 -15.22 7.63 -45.44
C ARG F 66 -14.61 6.28 -45.09
N PHE F 67 -13.39 6.25 -44.58
CA PHE F 67 -12.73 5.01 -44.23
C PHE F 67 -13.05 4.67 -42.78
N THR F 68 -13.31 3.39 -42.52
CA THR F 68 -13.58 2.90 -41.18
C THR F 68 -12.54 1.83 -40.83
N ILE F 69 -11.86 2.01 -39.70
CA ILE F 69 -10.86 1.06 -39.24
C ILE F 69 -11.46 0.22 -38.12
N SER F 70 -11.15 -1.07 -38.13
CA SER F 70 -11.56 -1.97 -37.06
C SER F 70 -10.39 -2.89 -36.74
N ARG F 71 -10.42 -3.47 -35.55
CA ARG F 71 -9.42 -4.44 -35.13
C ARG F 71 -10.11 -5.66 -34.56
N ASP F 72 -9.49 -6.82 -34.80
CA ASP F 72 -9.94 -8.10 -34.27
C ASP F 72 -8.85 -8.57 -33.32
N TYR F 73 -9.05 -8.35 -32.03
CA TYR F 73 -7.97 -8.57 -31.07
C TYR F 73 -7.68 -10.04 -30.88
N ALA F 74 -8.69 -10.91 -31.03
CA ALA F 74 -8.45 -12.34 -30.89
C ALA F 74 -7.59 -12.88 -32.03
N LYS F 75 -7.77 -12.34 -33.23
CA LYS F 75 -7.01 -12.77 -34.40
C LYS F 75 -5.78 -11.92 -34.67
N ASN F 76 -5.51 -10.92 -33.83
CA ASN F 76 -4.34 -10.06 -33.97
C ASN F 76 -4.30 -9.37 -35.33
N SER F 77 -5.46 -8.92 -35.80
CA SER F 77 -5.59 -8.33 -37.12
C SER F 77 -6.26 -6.96 -37.03
N VAL F 78 -5.97 -6.13 -38.03
CA VAL F 78 -6.63 -4.84 -38.20
C VAL F 78 -7.11 -4.74 -39.64
N ASP F 79 -8.35 -4.31 -39.81
CA ASP F 79 -8.98 -4.21 -41.13
C ASP F 79 -9.46 -2.80 -41.38
N LEU F 80 -9.23 -2.30 -42.59
CA LEU F 80 -9.65 -0.97 -42.99
C LEU F 80 -10.69 -1.09 -44.09
N GLN F 81 -11.80 -0.39 -43.93
CA GLN F 81 -12.91 -0.43 -44.88
C GLN F 81 -12.92 0.85 -45.70
N LEU F 82 -12.70 0.72 -47.01
CA LEU F 82 -12.62 1.85 -47.91
C LEU F 82 -13.95 1.99 -48.64
N ASP F 83 -14.55 3.17 -48.56
CA ASP F 83 -15.85 3.42 -49.18
C ASP F 83 -15.80 4.73 -49.95
N GLY F 84 -16.52 4.77 -51.07
CA GLY F 84 -16.57 5.96 -51.89
C GLY F 84 -15.22 6.36 -52.44
N LEU F 85 -14.49 5.38 -52.98
CA LEU F 85 -13.13 5.62 -53.42
C LEU F 85 -13.10 6.55 -54.63
N ARG F 86 -11.99 7.27 -54.76
CA ARG F 86 -11.79 8.25 -55.81
C ARG F 86 -10.45 8.01 -56.48
N PRO F 87 -10.27 8.51 -57.70
CA PRO F 87 -8.97 8.36 -58.36
C PRO F 87 -7.81 8.94 -57.57
N GLU F 88 -8.08 9.91 -56.69
CA GLU F 88 -7.03 10.43 -55.82
C GLU F 88 -6.58 9.41 -54.78
N ASP F 89 -7.39 8.39 -54.51
CA ASP F 89 -7.11 7.40 -53.49
C ASP F 89 -6.29 6.22 -54.03
N THR F 90 -5.85 6.28 -55.28
CA THR F 90 -5.04 5.21 -55.87
C THR F 90 -3.63 5.31 -55.34
N ALA F 91 -3.21 4.32 -54.56
CA ALA F 91 -1.89 4.34 -53.93
C ALA F 91 -1.60 2.96 -53.36
N VAL F 92 -0.49 2.85 -52.65
CA VAL F 92 -0.12 1.64 -51.92
C VAL F 92 -0.43 1.85 -50.45
N TYR F 93 -1.15 0.91 -49.85
CA TYR F 93 -1.62 1.02 -48.48
C TYR F 93 -0.79 0.12 -47.58
N TYR F 94 -0.30 0.66 -46.47
CA TYR F 94 0.62 -0.04 -45.59
C TYR F 94 0.00 -0.28 -44.23
N CYS F 95 0.38 -1.41 -43.63
CA CYS F 95 -0.08 -1.83 -42.31
C CYS F 95 1.06 -1.64 -41.33
N ALA F 96 0.78 -1.06 -40.17
CA ALA F 96 1.83 -0.76 -39.20
C ALA F 96 1.35 -1.06 -37.79
N ALA F 97 2.30 -1.15 -36.87
CA ALA F 97 2.02 -1.34 -35.46
C ALA F 97 3.15 -0.72 -34.65
N GLY F 98 2.78 -0.09 -33.54
CA GLY F 98 3.79 0.56 -32.72
C GLY F 98 3.21 1.02 -31.41
N ALA F 99 4.03 1.74 -30.65
CA ALA F 99 3.65 2.24 -29.33
C ALA F 99 3.26 3.71 -29.34
N GLY F 100 3.33 4.37 -30.48
CA GLY F 100 2.92 5.76 -30.58
C GLY F 100 3.75 6.75 -29.81
N PHE F 101 5.07 6.58 -29.79
CA PHE F 101 5.97 7.49 -29.09
C PHE F 101 6.27 8.69 -29.98
N TRP F 102 6.08 9.89 -29.43
CA TRP F 102 6.12 11.15 -30.15
C TRP F 102 4.98 11.28 -31.17
N GLY F 103 3.92 10.51 -31.02
CA GLY F 103 2.77 10.75 -31.88
C GLY F 103 2.35 9.52 -32.66
N LEU F 104 1.06 9.20 -32.58
CA LEU F 104 0.51 8.07 -33.32
C LEU F 104 0.33 8.36 -34.79
N ARG F 105 0.45 9.62 -35.20
CA ARG F 105 0.29 10.00 -36.60
C ARG F 105 1.61 10.17 -37.32
N THR F 106 2.72 9.79 -36.70
CA THR F 106 4.05 9.91 -37.28
C THR F 106 4.57 8.52 -37.63
N ALA F 107 5.05 8.36 -38.87
CA ALA F 107 5.50 7.04 -39.33
C ALA F 107 6.76 6.57 -38.62
N SER F 108 7.47 7.45 -37.92
CA SER F 108 8.67 7.06 -37.20
C SER F 108 8.37 6.40 -35.86
N SER F 109 7.12 6.40 -35.41
CA SER F 109 6.75 5.82 -34.13
C SER F 109 6.29 4.38 -34.23
N TYR F 110 6.20 3.84 -35.43
CA TYR F 110 5.79 2.45 -35.65
C TYR F 110 7.03 1.63 -36.01
N HIS F 111 7.33 0.63 -35.19
CA HIS F 111 8.50 -0.20 -35.37
C HIS F 111 8.27 -1.37 -36.30
N TYR F 112 7.03 -1.69 -36.63
CA TYR F 112 6.70 -2.82 -37.50
C TYR F 112 5.91 -2.31 -38.69
N TRP F 113 6.30 -2.75 -39.89
CA TRP F 113 5.67 -2.31 -41.12
C TRP F 113 5.37 -3.50 -42.01
N GLY F 114 4.28 -3.39 -42.76
CA GLY F 114 3.96 -4.36 -43.79
C GLY F 114 4.65 -4.04 -45.10
N GLN F 115 4.28 -4.79 -46.13
CA GLN F 115 4.87 -4.60 -47.45
C GLN F 115 4.01 -3.79 -48.40
N GLY F 116 2.74 -3.57 -48.06
CA GLY F 116 1.89 -2.73 -48.88
C GLY F 116 0.96 -3.53 -49.76
N THR F 117 -0.19 -2.95 -50.06
CA THR F 117 -1.17 -3.51 -50.98
C THR F 117 -1.54 -2.44 -52.00
N GLN F 118 -1.64 -2.85 -53.25
CA GLN F 118 -1.98 -1.93 -54.33
C GLN F 118 -3.48 -1.76 -54.43
N VAL F 119 -3.94 -0.52 -54.41
CA VAL F 119 -5.35 -0.18 -54.57
C VAL F 119 -5.43 0.83 -55.72
N THR F 120 -6.06 0.43 -56.82
CA THR F 120 -6.18 1.27 -58.00
C THR F 120 -7.64 1.59 -58.24
N VAL F 121 -7.96 2.87 -58.33
CA VAL F 121 -9.33 3.34 -58.55
C VAL F 121 -9.40 3.88 -59.96
N SER F 122 -10.18 3.22 -60.81
CA SER F 122 -10.27 3.56 -62.23
C SER F 122 -11.52 4.40 -62.46
N SER F 123 -11.32 5.61 -62.97
CA SER F 123 -12.43 6.48 -63.33
C SER F 123 -11.97 7.58 -64.28
#